data_7NJ5
#
_entry.id   7NJ5
#
_cell.length_a   1.00
_cell.length_b   1.00
_cell.length_c   1.00
_cell.angle_alpha   90.00
_cell.angle_beta   90.00
_cell.angle_gamma   90.00
#
_symmetry.space_group_name_H-M   'P 1'
#
loop_
_entity.id
_entity.type
_entity.pdbx_description
1 polymer 'Polymerase acidic protein'
2 polymer 'RNA-directed RNA polymerase catalytic subunit'
3 polymer 'Polymerase basic protein 2,Immunoglobulin G-binding protein A'
4 polymer "RNA (5'-R(P*GP*GP*CP*CP*UP*GP*CP*U)-3')"
5 polymer "RNA (5'-R(P*AP*GP*UP*AP*GP*AP*AP*AP*CP*AP*AP*GP*GP*CP*C)-3')"
6 polymer 'Nb8199 Core'
#
loop_
_entity_poly.entity_id
_entity_poly.type
_entity_poly.pdbx_seq_one_letter_code
_entity_poly.pdbx_strand_id
1 'polypeptide(L)'
;MEDFVRQCFNPMIVELAEKAMKEYGEDLKIETNKFAAICTHLEVCFMYSDFHFINERGESIIVESGDPNALLKHRFEIIE
GRDRTMAWTVVNSICNTTGAEKPKFLPDLYDYKENRFIEIGVTRREVHIYYLEKANKIKSEKTHIHIFSFTGEEMATKAD
YTLDEESRARIKTRLFTIRQEMASRGLWDSFRQSERGEETIEERFEITGTMRRLADQSLPPNFSSLENFRAYVDGFEPNG
YIEGKLSQMSKEVNARIEPFLKTTPRPLRLPDGPPCSQRSKFLLMDALKLSIEDPSHEGEGIPLYDAIKCMRTFFGWKEP
NVVKPHEKGINPNYLLAWKQVLAELQDIENEEKIPKTKNMKKTSQLKWALGENMAPEKVDFDDCKDVSDLKQYDSDEPEL
RSLASWIQSEFNKACELTDSSWIELDEIGEDVAPIEHIASMRRNYFTAEVSHCRATEYIMKGVYINTALLNASCAAMDDF
QLIPMISKCRTKEGRRKTNLYGFIIKGRSHLRNDTDVVNFVSMEFSLTDPRLEPHKWEKYCVLEIGDMLLRSAIGQVSRP
MFLYVRTNGTSKIKMKWGMEMRRCLLQSLQQIESMIEAESSVKEKDMTKEFFENKSETWPIGESPKGVEEGSIGKVCRTL
LAKSVFNSLYASPQLEGFSAESRKLLLIVQALRDNLEPGTFDLGGLYEAIEECLINDPWVLLNASWFNSFLTHALR
;
A
2 'polypeptide(L)'
;MDVNPTLLFLKVPAQNAISTTFPYTGDPPYSHGTGTGYTMDTVNRTHQYSEKGRWTTNTETGAPQLNPIDGPLPEDNEPS
GYAQTDCVLEAMAFLEESHPGIFENSCLETMEVVQQTRVDKLTQGRQTYDWTLNRNQPAATALANTIEVFRSNGLTANES
GRLIDFLKDVMESMDKEEMEITTHFQRKRRVRDNMTKKMVTQRTIGKKKQRLNKRSYLIRALTLNTMTKDAERGKLKRRA
IATPGMQIRGFVYFVETLARSICEKLEQSGLPVGGNEKKAKLANVVRKMMTNSQDTELSFTITGDNTKWNENQNPRMFLA
MITYITRNQPEWFRNVLSIAPIMFSNKMARLGKGYMFESKSMKLRTQIPAEMLASIDLKYFNDSTRKKIEKIRPLLIDGT
ASLSPGMMMGMFNMLSTVLGVSILNLGQKRYTKTTYWWDGLQSSDDFALIVNAPNHEGIQAGVDRFYRTCKLLGINMSKK
KSYINRTGTFEFTSFFYRYGFVANFSMELPSFGVSGINESADMSIGVTVIKNNMINNDLGPATAQMALQLFIKDYRYTYR
CHRGDTQIQTRRSFEIKKLWEQTRSKAGLLVSDGGPNLYNIRNLHIPEVCLKWELMDEDYQGRLCNPLNPFVSHKEIESV
NNAVMMPAHGPAKNMEYDAVATTHSWIPKRNRSILNTSQRGILEDEQMYQKCCNLFEKFFPSSSYRRPVGISSMVEAMVS
RARIDARIDFESGRIKKEEFAEIMKICSTIEELRRQK
;
B
3 'polypeptide(L)'
;MERIKELRDLMSQSRTREILTKTTVDHMAIIKKYTSGRQEKNPALRMKWMMAMKYPITADKRIMEMIPERNEQGQTLWSK
TNDAGSDRVMVSPLAVTWWNRNGPTTSAVHYPKIYKTYFEKVERLKHGTFGPVHFRNQVKIRRRVDINPGHADLSAKEAQ
DVIMEVVFPNEVGARILTSESQLTITKEKKEELQDCKISPLMVAYMLERELVRKTRFLPVAGGTSSVYIEVLHLTQGTCW
EQMYTPGGEVRNDDVDQSLIIAARNIVRRATVSADPLASLLEMCHSTQIGGIRMVDILRQNPTEEQAVDICKAAMGLRIS
SSFSFGGFTFKRTSGSSVKREEEVLTGNLQTLKIRVHEGYEEFTMVGRRATAILRKATRRLIQLIVSGRDEQSIAEAIIV
AMVFSQEDCMIKAVRGDLNFVNRANQRLNPMHQLLRHFQKDAKVLFQNWGIEPIDNVMGMIGILPDMTPSTEMSMRGVRV
SKMGVDEYSSTERVVVSIDRFLRVRDQRGNVLLSPEEVSETQGTEKLTITYSSSMMWEVNGPESVLVNTYQWIIRNWETV
KIQWSQNPTMLYNKMEFEPFQSLVPKAARGQYSGFVRTLFQQMRDVLGTFDTVQIIKLLPFAAAPPKQSRMQFSSLTVNV
RGSGMRILVRGNSPVFNYNKATKRLTVLGKDAGALTEDPDEGTAGVESAVLRGFLILGKEDRRYGPALSINELSNLAKGE
KANVLIGQGDVVLVMKRKRDSSILTDSQTATKRIRMAINENLYFQGELKTAALAQHDEAVDNKFNKEQQNAFYEILHLPN
LNEEQRNAFIQSLKDDPSQSANLLAEAKKLNDAQAPKVDNKFNKEQQNAFYEILHLPNLNEEQRNAFIQSLKADPSQSAN
LLAEAKKLNGAQAPKVDANSAGKST
;
C
4 'polyribonucleotide' GGCCUGCUUUUGCUAUU E
5 'polyribonucleotide' AGUAGAAACAAGGCC D
6 'polypeptide(L)'
;QVQLQESGGGLVQAGGSLRLSCAASGRTFSSYAMGWFRQAPGKEREFVGAIDLSGLYKHYGDSVKGRFTISRDNAKNTVY
LQMSSLKPEDTAVYYCAAAGIYYAGSYSPLLYDYWGQGTQVTVSSHHHHHHEPEA
;
F
#
loop_
_chem_comp.id
_chem_comp.type
_chem_comp.name
_chem_comp.formula
A RNA linking ADENOSINE-5'-MONOPHOSPHATE 'C10 H14 N5 O7 P'
C RNA linking CYTIDINE-5'-MONOPHOSPHATE 'C9 H14 N3 O8 P'
G RNA linking GUANOSINE-5'-MONOPHOSPHATE 'C10 H14 N5 O8 P'
U RNA linking URIDINE-5'-MONOPHOSPHATE 'C9 H13 N2 O9 P'
#
# COMPACT_ATOMS: atom_id res chain seq x y z
N MET A 1 20.72 44.14 25.49
CA MET A 1 21.41 44.41 24.20
C MET A 1 20.40 44.39 23.05
N GLU A 2 19.39 43.53 23.17
CA GLU A 2 18.35 43.42 22.15
C GLU A 2 17.61 44.74 21.93
N ASP A 3 17.63 45.65 22.90
CA ASP A 3 16.99 46.94 22.70
C ASP A 3 17.59 47.67 21.50
N PHE A 4 18.88 47.45 21.23
CA PHE A 4 19.51 48.08 20.08
C PHE A 4 18.87 47.63 18.77
N VAL A 5 18.60 46.33 18.62
CA VAL A 5 17.96 45.85 17.41
C VAL A 5 16.47 46.15 17.40
N ARG A 6 15.86 46.37 18.57
CA ARG A 6 14.54 46.97 18.60
C ARG A 6 14.55 48.37 17.98
N GLN A 7 15.56 49.16 18.35
CA GLN A 7 15.56 50.58 18.00
C GLN A 7 15.97 50.81 16.54
N CYS A 8 17.20 50.43 16.19
CA CYS A 8 17.80 50.98 14.98
C CYS A 8 17.29 50.29 13.71
N PHE A 9 17.53 48.99 13.58
CA PHE A 9 17.39 48.32 12.30
C PHE A 9 15.93 48.20 11.89
N ASN A 10 15.72 48.17 10.57
CA ASN A 10 14.39 48.11 9.99
C ASN A 10 13.75 46.75 10.26
N PRO A 11 12.42 46.65 10.13
CA PRO A 11 11.76 45.35 10.35
C PRO A 11 12.32 44.26 9.44
N MET A 12 12.31 44.49 8.13
CA MET A 12 12.74 43.48 7.18
C MET A 12 13.97 42.72 7.67
N ILE A 13 15.02 43.43 8.07
CA ILE A 13 16.24 42.76 8.49
C ILE A 13 16.04 42.01 9.80
N VAL A 14 15.25 42.56 10.73
CA VAL A 14 15.15 41.90 12.04
C VAL A 14 14.40 40.59 11.90
N GLU A 15 13.33 40.54 11.10
CA GLU A 15 12.69 39.24 10.92
C GLU A 15 13.49 38.31 10.03
N LEU A 16 14.27 38.83 9.07
CA LEU A 16 15.17 37.94 8.35
C LEU A 16 16.17 37.29 9.30
N ALA A 17 16.74 38.08 10.21
CA ALA A 17 17.67 37.55 11.19
C ALA A 17 16.99 36.62 12.18
N GLU A 18 15.71 36.88 12.51
CA GLU A 18 14.99 35.98 13.40
C GLU A 18 14.74 34.62 12.75
N LYS A 19 14.41 34.60 11.46
CA LYS A 19 14.28 33.32 10.78
C LYS A 19 15.62 32.62 10.62
N ALA A 20 16.70 33.36 10.37
CA ALA A 20 18.02 32.76 10.39
C ALA A 20 18.36 32.21 11.78
N MET A 21 17.83 32.86 12.81
CA MET A 21 18.01 32.38 14.18
C MET A 21 17.31 31.04 14.37
N LYS A 22 16.05 30.96 13.92
CA LYS A 22 15.32 29.70 13.96
C LYS A 22 15.96 28.62 13.10
N GLU A 23 16.70 29.00 12.06
CA GLU A 23 17.29 28.04 11.13
C GLU A 23 18.05 26.93 11.84
N TYR A 24 19.07 27.29 12.61
CA TYR A 24 19.94 26.31 13.25
C TYR A 24 19.47 25.92 14.65
N GLY A 25 18.33 26.43 15.10
CA GLY A 25 17.66 25.86 16.26
C GLY A 25 18.14 26.29 17.62
N GLU A 26 18.92 27.36 17.72
CA GLU A 26 19.34 27.86 19.03
C GLU A 26 18.47 29.04 19.42
N ASP A 27 18.34 29.25 20.73
CA ASP A 27 17.42 30.23 21.28
C ASP A 27 18.10 31.59 21.45
N LEU A 28 17.33 32.65 21.21
CA LEU A 28 17.87 34.00 21.19
C LEU A 28 18.06 34.58 22.59
N LYS A 29 17.40 34.04 23.61
CA LYS A 29 17.48 34.63 24.93
C LYS A 29 18.82 34.35 25.61
N ILE A 30 19.49 33.26 25.23
CA ILE A 30 20.74 32.90 25.89
C ILE A 30 21.93 33.72 25.37
N GLU A 31 22.01 33.93 24.07
CA GLU A 31 23.13 34.68 23.49
C GLU A 31 22.60 35.49 22.31
N THR A 32 22.55 36.81 22.48
CA THR A 32 21.99 37.71 21.48
C THR A 32 23.04 38.45 20.66
N ASN A 33 24.28 38.54 21.15
CA ASN A 33 25.31 39.25 20.40
C ASN A 33 25.51 38.66 19.01
N LYS A 34 25.32 37.34 18.88
CA LYS A 34 25.38 36.74 17.55
C LYS A 34 24.29 37.31 16.66
N PHE A 35 23.10 37.51 17.21
CA PHE A 35 22.00 38.08 16.44
C PHE A 35 22.39 39.45 15.89
N ALA A 36 22.92 40.31 16.75
CA ALA A 36 23.32 41.64 16.32
C ALA A 36 24.44 41.58 15.29
N ALA A 37 25.45 40.75 15.53
CA ALA A 37 26.60 40.69 14.62
C ALA A 37 26.17 40.22 13.23
N ILE A 38 25.40 39.13 13.16
CA ILE A 38 24.99 38.63 11.86
C ILE A 38 23.93 39.51 11.21
N CYS A 39 23.12 40.23 11.99
CA CYS A 39 22.19 41.15 11.36
C CYS A 39 22.92 42.36 10.78
N THR A 40 24.00 42.80 11.43
CA THR A 40 24.85 43.83 10.82
C THR A 40 25.54 43.31 9.57
N HIS A 41 26.00 42.06 9.59
CA HIS A 41 26.52 41.44 8.38
C HIS A 41 25.49 41.47 7.26
N LEU A 42 24.26 41.08 7.58
CA LEU A 42 23.19 41.08 6.59
C LEU A 42 22.87 42.49 6.11
N GLU A 43 22.93 43.47 7.01
CA GLU A 43 22.68 44.86 6.64
C GLU A 43 23.74 45.37 5.68
N VAL A 44 25.01 45.07 5.95
CA VAL A 44 26.05 45.50 5.03
C VAL A 44 25.87 44.79 3.70
N CYS A 45 25.44 43.53 3.73
CA CYS A 45 25.15 42.82 2.49
C CYS A 45 24.11 43.57 1.66
N PHE A 46 22.97 43.92 2.27
CA PHE A 46 21.97 44.71 1.55
C PHE A 46 22.57 46.00 1.04
N MET A 47 23.05 46.83 1.96
CA MET A 47 23.44 48.20 1.62
C MET A 47 24.55 48.20 0.57
N TYR A 48 25.32 47.11 0.49
CA TYR A 48 26.35 46.93 -0.52
C TYR A 48 25.77 46.47 -1.85
N SER A 49 24.69 45.69 -1.79
CA SER A 49 24.08 45.16 -3.01
C SER A 49 23.10 46.15 -3.62
N ASP A 50 22.18 46.70 -2.82
CA ASP A 50 21.17 47.60 -3.35
C ASP A 50 21.82 48.90 -3.84
N PHE A 51 21.00 49.73 -4.48
CA PHE A 51 21.45 51.02 -5.00
C PHE A 51 22.50 50.83 -6.09
N HIS A 52 22.67 49.60 -6.57
CA HIS A 52 23.69 49.27 -7.56
C HIS A 52 23.04 48.47 -8.68
N PHE A 53 22.91 49.09 -9.85
CA PHE A 53 22.23 48.48 -10.99
C PHE A 53 23.19 48.45 -12.17
N ILE A 54 22.84 47.63 -13.17
CA ILE A 54 23.62 47.51 -14.40
C ILE A 54 22.66 47.57 -15.59
N ASN A 55 23.17 48.07 -16.71
CA ASN A 55 22.50 48.03 -17.99
C ASN A 55 23.30 47.13 -18.93
N GLU A 56 22.89 47.08 -20.21
CA GLU A 56 23.51 46.17 -21.17
C GLU A 56 25.02 46.28 -21.20
N ARG A 57 25.59 47.40 -20.78
CA ARG A 57 27.03 47.53 -20.67
C ARG A 57 27.52 46.86 -19.38
N GLY A 58 28.78 47.11 -19.04
CA GLY A 58 29.27 46.84 -17.71
C GLY A 58 29.01 48.03 -16.83
N GLU A 59 30.05 48.60 -16.22
CA GLU A 59 30.03 49.96 -15.70
C GLU A 59 28.68 50.28 -15.04
N SER A 60 28.41 49.56 -13.95
CA SER A 60 27.12 49.59 -13.28
C SER A 60 26.54 51.00 -13.21
N ILE A 61 25.25 51.10 -13.50
CA ILE A 61 24.51 52.34 -13.30
C ILE A 61 24.06 52.41 -11.84
N ILE A 62 24.44 53.49 -11.15
CA ILE A 62 24.13 53.67 -9.74
C ILE A 62 23.07 54.76 -9.63
N VAL A 63 21.92 54.40 -9.08
CA VAL A 63 20.80 55.33 -8.89
C VAL A 63 20.33 55.22 -7.45
N GLU A 64 20.12 56.37 -6.82
CA GLU A 64 19.64 56.38 -5.44
C GLU A 64 18.25 55.79 -5.31
N SER A 65 17.46 55.79 -6.39
CA SER A 65 16.12 55.22 -6.37
C SER A 65 15.81 54.67 -7.76
N GLY A 66 15.45 53.38 -7.83
CA GLY A 66 15.14 52.75 -9.09
C GLY A 66 13.93 53.38 -9.76
N ASP A 67 14.13 53.97 -10.94
CA ASP A 67 13.04 54.59 -11.67
C ASP A 67 12.19 53.54 -12.37
N PRO A 68 10.93 53.86 -12.67
CA PRO A 68 10.08 52.89 -13.37
C PRO A 68 10.60 52.59 -14.76
N ASN A 69 11.02 51.34 -14.97
CA ASN A 69 11.58 50.93 -16.24
C ASN A 69 11.90 49.44 -16.23
N ALA A 70 12.26 48.90 -17.40
CA ALA A 70 12.82 47.55 -17.45
C ALA A 70 14.26 47.51 -16.97
N LEU A 71 14.87 48.67 -16.73
CA LEU A 71 16.27 48.77 -16.34
C LEU A 71 16.40 48.81 -14.81
N LEU A 72 16.00 47.70 -14.19
CA LEU A 72 16.10 47.53 -12.75
C LEU A 72 17.04 46.40 -12.35
N LYS A 73 17.92 45.97 -13.25
CA LYS A 73 18.90 44.95 -12.94
C LYS A 73 19.74 45.37 -11.74
N HIS A 74 20.04 44.40 -10.87
CA HIS A 74 20.84 44.64 -9.68
C HIS A 74 22.28 44.22 -9.94
N ARG A 75 23.22 45.10 -9.57
CA ARG A 75 24.64 44.80 -9.79
C ARG A 75 25.06 43.54 -9.03
N PHE A 76 24.79 43.51 -7.73
CA PHE A 76 25.13 42.38 -6.89
C PHE A 76 23.84 41.72 -6.42
N GLU A 77 23.75 40.40 -6.61
CA GLU A 77 22.56 39.65 -6.23
C GLU A 77 22.88 38.79 -5.02
N ILE A 78 22.02 38.84 -4.01
CA ILE A 78 22.37 38.39 -2.68
C ILE A 78 22.24 36.88 -2.57
N ILE A 79 23.14 36.27 -1.79
CA ILE A 79 23.10 34.84 -1.52
C ILE A 79 22.43 34.61 -0.17
N GLU A 80 22.97 35.21 0.88
CA GLU A 80 22.45 35.04 2.23
C GLU A 80 21.10 35.75 2.34
N GLY A 81 20.48 35.69 3.51
CA GLY A 81 19.10 36.11 3.63
C GLY A 81 18.13 35.06 3.15
N ARG A 82 18.60 33.84 2.97
CA ARG A 82 17.79 32.74 2.45
C ARG A 82 18.10 31.50 3.27
N ASP A 83 17.28 30.47 3.10
CA ASP A 83 17.52 29.21 3.79
C ASP A 83 18.70 28.49 3.15
N ARG A 84 19.27 27.54 3.90
CA ARG A 84 20.42 26.79 3.40
C ARG A 84 20.07 26.07 2.10
N THR A 85 18.87 25.48 2.04
CA THR A 85 18.46 24.79 0.82
C THR A 85 18.45 25.74 -0.37
N MET A 86 17.87 26.92 -0.20
CA MET A 86 17.85 27.87 -1.31
C MET A 86 19.22 28.50 -1.55
N ALA A 87 20.02 28.72 -0.51
CA ALA A 87 21.35 29.25 -0.73
C ALA A 87 22.16 28.30 -1.61
N TRP A 88 22.06 27.01 -1.35
CA TRP A 88 22.75 26.03 -2.18
C TRP A 88 22.06 25.87 -3.53
N THR A 89 20.75 26.10 -3.61
CA THR A 89 20.08 26.15 -4.91
C THR A 89 20.67 27.24 -5.78
N VAL A 90 20.80 28.46 -5.23
CA VAL A 90 21.38 29.56 -5.99
C VAL A 90 22.83 29.27 -6.33
N VAL A 91 23.59 28.69 -5.39
CA VAL A 91 24.98 28.37 -5.68
C VAL A 91 25.06 27.44 -6.88
N ASN A 92 24.29 26.34 -6.86
CA ASN A 92 24.36 25.37 -7.95
C ASN A 92 23.87 25.97 -9.25
N SER A 93 22.80 26.76 -9.21
CA SER A 93 22.29 27.36 -10.43
C SER A 93 23.31 28.30 -11.05
N ILE A 94 23.96 29.12 -10.23
CA ILE A 94 24.98 30.04 -10.75
C ILE A 94 26.14 29.25 -11.35
N CYS A 95 26.58 28.19 -10.66
CA CYS A 95 27.68 27.39 -11.17
C CYS A 95 27.32 26.76 -12.51
N ASN A 96 26.09 26.25 -12.64
CA ASN A 96 25.69 25.58 -13.88
C ASN A 96 25.41 26.55 -15.01
N THR A 97 25.04 27.80 -14.70
CA THR A 97 24.78 28.77 -15.76
C THR A 97 26.02 29.62 -16.07
N THR A 98 26.79 29.98 -15.05
CA THR A 98 27.99 30.78 -15.24
C THR A 98 29.22 29.96 -15.60
N GLY A 99 29.15 28.64 -15.47
CA GLY A 99 30.30 27.79 -15.76
C GLY A 99 31.44 28.02 -14.80
N ALA A 100 31.15 28.59 -13.65
CA ALA A 100 32.16 28.86 -12.64
C ALA A 100 32.35 27.65 -11.73
N GLU A 101 33.22 27.80 -10.73
CA GLU A 101 33.50 26.73 -9.79
C GLU A 101 32.60 26.84 -8.57
N LYS A 102 32.21 25.69 -8.02
CA LYS A 102 31.28 25.65 -6.90
C LYS A 102 32.04 25.79 -5.58
N PRO A 103 31.80 26.83 -4.79
CA PRO A 103 32.43 26.91 -3.48
C PRO A 103 31.81 25.92 -2.50
N LYS A 104 32.58 25.59 -1.47
CA LYS A 104 32.16 24.61 -0.47
C LYS A 104 31.41 25.25 0.69
N PHE A 105 31.51 26.58 0.86
CA PHE A 105 30.83 27.30 1.92
C PHE A 105 29.89 28.34 1.30
N LEU A 106 29.19 29.07 2.15
CA LEU A 106 28.15 30.00 1.71
C LEU A 106 28.77 31.31 1.28
N PRO A 107 28.61 31.74 0.01
CA PRO A 107 28.97 33.10 -0.36
C PRO A 107 27.89 34.09 0.05
N ASP A 108 28.06 35.37 -0.30
CA ASP A 108 27.11 36.41 0.07
C ASP A 108 26.50 37.14 -1.12
N LEU A 109 27.17 37.19 -2.26
CA LEU A 109 26.71 38.00 -3.38
C LEU A 109 27.31 37.44 -4.66
N TYR A 110 26.67 37.76 -5.79
CA TYR A 110 27.23 37.45 -7.10
C TYR A 110 27.21 38.70 -7.97
N ASP A 111 28.25 38.82 -8.81
CA ASP A 111 28.43 39.94 -9.72
C ASP A 111 28.73 39.47 -11.12
N TYR A 112 28.28 40.27 -12.09
CA TYR A 112 28.39 39.92 -13.52
C TYR A 112 29.73 40.34 -14.11
N LYS A 113 30.10 41.62 -13.97
CA LYS A 113 31.33 42.14 -14.55
C LYS A 113 32.46 41.13 -14.44
N GLU A 114 32.73 40.74 -13.21
CA GLU A 114 33.76 39.78 -12.87
C GLU A 114 33.22 38.36 -12.73
N ASN A 115 31.92 38.18 -12.92
CA ASN A 115 31.29 36.86 -13.00
C ASN A 115 31.73 35.96 -11.84
N ARG A 116 31.48 36.42 -10.62
CA ARG A 116 31.93 35.63 -9.47
C ARG A 116 31.29 36.12 -8.18
N PHE A 117 31.64 35.42 -7.10
CA PHE A 117 31.01 35.55 -5.80
C PHE A 117 31.76 36.56 -4.92
N ILE A 118 31.05 37.04 -3.90
CA ILE A 118 31.60 37.92 -2.87
C ILE A 118 31.13 37.36 -1.53
N GLU A 119 32.08 37.15 -0.61
CA GLU A 119 31.77 36.68 0.74
C GLU A 119 32.10 37.82 1.70
N ILE A 120 31.10 38.65 1.99
CA ILE A 120 31.32 39.82 2.83
C ILE A 120 31.25 39.40 4.30
N GLY A 121 32.27 39.78 5.06
CA GLY A 121 32.24 39.60 6.49
C GLY A 121 32.92 40.74 7.20
N VAL A 122 32.20 41.42 8.09
CA VAL A 122 32.73 42.52 8.87
C VAL A 122 32.82 42.03 10.31
N THR A 123 34.03 41.79 10.78
CA THR A 123 34.27 41.27 12.12
C THR A 123 34.80 42.37 13.02
N ARG A 124 34.69 42.14 14.32
CA ARG A 124 35.18 43.09 15.31
C ARG A 124 36.68 43.25 15.20
N ARG A 125 37.40 42.15 15.03
CA ARG A 125 38.85 42.20 14.91
C ARG A 125 39.26 42.89 13.61
N GLU A 126 40.53 43.28 13.54
CA GLU A 126 41.02 43.97 12.36
C GLU A 126 41.03 43.04 11.15
N VAL A 127 40.99 43.64 9.96
CA VAL A 127 40.76 42.88 8.73
C VAL A 127 41.92 41.95 8.43
N HIS A 128 43.16 42.45 8.56
CA HIS A 128 44.32 41.76 8.00
C HIS A 128 44.61 40.40 8.63
N ILE A 129 43.78 39.97 9.57
CA ILE A 129 43.85 38.61 10.10
C ILE A 129 42.62 37.81 9.74
N TYR A 130 41.42 38.40 9.92
CA TYR A 130 40.18 37.72 9.57
C TYR A 130 40.14 37.35 8.09
N TYR A 131 40.71 38.19 7.23
CA TYR A 131 40.71 37.95 5.80
C TYR A 131 41.38 36.61 5.51
N LEU A 132 42.66 36.47 5.84
CA LEU A 132 43.35 35.23 5.59
C LEU A 132 42.82 34.07 6.42
N GLU A 133 42.18 34.35 7.57
CA GLU A 133 41.51 33.29 8.30
C GLU A 133 40.43 32.64 7.45
N LYS A 134 39.43 33.43 7.05
CA LYS A 134 38.39 32.88 6.20
C LYS A 134 38.95 32.39 4.87
N ALA A 135 40.07 32.93 4.42
CA ALA A 135 40.68 32.45 3.19
C ALA A 135 41.20 31.03 3.35
N ASN A 136 41.84 30.72 4.48
CA ASN A 136 42.32 29.36 4.69
C ASN A 136 41.18 28.43 5.10
N LYS A 137 40.05 28.99 5.54
CA LYS A 137 38.85 28.17 5.69
C LYS A 137 38.31 27.71 4.34
N ILE A 138 38.46 28.52 3.29
CA ILE A 138 37.93 28.22 1.97
C ILE A 138 39.08 27.74 1.10
N LYS A 139 38.89 26.61 0.43
CA LYS A 139 39.98 25.93 -0.27
C LYS A 139 40.10 26.42 -1.71
N SER A 140 41.29 26.90 -2.06
CA SER A 140 41.62 27.25 -3.44
C SER A 140 40.50 28.03 -4.09
N GLU A 141 40.22 29.22 -3.57
CA GLU A 141 39.03 29.97 -3.93
C GLU A 141 39.38 31.06 -4.95
N LYS A 142 38.59 31.12 -6.02
CA LYS A 142 38.65 32.23 -6.96
C LYS A 142 37.64 33.32 -6.67
N THR A 143 36.58 33.00 -5.93
CA THR A 143 35.69 34.04 -5.41
C THR A 143 36.50 35.06 -4.63
N HIS A 144 36.39 36.32 -5.04
CA HIS A 144 37.08 37.40 -4.36
C HIS A 144 36.43 37.64 -2.99
N ILE A 145 37.26 37.93 -2.00
CA ILE A 145 36.83 38.15 -0.63
C ILE A 145 37.13 39.60 -0.27
N HIS A 146 36.21 40.24 0.44
CA HIS A 146 36.38 41.62 0.87
C HIS A 146 35.73 41.78 2.24
N ILE A 147 36.47 42.36 3.19
CA ILE A 147 36.03 42.50 4.57
C ILE A 147 36.35 43.90 5.07
N PHE A 148 35.47 44.44 5.90
CA PHE A 148 35.72 45.66 6.67
C PHE A 148 35.90 45.31 8.14
N SER A 149 36.34 46.31 8.91
CA SER A 149 36.41 46.20 10.37
C SER A 149 36.20 47.58 10.96
N PHE A 150 35.82 47.59 12.25
CA PHE A 150 35.25 48.79 12.84
C PHE A 150 36.19 49.99 12.78
N THR A 151 37.51 49.76 12.77
CA THR A 151 38.44 50.88 12.77
C THR A 151 38.29 51.72 11.50
N GLY A 152 37.72 51.15 10.45
CA GLY A 152 37.44 51.88 9.24
C GLY A 152 38.27 51.44 8.04
N GLU A 153 39.11 50.43 8.24
CA GLU A 153 40.03 49.98 7.20
C GLU A 153 39.36 48.97 6.28
N GLU A 154 39.81 48.97 5.03
CA GLU A 154 39.38 48.00 4.03
C GLU A 154 40.60 47.29 3.46
N MET A 155 40.36 46.09 2.92
CA MET A 155 41.44 45.35 2.28
C MET A 155 40.83 44.34 1.31
N ALA A 156 41.68 43.82 0.43
CA ALA A 156 41.27 42.75 -0.48
C ALA A 156 42.47 42.25 -1.28
N THR A 157 42.41 40.99 -1.71
CA THR A 157 43.44 40.46 -2.58
C THR A 157 43.29 41.08 -3.97
N LYS A 158 44.33 40.97 -4.79
CA LYS A 158 44.43 41.64 -6.08
C LYS A 158 44.36 43.15 -5.96
N ALA A 159 44.40 43.69 -4.74
CA ALA A 159 44.11 45.11 -4.51
C ALA A 159 42.79 45.52 -5.15
N ASP A 160 41.87 44.57 -5.26
CA ASP A 160 40.65 44.76 -6.03
C ASP A 160 39.53 45.26 -5.12
N TYR A 161 38.88 46.35 -5.55
CA TYR A 161 37.67 46.85 -4.90
C TYR A 161 36.65 47.09 -6.00
N THR A 162 35.53 46.38 -5.93
CA THR A 162 34.75 46.09 -7.13
C THR A 162 33.78 47.19 -7.55
N LEU A 163 33.57 48.23 -6.74
CA LEU A 163 32.62 49.27 -7.15
C LEU A 163 33.06 50.61 -6.53
N ASP A 164 32.16 51.59 -6.61
CA ASP A 164 32.44 52.98 -6.24
C ASP A 164 33.00 53.08 -4.82
N GLU A 165 33.83 54.09 -4.57
CA GLU A 165 34.39 54.33 -3.26
C GLU A 165 33.45 55.11 -2.35
N GLU A 166 32.54 55.90 -2.90
CA GLU A 166 31.55 56.58 -2.05
C GLU A 166 30.66 55.56 -1.36
N SER A 167 30.38 54.43 -2.00
CA SER A 167 29.66 53.35 -1.35
C SER A 167 30.43 52.82 -0.15
N ARG A 168 31.76 52.68 -0.28
CA ARG A 168 32.57 52.20 0.83
C ARG A 168 32.66 53.23 1.95
N ALA A 169 32.67 54.52 1.60
CA ALA A 169 32.56 55.56 2.62
C ALA A 169 31.25 55.42 3.36
N ARG A 170 30.18 55.13 2.62
CA ARG A 170 28.89 54.79 3.20
C ARG A 170 29.03 53.64 4.20
N ILE A 171 29.71 52.57 3.77
CA ILE A 171 29.87 51.37 4.61
C ILE A 171 30.55 51.74 5.92
N LYS A 172 31.67 52.45 5.84
CA LYS A 172 32.42 52.75 7.06
C LYS A 172 31.74 53.83 7.92
N THR A 173 30.96 54.73 7.31
CA THR A 173 30.14 55.64 8.11
C THR A 173 29.08 54.86 8.89
N ARG A 174 28.45 53.89 8.24
CA ARG A 174 27.51 52.99 8.90
C ARG A 174 28.22 52.28 10.04
N LEU A 175 29.45 51.85 9.75
CA LEU A 175 30.26 51.09 10.70
C LEU A 175 30.55 51.88 11.97
N PHE A 176 31.07 53.09 11.82
CA PHE A 176 31.33 53.92 12.98
C PHE A 176 30.06 54.43 13.63
N THR A 177 28.96 54.58 12.90
CA THR A 177 27.68 54.83 13.55
C THR A 177 27.36 53.71 14.52
N ILE A 178 27.52 52.47 14.07
CA ILE A 178 27.33 51.32 14.96
C ILE A 178 28.24 51.45 16.17
N ARG A 179 29.52 51.73 15.91
CA ARG A 179 30.52 51.74 16.97
C ARG A 179 30.21 52.79 18.02
N GLN A 180 30.22 54.07 17.64
CA GLN A 180 29.93 55.10 18.62
C GLN A 180 28.43 55.25 18.92
N GLU A 181 27.61 54.27 18.54
CA GLU A 181 26.30 54.17 19.19
C GLU A 181 26.36 53.15 20.32
N MET A 182 27.03 52.01 20.12
CA MET A 182 27.28 51.17 21.29
C MET A 182 28.05 51.97 22.33
N ALA A 183 28.82 52.96 21.90
CA ALA A 183 29.50 53.84 22.85
C ALA A 183 28.49 54.41 23.84
N SER A 184 27.36 54.90 23.33
CA SER A 184 26.27 55.28 24.22
C SER A 184 25.68 54.07 24.95
N ARG A 185 25.73 52.88 24.34
CA ARG A 185 25.18 51.70 24.99
C ARG A 185 26.20 51.07 25.95
N GLY A 186 27.38 50.69 25.43
CA GLY A 186 28.45 50.19 26.27
C GLY A 186 28.61 48.68 26.30
N LEU A 187 28.77 48.05 25.14
CA LEU A 187 28.71 46.59 25.02
C LEU A 187 30.06 45.90 24.84
N TRP A 188 31.17 46.63 24.69
CA TRP A 188 32.42 45.98 24.31
C TRP A 188 33.02 45.11 25.41
N ASP A 189 32.43 45.05 26.60
CA ASP A 189 32.89 44.08 27.58
C ASP A 189 32.75 42.65 27.04
N SER A 190 31.90 42.45 26.04
CA SER A 190 31.74 41.16 25.39
C SER A 190 31.62 41.25 23.87
N PHE A 191 31.48 42.45 23.30
CA PHE A 191 31.16 42.57 21.89
C PHE A 191 32.27 41.99 21.01
N ARG A 192 33.53 42.27 21.36
CA ARG A 192 34.64 41.74 20.56
C ARG A 192 34.64 40.22 20.57
N GLN A 193 34.42 39.62 21.75
CA GLN A 193 34.45 38.16 21.92
C GLN A 193 33.19 37.76 22.67
N SER A 194 32.15 37.38 21.94
CA SER A 194 30.91 36.89 22.52
C SER A 194 30.46 35.54 21.99
N GLU A 195 30.94 35.11 20.83
CA GLU A 195 30.62 33.82 20.26
C GLU A 195 31.90 33.01 20.12
N ARG A 196 31.85 31.74 20.55
CA ARG A 196 33.00 30.85 20.51
C ARG A 196 32.69 29.55 19.77
N GLY A 197 31.53 29.43 19.15
CA GLY A 197 31.19 28.25 18.39
C GLY A 197 30.71 27.10 19.26
N GLU A 198 29.62 27.33 19.99
CA GLU A 198 29.02 26.29 20.82
C GLU A 198 27.92 25.58 20.05
N GLU A 199 28.03 24.25 19.96
CA GLU A 199 27.00 23.42 19.35
C GLU A 199 26.83 22.16 20.20
N THR A 200 25.75 22.12 20.97
CA THR A 200 25.45 20.99 21.83
C THR A 200 23.99 21.06 22.23
N ILE A 201 23.37 19.88 22.37
CA ILE A 201 21.97 19.80 22.78
C ILE A 201 21.72 18.39 23.28
N GLU A 202 20.81 18.27 24.24
CA GLU A 202 20.41 16.98 24.80
C GLU A 202 18.94 16.76 24.50
N GLU A 203 18.62 15.60 23.94
CA GLU A 203 17.23 15.30 23.61
C GLU A 203 16.46 14.93 24.87
N ARG A 204 15.29 15.54 25.04
CA ARG A 204 14.50 15.39 26.25
C ARG A 204 13.12 14.86 25.87
N PHE A 205 12.79 13.67 26.35
CA PHE A 205 11.49 13.04 26.14
C PHE A 205 10.96 12.66 27.51
N GLU A 206 10.25 13.59 28.15
CA GLU A 206 9.84 13.46 29.54
C GLU A 206 8.40 13.02 29.63
N ILE A 207 8.16 11.97 30.40
CA ILE A 207 6.80 11.53 30.70
C ILE A 207 6.30 12.31 31.91
N THR A 208 5.20 13.03 31.73
CA THR A 208 4.66 13.86 32.81
C THR A 208 3.18 14.08 32.55
N GLY A 209 2.49 14.56 33.59
CA GLY A 209 1.08 14.82 33.47
C GLY A 209 0.28 13.53 33.39
N THR A 210 -0.84 13.59 32.67
CA THR A 210 -1.74 12.45 32.57
C THR A 210 -1.00 11.21 32.08
N MET A 211 -0.15 11.37 31.07
CA MET A 211 0.54 10.22 30.50
C MET A 211 1.41 9.52 31.53
N ARG A 212 1.87 10.23 32.56
CA ARG A 212 2.61 9.58 33.63
C ARG A 212 1.69 8.70 34.48
N ARG A 213 0.49 9.20 34.81
CA ARG A 213 -0.42 8.39 35.61
C ARG A 213 -0.81 7.12 34.88
N LEU A 214 -1.04 7.20 33.57
CA LEU A 214 -1.29 5.99 32.80
C LEU A 214 -0.13 5.01 32.93
N ALA A 215 1.10 5.51 32.96
CA ALA A 215 2.24 4.63 33.15
C ALA A 215 2.20 3.96 34.52
N ASP A 216 1.64 4.63 35.52
CA ASP A 216 1.52 4.06 36.85
C ASP A 216 0.42 3.01 36.94
N GLN A 217 -0.44 2.91 35.93
CA GLN A 217 -1.54 1.94 35.91
C GLN A 217 -1.31 0.85 34.87
N SER A 218 -0.08 0.71 34.37
CA SER A 218 0.26 -0.31 33.38
C SER A 218 1.43 -1.15 33.86
N LEU A 219 1.45 -1.44 35.16
CA LEU A 219 2.49 -2.23 35.79
C LEU A 219 1.93 -3.53 36.34
N PRO A 220 2.78 -4.45 36.76
CA PRO A 220 2.30 -5.68 37.42
C PRO A 220 1.45 -5.33 38.63
N PRO A 221 0.72 -6.30 39.17
CA PRO A 221 -0.28 -5.98 40.21
C PRO A 221 0.31 -5.31 41.45
N ASN A 222 1.52 -5.70 41.85
CA ASN A 222 2.10 -5.24 43.12
C ASN A 222 3.17 -4.17 42.91
N PHE A 223 2.98 -3.27 41.95
CA PHE A 223 3.87 -2.14 41.74
C PHE A 223 3.06 -0.85 41.76
N SER A 224 3.70 0.22 42.24
CA SER A 224 3.01 1.49 42.46
C SER A 224 3.42 2.59 41.50
N SER A 225 4.61 2.54 40.91
CA SER A 225 5.06 3.61 40.03
C SER A 225 6.02 3.04 39.00
N LEU A 226 6.08 3.70 37.85
CA LEU A 226 7.02 3.28 36.81
C LEU A 226 8.46 3.40 37.28
N GLU A 227 8.76 4.40 38.11
CA GLU A 227 10.10 4.52 38.67
C GLU A 227 10.48 3.26 39.45
N ASN A 228 9.60 2.81 40.34
CA ASN A 228 9.91 1.65 41.16
C ASN A 228 10.03 0.40 40.31
N PHE A 229 9.16 0.24 39.31
CA PHE A 229 9.22 -0.96 38.47
C PHE A 229 10.52 -0.97 37.65
N ARG A 230 10.91 0.18 37.11
CA ARG A 230 12.17 0.22 36.36
C ARG A 230 13.36 -0.03 37.28
N ALA A 231 13.33 0.50 38.49
CA ALA A 231 14.41 0.20 39.44
C ALA A 231 14.48 -1.30 39.73
N TYR A 232 13.33 -1.93 39.94
CA TYR A 232 13.29 -3.37 40.18
C TYR A 232 13.84 -4.14 38.98
N VAL A 233 13.46 -3.73 37.77
CA VAL A 233 13.94 -4.42 36.58
C VAL A 233 15.45 -4.29 36.47
N ASP A 234 15.97 -3.07 36.68
CA ASP A 234 17.41 -2.87 36.61
C ASP A 234 18.14 -3.68 37.67
N GLY A 235 17.56 -3.82 38.86
CA GLY A 235 18.14 -4.63 39.91
C GLY A 235 17.84 -6.11 39.80
N PHE A 236 17.02 -6.52 38.84
CA PHE A 236 16.66 -7.92 38.70
C PHE A 236 17.79 -8.70 38.05
N GLU A 237 18.04 -9.91 38.56
CA GLU A 237 18.99 -10.84 37.99
C GLU A 237 18.41 -12.24 38.08
N PRO A 238 18.74 -13.13 37.15
CA PRO A 238 18.16 -14.47 37.17
C PRO A 238 18.65 -15.26 38.38
N ASN A 239 17.71 -15.79 39.15
CA ASN A 239 18.01 -16.58 40.33
C ASN A 239 17.11 -17.81 40.39
N GLY A 240 16.94 -18.47 39.25
CA GLY A 240 16.14 -19.69 39.19
C GLY A 240 14.71 -19.49 39.63
N TYR A 241 13.98 -18.62 38.94
CA TYR A 241 12.57 -18.38 39.24
C TYR A 241 11.64 -19.21 38.37
N ILE A 242 12.04 -19.55 37.14
CA ILE A 242 11.22 -20.42 36.31
C ILE A 242 11.13 -21.81 36.92
N GLU A 243 12.23 -22.29 37.50
CA GLU A 243 12.22 -23.62 38.10
C GLU A 243 11.27 -23.68 39.29
N GLY A 244 11.26 -22.64 40.12
CA GLY A 244 10.39 -22.66 41.29
C GLY A 244 8.93 -22.75 40.92
N LYS A 245 8.50 -21.92 39.96
CA LYS A 245 7.10 -21.95 39.54
C LYS A 245 6.78 -23.21 38.77
N LEU A 246 7.73 -23.75 38.01
CA LEU A 246 7.50 -25.03 37.33
C LEU A 246 7.26 -26.14 38.36
N SER A 247 8.05 -26.15 39.43
CA SER A 247 7.83 -27.13 40.50
C SER A 247 6.51 -26.90 41.21
N GLN A 248 6.15 -25.64 41.46
CA GLN A 248 4.92 -25.33 42.18
C GLN A 248 3.69 -25.51 41.31
N MET A 249 3.83 -25.30 40.00
CA MET A 249 2.67 -25.40 39.11
C MET A 249 2.10 -26.81 39.14
N SER A 250 0.77 -26.89 39.06
CA SER A 250 0.10 -28.18 39.10
C SER A 250 0.56 -29.07 37.97
N LYS A 251 0.69 -30.36 38.26
CA LYS A 251 1.17 -31.33 37.27
C LYS A 251 0.11 -31.68 36.24
N GLU A 252 -1.16 -31.33 36.46
CA GLU A 252 -2.18 -31.55 35.45
C GLU A 252 -1.96 -30.70 34.20
N VAL A 253 -1.11 -29.69 34.28
CA VAL A 253 -0.74 -28.88 33.11
C VAL A 253 0.35 -29.65 32.37
N ASN A 254 -0.05 -30.47 31.40
CA ASN A 254 0.88 -31.31 30.68
C ASN A 254 0.49 -31.37 29.21
N ALA A 255 1.41 -31.90 28.40
CA ALA A 255 1.22 -32.06 26.96
C ALA A 255 1.47 -33.51 26.58
N ARG A 256 0.86 -34.43 27.32
CA ARG A 256 1.09 -35.85 27.11
C ARG A 256 0.79 -36.25 25.67
N ILE A 257 1.64 -37.09 25.10
CA ILE A 257 1.53 -37.51 23.72
C ILE A 257 0.72 -38.79 23.67
N GLU A 258 -0.39 -38.77 22.92
CA GLU A 258 -1.20 -39.96 22.71
C GLU A 258 -0.71 -40.68 21.46
N PRO A 259 -0.24 -41.92 21.55
CA PRO A 259 0.22 -42.62 20.34
C PRO A 259 -0.89 -42.72 19.30
N PHE A 260 -0.49 -42.60 18.04
CA PHE A 260 -1.40 -42.69 16.90
C PHE A 260 -1.11 -43.99 16.16
N LEU A 261 -2.02 -44.95 16.27
CA LEU A 261 -1.87 -46.27 15.68
C LEU A 261 -2.89 -46.49 14.59
N LYS A 262 -2.84 -47.67 13.97
CA LYS A 262 -3.79 -47.99 12.91
C LYS A 262 -5.22 -48.02 13.42
N THR A 263 -5.43 -48.47 14.65
CA THR A 263 -6.76 -48.59 15.22
C THR A 263 -7.26 -47.31 15.86
N THR A 264 -6.45 -46.26 15.89
CA THR A 264 -6.82 -45.01 16.55
C THR A 264 -7.82 -44.21 15.73
N PRO A 265 -7.52 -43.89 14.48
CA PRO A 265 -8.42 -42.99 13.73
C PRO A 265 -9.76 -43.65 13.45
N ARG A 266 -10.84 -42.92 13.69
CA ARG A 266 -12.20 -43.36 13.42
C ARG A 266 -12.76 -42.62 12.22
N PRO A 267 -13.71 -43.22 11.50
CA PRO A 267 -14.29 -42.55 10.34
C PRO A 267 -14.99 -41.26 10.72
N LEU A 268 -14.87 -40.26 9.85
CA LEU A 268 -15.54 -38.99 10.08
C LEU A 268 -17.05 -39.16 9.96
N ARG A 269 -17.79 -38.64 10.94
CA ARG A 269 -19.23 -38.73 10.92
C ARG A 269 -19.82 -37.67 10.00
N LEU A 270 -20.78 -38.10 9.18
CA LEU A 270 -21.44 -37.17 8.27
C LEU A 270 -22.78 -36.72 8.85
N PRO A 271 -23.20 -35.48 8.60
CA PRO A 271 -24.49 -35.02 9.12
C PRO A 271 -25.65 -35.79 8.50
N ASP A 272 -26.73 -35.89 9.26
CA ASP A 272 -27.94 -36.56 8.82
C ASP A 272 -29.08 -35.56 8.68
N GLY A 273 -29.91 -35.78 7.67
CA GLY A 273 -31.02 -34.90 7.38
C GLY A 273 -31.56 -35.12 5.99
N PRO A 274 -32.33 -34.16 5.47
CA PRO A 274 -32.85 -34.31 4.12
C PRO A 274 -31.71 -34.37 3.12
N PRO A 275 -31.90 -35.08 2.00
CA PRO A 275 -30.81 -35.22 1.04
C PRO A 275 -30.30 -33.87 0.55
N CYS A 276 -29.07 -33.88 0.04
CA CYS A 276 -28.44 -32.66 -0.45
C CYS A 276 -28.97 -32.31 -1.83
N SER A 277 -29.13 -31.01 -2.08
CA SER A 277 -29.69 -30.52 -3.33
C SER A 277 -28.60 -29.99 -4.25
N GLN A 278 -29.01 -29.58 -5.44
CA GLN A 278 -28.08 -29.04 -6.43
C GLN A 278 -27.89 -27.55 -6.21
N ARG A 279 -26.63 -27.10 -6.29
CA ARG A 279 -26.28 -25.71 -6.07
C ARG A 279 -25.65 -25.02 -7.27
N SER A 280 -25.28 -25.77 -8.31
CA SER A 280 -24.59 -25.19 -9.45
C SER A 280 -25.44 -24.12 -10.13
N LYS A 281 -24.79 -23.21 -10.85
CA LYS A 281 -25.49 -22.17 -11.60
C LYS A 281 -25.95 -22.64 -12.98
N PHE A 282 -25.63 -23.88 -13.35
CA PHE A 282 -26.07 -24.43 -14.61
C PHE A 282 -26.02 -25.96 -14.52
N LEU A 283 -26.75 -26.61 -15.42
CA LEU A 283 -26.74 -28.06 -15.47
C LEU A 283 -25.37 -28.55 -15.95
N LEU A 284 -24.85 -29.58 -15.26
CA LEU A 284 -23.54 -30.15 -15.59
C LEU A 284 -23.67 -31.51 -16.26
N MET A 285 -24.39 -32.43 -15.62
CA MET A 285 -24.51 -33.79 -16.15
C MET A 285 -25.71 -33.97 -17.07
N ASP A 286 -26.72 -33.10 -16.96
CA ASP A 286 -27.97 -33.24 -17.68
C ASP A 286 -28.16 -32.17 -18.76
N ALA A 287 -27.06 -31.60 -19.25
CA ALA A 287 -27.14 -30.57 -20.26
C ALA A 287 -27.44 -31.17 -21.64
N LEU A 288 -28.08 -30.38 -22.48
CA LEU A 288 -28.36 -30.75 -23.86
C LEU A 288 -27.90 -29.62 -24.78
N LYS A 289 -27.48 -29.99 -25.98
CA LYS A 289 -26.82 -29.07 -26.90
C LYS A 289 -27.57 -29.05 -28.23
N LEU A 290 -27.97 -27.85 -28.64
CA LEU A 290 -28.51 -27.60 -29.98
C LEU A 290 -27.43 -26.91 -30.79
N SER A 291 -27.15 -27.42 -32.00
CA SER A 291 -25.96 -27.04 -32.73
C SER A 291 -26.29 -26.62 -34.16
N ILE A 292 -25.33 -25.92 -34.77
CA ILE A 292 -25.48 -25.42 -36.12
C ILE A 292 -24.35 -25.85 -37.05
N GLU A 293 -23.16 -26.20 -36.51
CA GLU A 293 -22.03 -26.61 -37.32
C GLU A 293 -21.46 -25.43 -38.13
N ASP A 294 -21.37 -24.28 -37.50
CA ASP A 294 -20.84 -23.08 -38.13
C ASP A 294 -19.32 -23.05 -38.01
N PRO A 295 -18.65 -22.24 -38.82
CA PRO A 295 -17.18 -22.15 -38.76
C PRO A 295 -16.65 -21.07 -37.82
N SER A 296 -17.50 -20.41 -37.04
CA SER A 296 -17.06 -19.32 -36.19
C SER A 296 -16.30 -19.84 -34.97
N HIS A 297 -15.44 -18.99 -34.42
CA HIS A 297 -14.65 -19.31 -33.25
C HIS A 297 -15.40 -18.92 -31.98
N GLU A 298 -14.80 -19.22 -30.83
CA GLU A 298 -15.47 -19.06 -29.54
C GLU A 298 -16.08 -17.67 -29.40
N GLY A 299 -15.24 -16.63 -29.39
CA GLY A 299 -15.76 -15.28 -29.24
C GLY A 299 -16.36 -14.72 -30.50
N GLU A 300 -16.00 -15.27 -31.65
CA GLU A 300 -16.50 -14.77 -32.92
C GLU A 300 -17.98 -15.05 -33.05
N GLY A 301 -18.74 -14.05 -33.50
CA GLY A 301 -20.15 -14.19 -33.77
C GLY A 301 -20.98 -13.26 -32.91
N ILE A 302 -22.28 -13.33 -33.12
CA ILE A 302 -23.27 -12.55 -32.36
C ILE A 302 -24.14 -13.52 -31.59
N PRO A 303 -24.38 -13.30 -30.29
CA PRO A 303 -25.06 -14.35 -29.51
C PRO A 303 -26.47 -14.65 -29.96
N LEU A 304 -27.32 -13.63 -30.09
CA LEU A 304 -28.75 -13.87 -30.29
C LEU A 304 -29.01 -14.61 -31.59
N TYR A 305 -28.34 -14.20 -32.68
CA TYR A 305 -28.57 -14.86 -33.96
C TYR A 305 -28.12 -16.32 -33.90
N ASP A 306 -26.98 -16.59 -33.27
CA ASP A 306 -26.51 -17.96 -33.14
C ASP A 306 -27.50 -18.79 -32.33
N ALA A 307 -28.03 -18.23 -31.25
CA ALA A 307 -28.98 -18.96 -30.42
C ALA A 307 -30.25 -19.27 -31.21
N ILE A 308 -30.77 -18.29 -31.94
CA ILE A 308 -31.99 -18.51 -32.72
C ILE A 308 -31.75 -19.55 -33.81
N LYS A 309 -30.61 -19.47 -34.48
CA LYS A 309 -30.30 -20.43 -35.54
C LYS A 309 -30.17 -21.84 -34.97
N CYS A 310 -29.53 -21.98 -33.81
CA CYS A 310 -29.43 -23.28 -33.17
C CYS A 310 -30.80 -23.82 -32.78
N MET A 311 -31.66 -22.95 -32.26
CA MET A 311 -32.97 -23.43 -31.80
C MET A 311 -33.87 -23.79 -32.98
N ARG A 312 -33.75 -23.09 -34.11
CA ARG A 312 -34.49 -23.47 -35.30
C ARG A 312 -34.06 -24.82 -35.86
N THR A 313 -32.87 -25.31 -35.49
CA THR A 313 -32.41 -26.61 -35.95
C THR A 313 -33.19 -27.77 -35.35
N PHE A 314 -33.97 -27.53 -34.31
CA PHE A 314 -34.74 -28.56 -33.63
C PHE A 314 -36.22 -28.41 -33.97
N PHE A 315 -36.86 -29.54 -34.29
CA PHE A 315 -38.27 -29.57 -34.61
C PHE A 315 -38.97 -30.55 -33.67
N GLY A 316 -40.19 -30.20 -33.27
CA GLY A 316 -40.95 -31.02 -32.34
C GLY A 316 -41.42 -30.24 -31.13
N TRP A 317 -41.43 -28.92 -31.24
CA TRP A 317 -41.87 -28.08 -30.13
C TRP A 317 -43.32 -28.39 -29.76
N LYS A 318 -43.58 -28.44 -28.46
CA LYS A 318 -44.93 -28.63 -27.93
C LYS A 318 -45.26 -27.50 -26.97
N GLU A 319 -46.54 -27.29 -26.76
CA GLU A 319 -46.96 -26.28 -25.79
C GLU A 319 -46.44 -26.69 -24.41
N PRO A 320 -45.69 -25.82 -23.73
CA PRO A 320 -45.08 -26.26 -22.47
C PRO A 320 -46.11 -26.45 -21.38
N ASN A 321 -45.82 -27.40 -20.49
CA ASN A 321 -46.68 -27.70 -19.35
C ASN A 321 -45.82 -28.11 -18.17
N VAL A 322 -46.40 -27.97 -16.97
CA VAL A 322 -45.66 -28.26 -15.75
C VAL A 322 -45.46 -29.76 -15.60
N VAL A 323 -44.24 -30.16 -15.26
CA VAL A 323 -43.92 -31.55 -14.99
C VAL A 323 -43.56 -31.69 -13.52
N LYS A 324 -42.56 -30.94 -13.07
CA LYS A 324 -42.15 -30.95 -11.67
C LYS A 324 -42.15 -29.53 -11.13
N PRO A 325 -43.00 -29.19 -10.17
CA PRO A 325 -43.07 -27.80 -9.69
C PRO A 325 -41.87 -27.44 -8.82
N HIS A 326 -41.70 -26.12 -8.64
CA HIS A 326 -40.63 -25.62 -7.79
C HIS A 326 -40.82 -26.04 -6.34
N GLU A 327 -42.06 -26.27 -5.93
CA GLU A 327 -42.48 -26.67 -4.59
C GLU A 327 -42.45 -25.48 -3.61
N LYS A 328 -41.92 -24.33 -4.02
CA LYS A 328 -41.95 -23.14 -3.17
C LYS A 328 -42.30 -21.86 -3.92
N GLY A 329 -42.26 -21.85 -5.25
CA GLY A 329 -42.56 -20.68 -6.04
C GLY A 329 -43.87 -20.79 -6.78
N ILE A 330 -43.99 -19.98 -7.83
CA ILE A 330 -45.19 -19.94 -8.66
C ILE A 330 -44.77 -20.44 -10.05
N ASN A 331 -44.96 -21.73 -10.29
CA ASN A 331 -44.54 -22.32 -11.57
C ASN A 331 -45.19 -21.65 -12.77
N PRO A 332 -46.47 -21.27 -12.74
CA PRO A 332 -47.03 -20.55 -13.90
C PRO A 332 -46.20 -19.36 -14.31
N ASN A 333 -45.55 -18.67 -13.37
CA ASN A 333 -44.65 -17.59 -13.75
C ASN A 333 -43.50 -18.10 -14.60
N TYR A 334 -42.92 -19.25 -14.23
CA TYR A 334 -41.85 -19.82 -15.04
C TYR A 334 -42.35 -20.19 -16.43
N LEU A 335 -43.54 -20.79 -16.50
CA LEU A 335 -44.12 -21.14 -17.81
C LEU A 335 -44.29 -19.91 -18.67
N LEU A 336 -44.88 -18.85 -18.11
CA LEU A 336 -45.10 -17.63 -18.86
C LEU A 336 -43.79 -16.98 -19.27
N ALA A 337 -42.78 -17.07 -18.40
CA ALA A 337 -41.46 -16.52 -18.74
C ALA A 337 -40.86 -17.27 -19.93
N TRP A 338 -40.99 -18.58 -19.95
CA TRP A 338 -40.47 -19.35 -21.08
C TRP A 338 -41.17 -18.96 -22.37
N LYS A 339 -42.51 -18.88 -22.33
CA LYS A 339 -43.23 -18.49 -23.54
C LYS A 339 -42.89 -17.06 -23.96
N GLN A 340 -42.69 -16.16 -23.00
CA GLN A 340 -42.26 -14.80 -23.31
C GLN A 340 -40.90 -14.79 -23.99
N VAL A 341 -39.97 -15.60 -23.49
CA VAL A 341 -38.65 -15.66 -24.11
C VAL A 341 -38.77 -16.13 -25.55
N LEU A 342 -39.58 -17.16 -25.78
CA LEU A 342 -39.76 -17.65 -27.15
C LEU A 342 -40.36 -16.57 -28.05
N ALA A 343 -41.39 -15.87 -27.55
CA ALA A 343 -42.07 -14.86 -28.34
C ALA A 343 -41.10 -13.73 -28.71
N GLU A 344 -40.30 -13.27 -27.74
CA GLU A 344 -39.39 -12.17 -28.03
C GLU A 344 -38.23 -12.62 -28.91
N LEU A 345 -37.84 -13.90 -28.81
CA LEU A 345 -36.85 -14.43 -29.74
C LEU A 345 -37.37 -14.37 -31.17
N GLN A 346 -38.63 -14.75 -31.37
CA GLN A 346 -39.23 -14.61 -32.69
C GLN A 346 -39.29 -13.14 -33.10
N ASP A 347 -39.63 -12.26 -32.17
CA ASP A 347 -39.69 -10.83 -32.47
C ASP A 347 -38.36 -10.32 -32.99
N ILE A 348 -37.25 -10.78 -32.41
CA ILE A 348 -35.94 -10.43 -32.94
C ILE A 348 -35.74 -11.05 -34.31
N GLU A 349 -36.16 -12.31 -34.47
CA GLU A 349 -35.96 -12.97 -35.76
C GLU A 349 -36.62 -12.18 -36.89
N ASN A 350 -37.73 -11.52 -36.61
CA ASN A 350 -38.46 -10.84 -37.68
C ASN A 350 -37.70 -9.61 -38.19
N GLU A 351 -37.16 -8.80 -37.28
CA GLU A 351 -36.67 -7.47 -37.65
C GLU A 351 -35.38 -7.57 -38.45
N GLU A 352 -34.83 -6.41 -38.80
CA GLU A 352 -33.79 -6.29 -39.82
C GLU A 352 -32.49 -6.99 -39.42
N LYS A 353 -31.81 -6.52 -38.38
CA LYS A 353 -30.54 -7.10 -37.94
C LYS A 353 -30.64 -7.45 -36.47
N ILE A 354 -30.20 -8.66 -36.13
CA ILE A 354 -30.29 -9.19 -34.78
C ILE A 354 -29.49 -8.27 -33.87
N PRO A 355 -30.09 -7.69 -32.82
CA PRO A 355 -29.29 -6.84 -31.92
C PRO A 355 -28.21 -7.65 -31.21
N LYS A 356 -27.09 -6.98 -30.92
CA LYS A 356 -26.00 -7.65 -30.22
C LYS A 356 -26.44 -8.06 -28.81
N THR A 357 -27.21 -7.22 -28.14
CA THR A 357 -27.74 -7.51 -26.81
C THR A 357 -29.18 -7.04 -26.75
N LYS A 358 -30.07 -7.88 -26.20
CA LYS A 358 -31.48 -7.55 -26.13
C LYS A 358 -31.91 -7.33 -24.69
N ASN A 359 -32.80 -6.37 -24.50
CA ASN A 359 -33.49 -6.14 -23.24
C ASN A 359 -34.91 -6.67 -23.30
N MET A 360 -35.36 -7.26 -22.21
CA MET A 360 -36.71 -7.83 -22.13
C MET A 360 -37.63 -6.90 -21.35
N LYS A 361 -38.93 -7.12 -21.53
CA LYS A 361 -39.93 -6.37 -20.81
C LYS A 361 -39.99 -6.80 -19.35
N LYS A 362 -40.29 -5.84 -18.48
CA LYS A 362 -40.36 -6.11 -17.05
C LYS A 362 -41.80 -6.41 -16.63
N THR A 363 -42.23 -7.62 -16.97
CA THR A 363 -43.56 -8.08 -16.60
C THR A 363 -43.55 -8.59 -15.16
N SER A 364 -44.75 -8.69 -14.58
CA SER A 364 -44.87 -9.20 -13.22
C SER A 364 -44.23 -10.58 -13.09
N GLN A 365 -44.26 -11.38 -14.16
CA GLN A 365 -43.69 -12.71 -14.12
C GLN A 365 -42.22 -12.67 -13.70
N LEU A 366 -41.40 -11.96 -14.46
CA LEU A 366 -39.99 -11.85 -14.14
C LEU A 366 -39.73 -10.90 -12.99
N LYS A 367 -40.68 -10.02 -12.67
CA LYS A 367 -40.56 -9.23 -11.45
C LYS A 367 -40.54 -10.13 -10.23
N TRP A 368 -41.42 -11.14 -10.22
CA TRP A 368 -41.38 -12.13 -9.14
C TRP A 368 -40.19 -13.06 -9.27
N ALA A 369 -39.93 -13.56 -10.49
CA ALA A 369 -38.86 -14.52 -10.67
C ALA A 369 -37.49 -13.92 -10.36
N LEU A 370 -37.30 -12.63 -10.60
CA LEU A 370 -36.02 -11.96 -10.36
C LEU A 370 -35.97 -11.26 -9.01
N GLY A 371 -37.02 -11.38 -8.20
CA GLY A 371 -37.02 -10.76 -6.88
C GLY A 371 -36.85 -9.25 -6.95
N GLU A 372 -37.83 -8.56 -7.48
CA GLU A 372 -37.78 -7.11 -7.65
C GLU A 372 -38.71 -6.45 -6.63
N ASN A 373 -38.23 -5.36 -6.03
CA ASN A 373 -38.99 -4.60 -5.04
C ASN A 373 -39.32 -5.46 -3.83
N MET A 374 -38.44 -6.38 -3.47
CA MET A 374 -38.63 -7.22 -2.30
C MET A 374 -37.70 -6.88 -1.15
N ALA A 375 -36.64 -6.13 -1.40
CA ALA A 375 -35.77 -5.69 -0.31
C ALA A 375 -36.56 -4.76 0.60
N PRO A 376 -36.56 -5.00 1.92
CA PRO A 376 -37.28 -4.08 2.81
C PRO A 376 -36.72 -2.67 2.71
N GLU A 377 -37.62 -1.69 2.74
CA GLU A 377 -37.20 -0.30 2.65
C GLU A 377 -36.41 0.09 3.90
N LYS A 378 -35.33 0.83 3.70
CA LYS A 378 -34.46 1.21 4.80
C LYS A 378 -35.03 2.45 5.50
N VAL A 379 -35.16 2.37 6.83
CA VAL A 379 -35.71 3.43 7.64
C VAL A 379 -34.80 3.65 8.84
N ASP A 380 -35.21 4.57 9.71
CA ASP A 380 -34.45 4.93 10.90
C ASP A 380 -35.01 4.21 12.12
N PHE A 381 -34.11 3.91 13.08
CA PHE A 381 -34.52 3.17 14.26
C PHE A 381 -35.50 3.98 15.11
N ASP A 382 -35.32 5.29 15.19
CA ASP A 382 -36.19 6.11 16.01
C ASP A 382 -37.64 6.08 15.55
N ASP A 383 -37.90 5.64 14.31
CA ASP A 383 -39.24 5.55 13.78
C ASP A 383 -39.83 4.15 13.84
N CYS A 384 -39.02 3.13 14.09
CA CYS A 384 -39.47 1.74 14.18
C CYS A 384 -38.82 1.11 15.40
N LYS A 385 -39.47 1.24 16.55
CA LYS A 385 -38.97 0.65 17.78
C LYS A 385 -40.06 -0.16 18.48
N ASP A 386 -41.31 0.22 18.28
CA ASP A 386 -42.44 -0.45 18.91
C ASP A 386 -42.94 -1.66 18.12
N VAL A 387 -42.32 -1.96 16.98
CA VAL A 387 -42.75 -3.10 16.16
C VAL A 387 -42.22 -4.37 16.81
N SER A 388 -43.13 -5.24 17.26
CA SER A 388 -42.73 -6.45 17.97
C SER A 388 -41.90 -7.36 17.08
N ASP A 389 -42.27 -7.48 15.81
CA ASP A 389 -41.55 -8.36 14.89
C ASP A 389 -40.15 -7.89 14.57
N LEU A 390 -39.78 -6.67 14.96
CA LEU A 390 -38.47 -6.13 14.63
C LEU A 390 -37.39 -6.85 15.43
N LYS A 391 -36.45 -7.48 14.72
CA LYS A 391 -35.40 -8.25 15.36
C LYS A 391 -34.20 -8.33 14.41
N GLN A 392 -33.17 -9.06 14.84
CA GLN A 392 -31.98 -9.21 14.01
C GLN A 392 -32.27 -10.05 12.78
N TYR A 393 -31.35 -9.99 11.82
CA TYR A 393 -31.36 -10.92 10.71
C TYR A 393 -31.10 -12.33 11.21
N ASP A 394 -31.73 -13.31 10.56
CA ASP A 394 -31.58 -14.71 10.94
C ASP A 394 -30.11 -15.11 10.81
N SER A 395 -29.47 -15.39 11.94
CA SER A 395 -28.05 -15.74 11.98
C SER A 395 -27.92 -17.02 12.80
N ASP A 396 -27.90 -18.16 12.13
CA ASP A 396 -27.77 -19.46 12.77
C ASP A 396 -27.04 -20.41 11.83
N GLU A 397 -26.68 -21.57 12.38
CA GLU A 397 -25.99 -22.56 11.56
C GLU A 397 -26.90 -23.01 10.42
N PRO A 398 -26.38 -23.20 9.21
CA PRO A 398 -27.23 -23.62 8.09
C PRO A 398 -27.94 -24.93 8.40
N GLU A 399 -28.97 -25.20 7.60
CA GLU A 399 -29.72 -26.44 7.73
C GLU A 399 -28.81 -27.64 7.47
N LEU A 400 -29.02 -28.70 8.22
CA LEU A 400 -28.23 -29.92 8.04
C LEU A 400 -28.84 -30.78 6.94
N ARG A 401 -27.99 -31.32 6.08
CA ARG A 401 -28.43 -32.17 4.98
C ARG A 401 -27.46 -33.31 4.80
N SER A 402 -27.98 -34.50 4.54
CA SER A 402 -27.15 -35.69 4.35
C SER A 402 -26.75 -35.82 2.89
N LEU A 403 -25.63 -36.50 2.67
CA LEU A 403 -25.13 -36.70 1.31
C LEU A 403 -26.05 -37.62 0.52
N ALA A 404 -26.11 -37.38 -0.79
CA ALA A 404 -26.85 -38.20 -1.72
C ALA A 404 -25.90 -38.76 -2.76
N SER A 405 -26.37 -39.77 -3.49
CA SER A 405 -25.52 -40.48 -4.44
C SER A 405 -25.41 -39.77 -5.78
N TRP A 406 -26.14 -38.69 -6.00
CA TRP A 406 -26.12 -38.02 -7.30
C TRP A 406 -24.83 -37.27 -7.53
N ILE A 407 -24.25 -36.67 -6.48
CA ILE A 407 -23.01 -35.93 -6.66
C ILE A 407 -21.88 -36.87 -7.07
N GLN A 408 -21.88 -38.09 -6.53
CA GLN A 408 -20.84 -39.06 -6.90
C GLN A 408 -20.92 -39.39 -8.39
N SER A 409 -22.11 -39.66 -8.89
CA SER A 409 -22.26 -39.96 -10.31
C SER A 409 -21.95 -38.74 -11.17
N GLU A 410 -22.32 -37.54 -10.69
CA GLU A 410 -22.01 -36.33 -11.44
C GLU A 410 -20.50 -36.14 -11.59
N PHE A 411 -19.76 -36.36 -10.50
CA PHE A 411 -18.30 -36.31 -10.61
C PHE A 411 -17.76 -37.42 -11.49
N ASN A 412 -18.35 -38.61 -11.40
CA ASN A 412 -17.90 -39.73 -12.23
C ASN A 412 -18.00 -39.36 -13.70
N LYS A 413 -19.14 -38.82 -14.13
CA LYS A 413 -19.33 -38.45 -15.52
C LYS A 413 -18.70 -37.11 -15.87
N ALA A 414 -18.22 -36.36 -14.89
CA ALA A 414 -17.45 -35.15 -15.16
C ALA A 414 -16.01 -35.45 -15.54
N CYS A 415 -15.55 -36.68 -15.32
CA CYS A 415 -14.19 -37.09 -15.68
C CYS A 415 -14.16 -37.96 -16.93
N GLU A 416 -15.27 -38.08 -17.64
CA GLU A 416 -15.36 -38.95 -18.80
C GLU A 416 -15.00 -38.18 -20.07
N LEU A 417 -14.51 -38.91 -21.06
CA LEU A 417 -14.15 -38.31 -22.34
C LEU A 417 -15.41 -37.90 -23.10
N THR A 418 -15.20 -37.15 -24.18
CA THR A 418 -16.29 -36.63 -24.99
C THR A 418 -15.90 -36.74 -26.46
N ASP A 419 -16.85 -36.41 -27.34
CA ASP A 419 -16.65 -36.45 -28.78
C ASP A 419 -16.35 -35.06 -29.35
N SER A 420 -15.70 -34.21 -28.57
CA SER A 420 -15.41 -32.85 -29.01
C SER A 420 -14.20 -32.32 -28.27
N SER A 421 -13.62 -31.26 -28.80
CA SER A 421 -12.50 -30.55 -28.19
C SER A 421 -13.02 -29.22 -27.67
N TRP A 422 -13.00 -29.05 -26.34
CA TRP A 422 -13.61 -27.89 -25.70
C TRP A 422 -12.59 -26.83 -25.31
N ILE A 423 -11.36 -26.93 -25.76
CA ILE A 423 -10.33 -25.92 -25.49
C ILE A 423 -9.65 -25.59 -26.81
N GLU A 424 -9.65 -24.31 -27.18
CA GLU A 424 -8.91 -23.80 -28.34
C GLU A 424 -7.91 -22.79 -27.80
N LEU A 425 -6.68 -23.25 -27.57
CA LEU A 425 -5.69 -22.43 -26.88
C LEU A 425 -5.17 -21.33 -27.79
N ASP A 426 -4.56 -20.33 -27.17
CA ASP A 426 -4.05 -19.16 -27.89
C ASP A 426 -2.68 -19.47 -28.48
N GLU A 427 -1.99 -18.44 -28.95
CA GLU A 427 -0.69 -18.57 -29.58
C GLU A 427 0.41 -18.21 -28.59
N ILE A 428 1.58 -18.80 -28.82
CA ILE A 428 2.78 -18.53 -28.03
C ILE A 428 3.94 -18.30 -28.98
N GLY A 429 4.98 -17.64 -28.47
CA GLY A 429 6.18 -17.43 -29.26
C GLY A 429 6.76 -18.76 -29.73
N GLU A 430 7.21 -18.80 -30.98
CA GLU A 430 7.73 -20.05 -31.53
C GLU A 430 8.87 -20.56 -30.67
N ASP A 431 8.82 -21.86 -30.34
CA ASP A 431 9.80 -22.44 -29.45
C ASP A 431 11.18 -22.39 -30.08
N VAL A 432 12.17 -21.92 -29.31
CA VAL A 432 13.53 -21.81 -29.80
C VAL A 432 14.50 -22.71 -29.03
N ALA A 433 14.22 -23.02 -27.77
CA ALA A 433 15.13 -23.84 -26.98
C ALA A 433 14.63 -25.28 -26.90
N PRO A 434 15.52 -26.27 -26.80
CA PRO A 434 15.04 -27.65 -26.66
C PRO A 434 14.12 -27.86 -25.48
N ILE A 435 14.37 -27.18 -24.36
CA ILE A 435 13.47 -27.27 -23.22
C ILE A 435 12.09 -26.75 -23.59
N GLU A 436 12.04 -25.71 -24.43
CA GLU A 436 10.74 -25.22 -24.90
C GLU A 436 10.04 -26.27 -25.75
N HIS A 437 10.80 -27.01 -26.58
CA HIS A 437 10.19 -28.09 -27.34
C HIS A 437 9.64 -29.18 -26.44
N ILE A 438 10.38 -29.55 -25.39
CA ILE A 438 9.89 -30.54 -24.44
C ILE A 438 8.60 -30.05 -23.78
N ALA A 439 8.61 -28.78 -23.37
CA ALA A 439 7.42 -28.22 -22.74
C ALA A 439 6.23 -28.22 -23.69
N SER A 440 6.47 -27.87 -24.95
CA SER A 440 5.37 -27.85 -25.93
C SER A 440 4.83 -29.25 -26.18
N MET A 441 5.71 -30.25 -26.26
CA MET A 441 5.25 -31.62 -26.44
C MET A 441 4.43 -32.09 -25.26
N ARG A 442 4.90 -31.82 -24.04
CA ARG A 442 4.14 -32.15 -22.84
C ARG A 442 2.78 -31.48 -22.88
N ARG A 443 2.76 -30.17 -23.21
CA ARG A 443 1.51 -29.42 -23.22
C ARG A 443 0.55 -29.98 -24.26
N ASN A 444 1.06 -30.36 -25.43
CA ASN A 444 0.22 -30.96 -26.45
C ASN A 444 -0.36 -32.29 -25.96
N TYR A 445 0.44 -33.10 -25.27
CA TYR A 445 -0.09 -34.34 -24.71
C TYR A 445 -1.22 -34.06 -23.73
N PHE A 446 -1.00 -33.13 -22.80
CA PHE A 446 -2.06 -32.86 -21.83
C PHE A 446 -3.30 -32.28 -22.49
N THR A 447 -3.13 -31.40 -23.49
CA THR A 447 -4.29 -30.86 -24.18
C THR A 447 -5.06 -31.95 -24.89
N ALA A 448 -4.36 -32.88 -25.54
CA ALA A 448 -5.05 -34.00 -26.16
C ALA A 448 -5.79 -34.83 -25.11
N GLU A 449 -5.24 -34.94 -23.91
CA GLU A 449 -5.91 -35.74 -22.88
C GLU A 449 -7.13 -35.04 -22.28
N VAL A 450 -7.05 -33.73 -22.05
CA VAL A 450 -8.07 -33.05 -21.25
C VAL A 450 -9.09 -32.31 -22.11
N SER A 451 -8.75 -31.98 -23.35
CA SER A 451 -9.70 -31.23 -24.19
C SER A 451 -11.00 -31.99 -24.35
N HIS A 452 -10.94 -33.29 -24.60
CA HIS A 452 -12.12 -34.13 -24.68
C HIS A 452 -12.48 -34.61 -23.27
N CYS A 453 -12.97 -33.66 -22.47
CA CYS A 453 -13.35 -33.95 -21.09
C CYS A 453 -14.50 -33.03 -20.70
N ARG A 454 -15.48 -33.59 -19.98
CA ARG A 454 -16.62 -32.79 -19.55
C ARG A 454 -16.20 -31.67 -18.62
N ALA A 455 -15.06 -31.83 -17.93
CA ALA A 455 -14.58 -30.77 -17.06
C ALA A 455 -14.23 -29.53 -17.86
N THR A 456 -13.59 -29.69 -19.02
CA THR A 456 -13.28 -28.54 -19.87
C THR A 456 -14.54 -27.88 -20.39
N GLU A 457 -15.54 -28.68 -20.75
CA GLU A 457 -16.81 -28.10 -21.19
C GLU A 457 -17.45 -27.29 -20.08
N TYR A 458 -17.43 -27.81 -18.85
CA TYR A 458 -17.96 -27.06 -17.73
C TYR A 458 -17.17 -25.78 -17.50
N ILE A 459 -15.84 -25.85 -17.66
CA ILE A 459 -15.01 -24.66 -17.50
C ILE A 459 -15.43 -23.59 -18.49
N MET A 460 -15.56 -23.97 -19.76
CA MET A 460 -15.94 -22.99 -20.78
C MET A 460 -17.35 -22.46 -20.53
N LYS A 461 -18.28 -23.34 -20.17
CA LYS A 461 -19.64 -22.89 -19.87
C LYS A 461 -19.63 -21.84 -18.76
N GLY A 462 -18.97 -22.16 -17.64
CA GLY A 462 -18.94 -21.23 -16.53
C GLY A 462 -18.26 -19.92 -16.88
N VAL A 463 -17.12 -20.00 -17.57
CA VAL A 463 -16.40 -18.78 -17.93
C VAL A 463 -17.28 -17.89 -18.79
N TYR A 464 -17.86 -18.45 -19.84
CA TYR A 464 -18.68 -17.65 -20.74
C TYR A 464 -19.89 -17.07 -20.02
N ILE A 465 -20.59 -17.90 -19.24
CA ILE A 465 -21.81 -17.44 -18.59
C ILE A 465 -21.50 -16.33 -17.61
N ASN A 466 -20.47 -16.52 -16.78
CA ASN A 466 -20.12 -15.49 -15.81
C ASN A 466 -19.60 -14.23 -16.46
N THR A 467 -18.82 -14.35 -17.54
CA THR A 467 -18.35 -13.15 -18.24
C THR A 467 -19.54 -12.35 -18.79
N ALA A 468 -20.44 -13.04 -19.48
CA ALA A 468 -21.60 -12.35 -20.03
C ALA A 468 -22.44 -11.72 -18.93
N LEU A 469 -22.65 -12.45 -17.83
CA LEU A 469 -23.48 -11.93 -16.75
C LEU A 469 -22.85 -10.70 -16.12
N LEU A 470 -21.54 -10.74 -15.86
CA LEU A 470 -20.87 -9.59 -15.28
C LEU A 470 -20.91 -8.39 -16.21
N ASN A 471 -20.63 -8.61 -17.50
CA ASN A 471 -20.66 -7.50 -18.44
C ASN A 471 -22.04 -6.89 -18.55
N ALA A 472 -23.08 -7.73 -18.62
CA ALA A 472 -24.44 -7.22 -18.67
C ALA A 472 -24.81 -6.47 -17.40
N SER A 473 -24.41 -6.99 -16.24
CA SER A 473 -24.71 -6.32 -14.99
C SER A 473 -24.04 -4.95 -14.92
N CYS A 474 -22.79 -4.86 -15.39
CA CYS A 474 -22.08 -3.60 -15.34
C CYS A 474 -22.61 -2.62 -16.38
N ALA A 475 -23.14 -3.11 -17.50
CA ALA A 475 -23.63 -2.24 -18.56
C ALA A 475 -25.11 -1.91 -18.38
N ALA A 476 -25.96 -2.94 -18.39
CA ALA A 476 -27.40 -2.75 -18.25
C ALA A 476 -27.79 -3.03 -16.80
N MET A 477 -27.51 -2.05 -15.94
CA MET A 477 -27.77 -2.24 -14.51
C MET A 477 -29.25 -2.32 -14.21
N ASP A 478 -30.06 -1.53 -14.92
CA ASP A 478 -31.47 -1.38 -14.59
C ASP A 478 -32.37 -2.43 -15.23
N ASP A 479 -32.12 -2.76 -16.49
CA ASP A 479 -33.12 -3.42 -17.32
C ASP A 479 -32.76 -4.88 -17.51
N PHE A 480 -33.78 -5.74 -17.46
CA PHE A 480 -33.57 -7.17 -17.56
C PHE A 480 -33.01 -7.52 -18.95
N GLN A 481 -32.03 -8.42 -18.99
CA GLN A 481 -31.33 -8.73 -20.23
C GLN A 481 -31.33 -10.22 -20.52
N LEU A 482 -31.44 -10.56 -21.80
CA LEU A 482 -31.43 -11.93 -22.29
C LEU A 482 -30.04 -12.30 -22.76
N ILE A 483 -29.55 -13.47 -22.34
CA ILE A 483 -28.23 -13.95 -22.74
C ILE A 483 -28.32 -15.44 -23.04
N PRO A 484 -28.14 -15.88 -24.27
CA PRO A 484 -28.18 -17.33 -24.56
C PRO A 484 -26.88 -18.00 -24.16
N MET A 485 -27.00 -19.14 -23.48
CA MET A 485 -25.84 -19.93 -23.10
C MET A 485 -25.22 -20.54 -24.35
N ILE A 486 -24.02 -20.10 -24.71
CA ILE A 486 -23.36 -20.51 -25.93
C ILE A 486 -22.00 -21.10 -25.60
N SER A 487 -21.66 -22.19 -26.27
CA SER A 487 -20.33 -22.78 -26.15
C SER A 487 -19.96 -23.39 -27.48
N LYS A 488 -18.77 -23.08 -27.98
CA LYS A 488 -18.34 -23.54 -29.30
C LYS A 488 -17.23 -24.57 -29.17
N CYS A 489 -17.41 -25.71 -29.83
CA CYS A 489 -16.50 -26.84 -29.80
C CYS A 489 -16.07 -27.20 -31.22
N ARG A 490 -15.26 -28.24 -31.33
CA ARG A 490 -14.79 -28.75 -32.61
C ARG A 490 -14.94 -30.25 -32.63
N THR A 491 -15.56 -30.77 -33.69
CA THR A 491 -15.85 -32.19 -33.78
C THR A 491 -14.59 -32.98 -34.10
N LYS A 492 -14.72 -34.31 -34.04
CA LYS A 492 -13.62 -35.18 -34.43
C LYS A 492 -13.26 -34.97 -35.89
N GLU A 493 -14.26 -34.80 -36.75
CA GLU A 493 -13.99 -34.53 -38.16
C GLU A 493 -13.25 -33.22 -38.38
N GLY A 494 -13.25 -32.33 -37.38
CA GLY A 494 -12.58 -31.06 -37.48
C GLY A 494 -13.50 -29.88 -37.72
N ARG A 495 -14.77 -30.13 -38.05
CA ARG A 495 -15.71 -29.04 -38.29
C ARG A 495 -16.06 -28.35 -36.98
N ARG A 496 -15.99 -27.03 -36.99
CA ARG A 496 -16.37 -26.25 -35.82
C ARG A 496 -17.88 -26.28 -35.63
N LYS A 497 -18.32 -26.10 -34.39
CA LYS A 497 -19.72 -26.23 -34.05
C LYS A 497 -20.05 -25.33 -32.87
N THR A 498 -21.29 -24.84 -32.85
CA THR A 498 -21.81 -24.07 -31.74
C THR A 498 -22.85 -24.90 -30.99
N ASN A 499 -23.04 -24.58 -29.72
CA ASN A 499 -23.97 -25.31 -28.86
C ASN A 499 -24.70 -24.33 -27.98
N LEU A 500 -26.02 -24.49 -27.91
CA LEU A 500 -26.91 -23.61 -27.14
C LEU A 500 -27.58 -24.45 -26.06
N TYR A 501 -27.12 -24.28 -24.81
CA TYR A 501 -27.73 -25.00 -23.70
C TYR A 501 -29.06 -24.40 -23.29
N GLY A 502 -29.19 -23.08 -23.33
CA GLY A 502 -30.42 -22.42 -22.93
C GLY A 502 -30.31 -20.92 -22.88
N PHE A 503 -30.93 -20.31 -21.86
CA PHE A 503 -30.95 -18.86 -21.75
C PHE A 503 -30.82 -18.45 -20.29
N ILE A 504 -30.34 -17.23 -20.09
CA ILE A 504 -30.24 -16.60 -18.78
C ILE A 504 -30.84 -15.22 -18.87
N ILE A 505 -31.75 -14.91 -17.95
CA ILE A 505 -32.32 -13.57 -17.85
C ILE A 505 -31.72 -12.91 -16.61
N LYS A 506 -30.90 -11.90 -16.84
CA LYS A 506 -30.31 -11.14 -15.75
C LYS A 506 -31.23 -10.00 -15.34
N GLY A 507 -31.35 -9.80 -14.03
CA GLY A 507 -32.20 -8.76 -13.48
C GLY A 507 -31.40 -7.57 -13.00
N ARG A 508 -32.07 -6.73 -12.19
CA ARG A 508 -31.43 -5.54 -11.66
C ARG A 508 -30.15 -5.93 -10.92
N SER A 509 -29.06 -5.25 -11.26
CA SER A 509 -27.72 -5.62 -10.79
C SER A 509 -26.97 -4.38 -10.29
N HIS A 510 -27.63 -3.56 -9.47
CA HIS A 510 -26.98 -2.41 -8.86
C HIS A 510 -26.12 -2.90 -7.70
N LEU A 511 -24.98 -3.49 -8.06
CA LEU A 511 -24.10 -4.15 -7.12
C LEU A 511 -23.06 -3.16 -6.61
N ARG A 512 -23.13 -2.82 -5.33
CA ARG A 512 -22.17 -1.91 -4.72
C ARG A 512 -21.05 -2.69 -4.02
N ASN A 513 -21.41 -3.53 -3.04
CA ASN A 513 -20.43 -4.34 -2.34
C ASN A 513 -20.12 -5.61 -3.12
N ASP A 514 -18.96 -6.19 -2.82
CA ASP A 514 -18.57 -7.44 -3.46
C ASP A 514 -19.50 -8.59 -3.09
N THR A 515 -20.31 -8.45 -2.05
CA THR A 515 -21.23 -9.49 -1.63
C THR A 515 -22.66 -9.24 -2.09
N ASP A 516 -22.96 -8.07 -2.64
CA ASP A 516 -24.30 -7.80 -3.15
C ASP A 516 -24.67 -8.80 -4.22
N VAL A 517 -25.94 -9.19 -4.25
CA VAL A 517 -26.40 -10.31 -5.07
C VAL A 517 -27.18 -9.78 -6.26
N VAL A 518 -26.83 -10.28 -7.44
CA VAL A 518 -27.60 -10.08 -8.66
C VAL A 518 -28.37 -11.37 -8.91
N ASN A 519 -29.69 -11.25 -9.06
CA ASN A 519 -30.56 -12.39 -9.30
C ASN A 519 -30.82 -12.53 -10.79
N PHE A 520 -30.84 -13.78 -11.26
CA PHE A 520 -31.20 -14.08 -12.63
C PHE A 520 -32.04 -15.36 -12.62
N VAL A 521 -32.64 -15.64 -13.77
CA VAL A 521 -33.40 -16.88 -13.96
C VAL A 521 -32.78 -17.63 -15.13
N SER A 522 -32.48 -18.90 -14.91
CA SER A 522 -31.80 -19.75 -15.88
C SER A 522 -32.74 -20.82 -16.40
N MET A 523 -32.73 -21.00 -17.72
CA MET A 523 -33.52 -22.02 -18.40
C MET A 523 -32.58 -22.87 -19.22
N GLU A 524 -32.67 -24.19 -19.10
CA GLU A 524 -31.77 -25.08 -19.81
C GLU A 524 -32.52 -26.31 -20.31
N PHE A 525 -32.28 -26.67 -21.56
CA PHE A 525 -32.86 -27.87 -22.12
C PHE A 525 -32.18 -29.11 -21.55
N SER A 526 -32.92 -30.21 -21.49
CA SER A 526 -32.35 -31.47 -21.03
C SER A 526 -33.27 -32.60 -21.44
N LEU A 527 -32.76 -33.83 -21.31
CA LEU A 527 -33.56 -35.03 -21.52
C LEU A 527 -33.73 -35.86 -20.26
N THR A 528 -33.02 -35.53 -19.19
CA THR A 528 -33.09 -36.32 -17.96
C THR A 528 -34.42 -36.05 -17.25
N ASP A 529 -35.20 -37.10 -17.07
CA ASP A 529 -36.49 -36.96 -16.40
C ASP A 529 -36.26 -36.61 -14.93
N PRO A 530 -36.88 -35.55 -14.40
CA PRO A 530 -36.69 -35.19 -13.00
C PRO A 530 -37.52 -36.01 -12.02
N ARG A 531 -38.24 -37.02 -12.49
CA ARG A 531 -39.08 -37.85 -11.62
C ARG A 531 -38.32 -38.99 -10.98
N LEU A 532 -37.02 -39.13 -11.27
CA LEU A 532 -36.22 -40.21 -10.73
C LEU A 532 -35.33 -39.79 -9.56
N GLU A 533 -34.86 -38.55 -9.54
CA GLU A 533 -34.06 -38.02 -8.42
C GLU A 533 -34.61 -36.66 -8.02
N PRO A 534 -35.85 -36.61 -7.54
CA PRO A 534 -36.47 -35.31 -7.24
C PRO A 534 -35.72 -34.50 -6.20
N HIS A 535 -35.12 -35.16 -5.21
CA HIS A 535 -34.46 -34.43 -4.14
C HIS A 535 -33.26 -33.61 -4.64
N LYS A 536 -32.72 -33.95 -5.81
CA LYS A 536 -31.62 -33.18 -6.37
C LYS A 536 -32.08 -31.88 -7.02
N TRP A 537 -33.38 -31.73 -7.27
CA TRP A 537 -33.93 -30.57 -7.96
C TRP A 537 -34.91 -29.82 -7.06
N GLU A 538 -34.54 -29.58 -5.81
CA GLU A 538 -35.45 -28.96 -4.86
C GLU A 538 -35.82 -27.55 -5.30
N LYS A 539 -34.86 -26.81 -5.86
CA LYS A 539 -35.04 -25.40 -6.19
C LYS A 539 -35.33 -25.17 -7.67
N TYR A 540 -35.56 -26.22 -8.44
CA TYR A 540 -35.82 -26.11 -9.87
C TYR A 540 -37.30 -26.29 -10.16
N CYS A 541 -37.75 -25.64 -11.23
CA CYS A 541 -39.06 -25.92 -11.84
C CYS A 541 -38.82 -26.48 -13.23
N VAL A 542 -39.35 -27.67 -13.49
CA VAL A 542 -39.07 -28.39 -14.73
C VAL A 542 -40.37 -28.56 -15.52
N LEU A 543 -40.35 -28.10 -16.77
CA LEU A 543 -41.47 -28.21 -17.68
C LEU A 543 -41.17 -29.25 -18.75
N GLU A 544 -42.20 -29.58 -19.53
CA GLU A 544 -42.07 -30.40 -20.73
C GLU A 544 -42.26 -29.51 -21.94
N ILE A 545 -41.22 -29.39 -22.77
CA ILE A 545 -41.24 -28.45 -23.88
C ILE A 545 -41.18 -29.11 -25.25
N GLY A 546 -40.71 -30.36 -25.36
CA GLY A 546 -40.73 -30.97 -26.67
C GLY A 546 -40.35 -32.44 -26.65
N ASP A 547 -40.06 -32.95 -27.84
CA ASP A 547 -39.60 -34.32 -28.02
C ASP A 547 -38.42 -34.33 -28.97
N MET A 548 -37.43 -35.18 -28.69
CA MET A 548 -36.22 -35.26 -29.48
C MET A 548 -36.06 -36.67 -30.04
N LEU A 549 -35.51 -36.76 -31.25
CA LEU A 549 -35.29 -38.03 -31.94
C LEU A 549 -33.80 -38.15 -32.26
N LEU A 550 -33.10 -38.97 -31.49
CA LEU A 550 -31.69 -39.25 -31.73
C LEU A 550 -31.56 -40.65 -32.33
N ARG A 551 -30.75 -40.77 -33.38
CA ARG A 551 -30.63 -42.01 -34.13
C ARG A 551 -30.10 -43.11 -33.23
N SER A 552 -30.89 -44.17 -33.05
CA SER A 552 -30.48 -45.34 -32.29
C SER A 552 -30.99 -46.59 -32.99
N ALA A 553 -30.30 -47.71 -32.74
CA ALA A 553 -30.68 -48.97 -33.36
C ALA A 553 -32.05 -49.47 -32.93
N ILE A 554 -32.58 -48.97 -31.81
CA ILE A 554 -33.91 -49.37 -31.33
C ILE A 554 -34.89 -48.41 -31.99
N GLY A 555 -35.26 -48.73 -33.23
CA GLY A 555 -36.08 -47.82 -34.01
C GLY A 555 -35.53 -46.41 -33.92
N GLN A 556 -36.30 -45.51 -33.29
CA GLN A 556 -35.76 -44.24 -32.86
C GLN A 556 -36.46 -43.84 -31.57
N VAL A 557 -35.68 -43.36 -30.60
CA VAL A 557 -36.15 -43.30 -29.22
C VAL A 557 -37.37 -42.38 -29.10
N SER A 558 -37.30 -41.19 -29.70
CA SER A 558 -38.33 -40.17 -29.54
C SER A 558 -38.54 -39.85 -28.06
N ARG A 559 -37.43 -39.49 -27.41
CA ARG A 559 -37.43 -39.18 -25.98
C ARG A 559 -38.14 -37.86 -25.71
N PRO A 560 -38.66 -37.68 -24.49
CA PRO A 560 -39.13 -36.35 -24.09
C PRO A 560 -37.96 -35.39 -23.93
N MET A 561 -38.26 -34.10 -23.91
CA MET A 561 -37.22 -33.08 -23.84
C MET A 561 -37.76 -31.95 -22.97
N PHE A 562 -37.20 -31.84 -21.77
CA PHE A 562 -37.70 -30.99 -20.71
C PHE A 562 -36.87 -29.71 -20.60
N LEU A 563 -37.41 -28.76 -19.84
CA LEU A 563 -36.76 -27.47 -19.60
C LEU A 563 -36.62 -27.28 -18.09
N TYR A 564 -35.38 -27.26 -17.61
CA TYR A 564 -35.09 -26.96 -16.21
C TYR A 564 -35.02 -25.44 -16.06
N VAL A 565 -35.94 -24.88 -15.29
CA VAL A 565 -36.04 -23.44 -15.06
C VAL A 565 -35.89 -23.17 -13.58
N ARG A 566 -35.03 -22.21 -13.23
CA ARG A 566 -34.85 -21.90 -11.81
C ARG A 566 -34.44 -20.44 -11.66
N THR A 567 -34.62 -19.93 -10.44
CA THR A 567 -34.13 -18.62 -10.04
C THR A 567 -32.83 -18.81 -9.26
N ASN A 568 -31.75 -18.21 -9.75
CA ASN A 568 -30.45 -18.31 -9.11
C ASN A 568 -29.90 -16.90 -8.91
N GLY A 569 -28.77 -16.82 -8.23
CA GLY A 569 -28.14 -15.53 -7.98
C GLY A 569 -26.64 -15.69 -7.83
N THR A 570 -25.93 -14.58 -8.05
CA THR A 570 -24.49 -14.55 -7.90
C THR A 570 -24.08 -13.19 -7.36
N SER A 571 -22.78 -12.96 -7.28
CA SER A 571 -22.24 -11.70 -6.80
C SER A 571 -20.99 -11.37 -7.59
N LYS A 572 -20.53 -10.12 -7.45
CA LYS A 572 -19.35 -9.69 -8.19
C LYS A 572 -18.17 -10.61 -7.94
N ILE A 573 -17.93 -10.97 -6.67
CA ILE A 573 -16.83 -11.87 -6.36
C ILE A 573 -17.04 -13.23 -7.00
N LYS A 574 -18.27 -13.77 -6.90
CA LYS A 574 -18.55 -15.07 -7.48
C LYS A 574 -18.39 -15.03 -9.00
N MET A 575 -18.89 -13.98 -9.64
CA MET A 575 -18.73 -13.86 -11.10
C MET A 575 -17.26 -13.80 -11.48
N LYS A 576 -16.48 -12.98 -10.76
CA LYS A 576 -15.06 -12.85 -11.07
C LYS A 576 -14.33 -14.17 -10.91
N TRP A 577 -14.63 -14.90 -9.84
CA TRP A 577 -13.93 -16.15 -9.61
C TRP A 577 -14.40 -17.27 -10.54
N GLY A 578 -15.67 -17.24 -10.95
CA GLY A 578 -16.14 -18.20 -11.93
C GLY A 578 -15.67 -17.93 -13.33
N MET A 579 -15.31 -16.69 -13.63
CA MET A 579 -14.72 -16.37 -14.92
C MET A 579 -13.22 -16.65 -14.97
N GLU A 580 -12.62 -17.09 -13.88
CA GLU A 580 -11.24 -17.55 -13.85
C GLU A 580 -11.18 -19.05 -13.57
N MET A 581 -12.11 -19.80 -14.14
CA MET A 581 -12.12 -21.24 -13.96
C MET A 581 -11.04 -21.96 -14.75
N ARG A 582 -10.37 -21.26 -15.66
CA ARG A 582 -9.35 -21.92 -16.49
C ARG A 582 -8.11 -22.29 -15.68
N ARG A 583 -7.93 -21.71 -14.49
CA ARG A 583 -6.79 -22.09 -13.66
C ARG A 583 -6.95 -23.46 -13.02
N CYS A 584 -8.14 -24.06 -13.13
CA CYS A 584 -8.27 -25.47 -12.76
C CYS A 584 -7.40 -26.34 -13.66
N LEU A 585 -7.39 -26.03 -14.95
CA LEU A 585 -6.46 -26.70 -15.86
C LEU A 585 -5.03 -26.60 -15.34
N LEU A 586 -4.63 -25.39 -14.94
CA LEU A 586 -3.30 -25.21 -14.38
C LEU A 586 -3.13 -26.15 -13.20
N GLN A 587 -3.86 -25.92 -12.12
CA GLN A 587 -3.73 -26.76 -10.92
C GLN A 587 -3.53 -28.24 -11.28
N SER A 588 -4.47 -28.80 -12.04
CA SER A 588 -4.42 -30.22 -12.36
C SER A 588 -3.13 -30.57 -13.08
N LEU A 589 -2.81 -29.83 -14.14
CA LEU A 589 -1.71 -30.26 -14.98
C LEU A 589 -0.36 -29.95 -14.36
N GLN A 590 -0.31 -28.93 -13.50
CA GLN A 590 0.86 -28.74 -12.66
C GLN A 590 1.09 -29.93 -11.74
N GLN A 591 0.02 -30.46 -11.16
CA GLN A 591 0.18 -31.65 -10.33
C GLN A 591 0.72 -32.82 -11.15
N ILE A 592 0.16 -33.04 -12.34
CA ILE A 592 0.61 -34.15 -13.16
C ILE A 592 2.05 -33.95 -13.61
N GLU A 593 2.41 -32.72 -13.98
CA GLU A 593 3.77 -32.45 -14.43
C GLU A 593 4.76 -32.58 -13.28
N SER A 594 4.33 -32.24 -12.07
CA SER A 594 5.17 -32.49 -10.90
C SER A 594 5.40 -33.98 -10.72
N MET A 595 4.35 -34.79 -10.88
CA MET A 595 4.52 -36.24 -10.84
C MET A 595 5.54 -36.69 -11.87
N ILE A 596 5.39 -36.22 -13.11
CA ILE A 596 6.25 -36.66 -14.19
C ILE A 596 7.70 -36.26 -13.92
N GLU A 597 7.91 -35.02 -13.47
CA GLU A 597 9.27 -34.56 -13.18
C GLU A 597 9.88 -35.33 -12.03
N ALA A 598 9.10 -35.59 -10.98
CA ALA A 598 9.62 -36.34 -9.84
C ALA A 598 10.04 -37.73 -10.27
N GLU A 599 9.23 -38.40 -11.09
CA GLU A 599 9.60 -39.72 -11.56
C GLU A 599 10.79 -39.67 -12.50
N SER A 600 10.89 -38.63 -13.33
CA SER A 600 11.99 -38.50 -14.27
C SER A 600 13.30 -38.10 -13.60
N SER A 601 13.24 -37.52 -12.40
CA SER A 601 14.47 -37.28 -11.66
C SER A 601 15.11 -38.59 -11.23
N VAL A 602 14.35 -39.68 -11.19
CA VAL A 602 14.92 -40.99 -10.86
C VAL A 602 15.66 -41.57 -12.05
N LYS A 603 14.97 -41.75 -13.17
CA LYS A 603 15.58 -42.19 -14.41
C LYS A 603 16.00 -40.97 -15.20
N GLU A 604 17.29 -40.85 -15.51
CA GLU A 604 17.82 -39.63 -16.10
C GLU A 604 17.35 -39.51 -17.55
N LYS A 605 16.06 -39.22 -17.72
CA LYS A 605 15.47 -39.10 -19.05
C LYS A 605 14.03 -38.61 -18.91
N ASP A 606 13.53 -37.86 -19.89
CA ASP A 606 12.14 -37.43 -19.88
C ASP A 606 11.23 -38.65 -20.06
N MET A 607 10.20 -38.73 -19.22
CA MET A 607 9.38 -39.94 -19.11
C MET A 607 7.94 -39.68 -19.53
N THR A 608 7.69 -38.57 -20.22
CA THR A 608 6.32 -38.21 -20.56
C THR A 608 5.73 -39.16 -21.61
N LYS A 609 6.48 -39.43 -22.67
CA LYS A 609 5.92 -40.15 -23.81
C LYS A 609 5.46 -41.55 -23.41
N GLU A 610 6.29 -42.27 -22.66
CA GLU A 610 5.92 -43.63 -22.26
C GLU A 610 4.78 -43.60 -21.24
N PHE A 611 4.77 -42.61 -20.35
CA PHE A 611 3.63 -42.47 -19.45
C PHE A 611 2.33 -42.33 -20.22
N PHE A 612 2.31 -41.49 -21.26
CA PHE A 612 1.06 -41.22 -21.95
C PHE A 612 0.70 -42.26 -22.99
N GLU A 613 1.66 -43.01 -23.53
CA GLU A 613 1.37 -44.03 -24.54
C GLU A 613 1.34 -45.45 -23.97
N ASN A 614 2.42 -45.88 -23.30
CA ASN A 614 2.45 -47.25 -22.80
C ASN A 614 1.37 -47.50 -21.76
N LYS A 615 1.12 -46.52 -20.88
CA LYS A 615 0.06 -46.62 -19.87
C LYS A 615 0.31 -47.80 -18.93
N SER A 616 1.58 -48.18 -18.75
CA SER A 616 1.89 -49.28 -17.85
C SER A 616 1.64 -48.91 -16.40
N GLU A 617 2.19 -47.77 -15.97
CA GLU A 617 1.99 -47.32 -14.60
C GLU A 617 0.59 -46.74 -14.42
N THR A 618 0.00 -47.00 -13.26
CA THR A 618 -1.34 -46.53 -12.96
C THR A 618 -1.40 -46.11 -11.50
N TRP A 619 -2.30 -45.17 -11.20
CA TRP A 619 -2.49 -44.67 -9.86
C TRP A 619 -3.89 -45.00 -9.34
N PRO A 620 -4.05 -45.24 -8.03
CA PRO A 620 -5.41 -45.44 -7.51
C PRO A 620 -6.26 -44.19 -7.65
N ILE A 621 -7.30 -44.25 -8.48
CA ILE A 621 -8.10 -43.07 -8.79
C ILE A 621 -9.58 -43.36 -8.59
N GLY A 622 -9.89 -44.35 -7.78
CA GLY A 622 -11.27 -44.70 -7.50
C GLY A 622 -11.38 -46.12 -7.01
N GLU A 623 -12.53 -46.43 -6.41
CA GLU A 623 -12.80 -47.74 -5.83
C GLU A 623 -14.09 -48.30 -6.41
N SER A 624 -14.04 -49.55 -6.84
CA SER A 624 -15.19 -50.32 -7.29
C SER A 624 -15.56 -51.37 -6.26
N PRO A 625 -16.80 -51.85 -6.27
CA PRO A 625 -17.16 -52.90 -5.30
C PRO A 625 -16.19 -54.06 -5.26
N LYS A 626 -15.55 -54.38 -6.40
CA LYS A 626 -14.49 -55.38 -6.40
C LYS A 626 -13.29 -54.92 -5.58
N GLY A 627 -12.94 -53.64 -5.66
CA GLY A 627 -11.79 -53.14 -4.93
C GLY A 627 -11.36 -51.79 -5.51
N VAL A 628 -10.13 -51.42 -5.17
CA VAL A 628 -9.56 -50.16 -5.64
C VAL A 628 -9.18 -50.32 -7.11
N GLU A 629 -9.56 -49.33 -7.91
CA GLU A 629 -9.29 -49.33 -9.35
C GLU A 629 -8.24 -48.28 -9.68
N GLU A 630 -7.28 -48.67 -10.52
CA GLU A 630 -6.21 -47.78 -10.96
C GLU A 630 -6.37 -47.45 -12.43
N GLY A 631 -6.01 -46.21 -12.78
CA GLY A 631 -6.12 -45.74 -14.15
C GLY A 631 -4.82 -45.11 -14.62
N SER A 632 -4.72 -44.95 -15.93
CA SER A 632 -3.53 -44.39 -16.54
C SER A 632 -3.37 -42.92 -16.12
N ILE A 633 -2.27 -42.31 -16.57
CA ILE A 633 -1.95 -40.95 -16.17
C ILE A 633 -3.00 -39.98 -16.72
N GLY A 634 -3.52 -40.25 -17.92
CA GLY A 634 -4.55 -39.39 -18.48
C GLY A 634 -5.80 -39.35 -17.63
N LYS A 635 -6.22 -40.51 -17.11
CA LYS A 635 -7.37 -40.53 -16.23
C LYS A 635 -7.11 -39.77 -14.95
N VAL A 636 -5.88 -39.82 -14.43
CA VAL A 636 -5.54 -39.00 -13.27
C VAL A 636 -5.64 -37.52 -13.62
N CYS A 637 -5.15 -37.14 -14.80
CA CYS A 637 -5.28 -35.76 -15.25
C CYS A 637 -6.73 -35.33 -15.23
N ARG A 638 -7.60 -36.13 -15.84
CA ARG A 638 -9.02 -35.77 -15.92
C ARG A 638 -9.65 -35.72 -14.53
N THR A 639 -9.29 -36.66 -13.66
CA THR A 639 -9.85 -36.67 -12.31
C THR A 639 -9.46 -35.42 -11.53
N LEU A 640 -8.18 -35.04 -11.59
CA LEU A 640 -7.76 -33.84 -10.88
C LEU A 640 -8.40 -32.60 -11.48
N LEU A 641 -8.53 -32.55 -12.81
CA LEU A 641 -9.19 -31.41 -13.43
C LEU A 641 -10.64 -31.32 -12.97
N ALA A 642 -11.34 -32.44 -12.91
CA ALA A 642 -12.72 -32.43 -12.43
C ALA A 642 -12.79 -32.00 -10.98
N LYS A 643 -11.85 -32.45 -10.15
CA LYS A 643 -11.83 -32.04 -8.75
C LYS A 643 -11.66 -30.54 -8.63
N SER A 644 -10.74 -29.97 -9.40
CA SER A 644 -10.54 -28.52 -9.36
C SER A 644 -11.77 -27.78 -9.86
N VAL A 645 -12.40 -28.29 -10.93
CA VAL A 645 -13.58 -27.64 -11.47
C VAL A 645 -14.70 -27.63 -10.44
N PHE A 646 -14.90 -28.77 -9.76
CA PHE A 646 -15.95 -28.82 -8.74
C PHE A 646 -15.61 -27.97 -7.53
N ASN A 647 -14.32 -27.85 -7.20
CA ASN A 647 -13.92 -26.92 -6.16
C ASN A 647 -14.30 -25.50 -6.53
N SER A 648 -14.09 -25.12 -7.79
CA SER A 648 -14.44 -23.79 -8.24
C SER A 648 -15.95 -23.59 -8.36
N LEU A 649 -16.70 -24.67 -8.59
CA LEU A 649 -18.15 -24.55 -8.76
C LEU A 649 -18.88 -24.54 -7.42
N TYR A 650 -18.54 -25.47 -6.52
CA TYR A 650 -19.18 -25.60 -5.23
C TYR A 650 -18.37 -24.95 -4.11
N ALA A 651 -17.65 -23.88 -4.41
CA ALA A 651 -16.82 -23.23 -3.41
C ALA A 651 -17.68 -22.69 -2.27
N SER A 652 -17.16 -22.78 -1.05
CA SER A 652 -17.87 -22.32 0.13
C SER A 652 -16.95 -22.33 1.34
N PRO A 653 -17.27 -21.61 2.41
CA PRO A 653 -16.42 -21.65 3.61
C PRO A 653 -16.29 -23.05 4.18
N GLN A 654 -17.34 -23.86 4.09
CA GLN A 654 -17.26 -25.25 4.53
C GLN A 654 -16.13 -25.97 3.83
N LEU A 655 -15.99 -25.75 2.52
CA LEU A 655 -14.93 -26.42 1.78
C LEU A 655 -13.56 -26.03 2.30
N GLU A 656 -13.34 -24.74 2.55
CA GLU A 656 -12.03 -24.30 3.05
C GLU A 656 -11.73 -24.89 4.41
N GLY A 657 -12.69 -24.81 5.33
CA GLY A 657 -12.47 -25.33 6.66
C GLY A 657 -12.20 -26.82 6.66
N PHE A 658 -13.02 -27.58 5.93
CA PHE A 658 -12.81 -29.01 5.85
C PHE A 658 -11.48 -29.33 5.21
N SER A 659 -11.12 -28.60 4.15
CA SER A 659 -9.85 -28.87 3.47
C SER A 659 -8.68 -28.70 4.44
N ALA A 660 -8.66 -27.61 5.19
CA ALA A 660 -7.55 -27.40 6.12
C ALA A 660 -7.53 -28.46 7.22
N GLU A 661 -8.67 -28.66 7.90
CA GLU A 661 -8.70 -29.55 9.04
C GLU A 661 -8.60 -31.01 8.65
N SER A 662 -8.82 -31.35 7.37
CA SER A 662 -8.61 -32.70 6.88
C SER A 662 -7.23 -32.89 6.29
N ARG A 663 -6.61 -31.83 5.77
CA ARG A 663 -5.20 -31.92 5.40
C ARG A 663 -4.34 -32.17 6.62
N LYS A 664 -4.69 -31.58 7.76
CA LYS A 664 -3.97 -31.90 8.99
C LYS A 664 -4.01 -33.40 9.28
N LEU A 665 -5.21 -33.98 9.28
CA LEU A 665 -5.33 -35.41 9.57
C LEU A 665 -4.70 -36.26 8.49
N LEU A 666 -4.74 -35.82 7.23
CA LEU A 666 -4.08 -36.54 6.16
C LEU A 666 -2.57 -36.57 6.38
N LEU A 667 -1.99 -35.45 6.82
CA LEU A 667 -0.57 -35.44 7.13
C LEU A 667 -0.26 -36.38 8.28
N ILE A 668 -1.11 -36.39 9.31
CA ILE A 668 -0.89 -37.31 10.43
C ILE A 668 -0.93 -38.75 9.95
N VAL A 669 -1.91 -39.09 9.11
CA VAL A 669 -2.04 -40.46 8.62
C VAL A 669 -0.85 -40.82 7.75
N GLN A 670 -0.37 -39.87 6.93
CA GLN A 670 0.80 -40.12 6.11
C GLN A 670 2.03 -40.38 6.98
N ALA A 671 2.18 -39.61 8.05
CA ALA A 671 3.28 -39.87 8.99
C ALA A 671 3.16 -41.27 9.59
N LEU A 672 1.93 -41.68 9.92
CA LEU A 672 1.73 -43.04 10.43
C LEU A 672 2.16 -44.08 9.40
N ARG A 673 1.74 -43.90 8.16
CA ARG A 673 2.07 -44.86 7.11
C ARG A 673 3.56 -44.88 6.78
N ASP A 674 4.28 -43.81 7.12
CA ASP A 674 5.71 -43.73 6.87
C ASP A 674 6.54 -44.27 8.03
N ASN A 675 5.90 -44.80 9.07
CA ASN A 675 6.61 -45.35 10.22
C ASN A 675 7.43 -44.28 10.92
N LEU A 676 6.77 -43.16 11.25
CA LEU A 676 7.41 -42.03 11.90
C LEU A 676 6.87 -41.79 13.30
N GLU A 677 6.25 -42.78 13.92
CA GLU A 677 5.74 -42.73 15.28
C GLU A 677 4.98 -41.42 15.54
N PRO A 678 3.93 -41.15 14.76
CA PRO A 678 3.17 -39.92 14.96
C PRO A 678 2.46 -39.92 16.30
N GLY A 679 2.26 -38.71 16.83
CA GLY A 679 1.57 -38.55 18.09
C GLY A 679 0.70 -37.31 18.04
N THR A 680 -0.32 -37.31 18.90
CA THR A 680 -1.26 -36.21 18.96
C THR A 680 -1.50 -35.83 20.41
N PHE A 681 -1.81 -34.55 20.63
CA PHE A 681 -2.12 -34.04 21.96
C PHE A 681 -3.62 -34.05 22.25
N ASP A 682 -4.45 -33.73 21.26
CA ASP A 682 -5.90 -33.83 21.40
C ASP A 682 -6.46 -34.16 20.01
N LEU A 683 -6.64 -35.45 19.75
CA LEU A 683 -7.18 -35.87 18.46
C LEU A 683 -8.69 -35.65 18.38
N GLY A 684 -9.38 -35.79 19.51
CA GLY A 684 -10.81 -35.50 19.52
C GLY A 684 -11.11 -34.07 19.13
N GLY A 685 -10.27 -33.13 19.57
CA GLY A 685 -10.46 -31.75 19.17
C GLY A 685 -10.32 -31.57 17.67
N LEU A 686 -9.31 -32.21 17.07
CA LEU A 686 -9.16 -32.14 15.62
C LEU A 686 -10.37 -32.73 14.92
N TYR A 687 -10.86 -33.87 15.40
CA TYR A 687 -12.03 -34.49 14.79
C TYR A 687 -13.25 -33.57 14.86
N GLU A 688 -13.46 -32.95 16.03
CA GLU A 688 -14.57 -32.02 16.17
C GLU A 688 -14.39 -30.81 15.27
N ALA A 689 -13.15 -30.37 15.07
CA ALA A 689 -12.91 -29.26 14.15
C ALA A 689 -13.24 -29.65 12.71
N ILE A 690 -12.93 -30.87 12.32
CA ILE A 690 -13.26 -31.32 10.97
C ILE A 690 -14.77 -31.46 10.80
N GLU A 691 -15.43 -32.07 11.79
CA GLU A 691 -16.83 -32.42 11.64
C GLU A 691 -17.76 -31.20 11.67
N GLU A 692 -17.28 -30.06 12.17
CA GLU A 692 -18.12 -28.87 12.20
C GLU A 692 -18.21 -28.16 10.86
N CYS A 693 -17.34 -28.51 9.90
CA CYS A 693 -17.39 -27.92 8.58
C CYS A 693 -18.39 -28.60 7.66
N LEU A 694 -18.84 -29.81 8.00
CA LEU A 694 -19.76 -30.57 7.16
C LEU A 694 -21.19 -30.24 7.58
N ILE A 695 -21.87 -29.42 6.79
CA ILE A 695 -23.22 -28.99 7.16
C ILE A 695 -24.22 -29.37 6.08
N ASN A 696 -24.12 -28.75 4.90
CA ASN A 696 -25.07 -29.03 3.83
C ASN A 696 -24.49 -28.99 2.43
N ASP A 697 -23.20 -28.76 2.27
CA ASP A 697 -22.68 -28.61 0.92
C ASP A 697 -22.43 -29.99 0.31
N PRO A 698 -23.02 -30.32 -0.85
CA PRO A 698 -22.77 -31.65 -1.43
C PRO A 698 -21.30 -31.94 -1.66
N TRP A 699 -20.53 -30.95 -2.11
CA TRP A 699 -19.14 -31.19 -2.47
C TRP A 699 -18.31 -31.54 -1.24
N VAL A 700 -18.48 -30.80 -0.15
CA VAL A 700 -17.68 -31.08 1.04
C VAL A 700 -18.09 -32.41 1.67
N LEU A 701 -19.38 -32.74 1.63
CA LEU A 701 -19.81 -34.04 2.13
C LEU A 701 -19.23 -35.17 1.30
N LEU A 702 -19.20 -35.00 -0.03
CA LEU A 702 -18.58 -36.01 -0.88
C LEU A 702 -17.09 -36.14 -0.58
N ASN A 703 -16.43 -35.00 -0.33
CA ASN A 703 -15.01 -35.06 0.04
C ASN A 703 -14.81 -35.79 1.35
N ALA A 704 -15.71 -35.56 2.32
CA ALA A 704 -15.61 -36.28 3.59
C ALA A 704 -15.83 -37.78 3.41
N SER A 705 -16.78 -38.16 2.56
CA SER A 705 -16.98 -39.58 2.28
C SER A 705 -15.75 -40.17 1.61
N TRP A 706 -15.14 -39.43 0.69
CA TRP A 706 -13.91 -39.89 0.06
C TRP A 706 -12.80 -40.05 1.11
N PHE A 707 -12.71 -39.12 2.06
CA PHE A 707 -11.71 -39.22 3.10
C PHE A 707 -11.93 -40.44 3.98
N ASN A 708 -13.19 -40.73 4.32
CA ASN A 708 -13.49 -41.93 5.09
C ASN A 708 -13.09 -43.18 4.31
N SER A 709 -13.39 -43.21 3.01
CA SER A 709 -13.01 -44.36 2.21
C SER A 709 -11.49 -44.51 2.14
N PHE A 710 -10.78 -43.39 2.03
CA PHE A 710 -9.32 -43.44 2.00
C PHE A 710 -8.76 -43.96 3.32
N LEU A 711 -9.33 -43.53 4.44
CA LEU A 711 -8.91 -44.06 5.73
C LEU A 711 -9.17 -45.57 5.80
N THR A 712 -10.34 -46.01 5.34
CA THR A 712 -10.65 -47.43 5.37
C THR A 712 -9.67 -48.23 4.53
N HIS A 713 -9.35 -47.75 3.33
CA HIS A 713 -8.41 -48.45 2.47
C HIS A 713 -6.99 -48.31 2.99
N ALA A 714 -6.64 -47.15 3.53
CA ALA A 714 -5.35 -46.97 4.19
C ALA A 714 -5.41 -47.65 5.56
N LEU A 715 -4.35 -47.48 6.36
CA LEU A 715 -4.29 -48.07 7.69
C LEU A 715 -4.38 -49.60 7.61
N ARG A 716 -3.49 -50.17 6.80
CA ARG A 716 -3.46 -51.62 6.60
C ARG A 716 -2.02 -52.11 6.47
N MET B 1 -17.59 -48.15 -11.55
CA MET B 1 -16.44 -47.61 -10.77
C MET B 1 -16.69 -46.15 -10.39
N ASP B 2 -16.43 -45.83 -9.13
CA ASP B 2 -16.60 -44.47 -8.61
C ASP B 2 -15.24 -43.81 -8.47
N VAL B 3 -15.10 -42.63 -9.07
CA VAL B 3 -13.83 -41.91 -9.04
C VAL B 3 -13.66 -41.24 -7.70
N ASN B 4 -12.44 -41.31 -7.16
CA ASN B 4 -12.14 -40.71 -5.86
C ASN B 4 -10.71 -40.19 -5.85
N PRO B 5 -10.50 -38.88 -6.02
CA PRO B 5 -9.12 -38.36 -6.07
C PRO B 5 -8.33 -38.64 -4.80
N THR B 6 -8.97 -38.64 -3.63
CA THR B 6 -8.23 -38.80 -2.38
C THR B 6 -7.45 -40.11 -2.35
N LEU B 7 -7.98 -41.17 -2.98
CA LEU B 7 -7.28 -42.44 -3.00
C LEU B 7 -5.92 -42.33 -3.68
N LEU B 8 -5.70 -41.25 -4.46
CA LEU B 8 -4.39 -41.02 -5.05
C LEU B 8 -3.30 -40.95 -4.00
N PHE B 9 -3.64 -40.57 -2.76
CA PHE B 9 -2.65 -40.50 -1.70
C PHE B 9 -2.15 -41.86 -1.26
N LEU B 10 -2.81 -42.95 -1.67
CA LEU B 10 -2.32 -44.28 -1.33
C LEU B 10 -1.07 -44.67 -2.08
N LYS B 11 -0.76 -43.98 -3.17
CA LYS B 11 0.46 -44.22 -3.94
C LYS B 11 1.41 -43.03 -3.93
N VAL B 12 0.89 -41.82 -3.99
CA VAL B 12 1.69 -40.60 -3.93
C VAL B 12 1.66 -40.11 -2.48
N PRO B 13 2.81 -39.92 -1.82
CA PRO B 13 2.79 -39.40 -0.45
C PRO B 13 1.98 -38.12 -0.33
N ALA B 14 1.52 -37.81 0.89
CA ALA B 14 0.62 -36.68 1.06
C ALA B 14 1.27 -35.37 0.65
N GLN B 15 2.53 -35.16 1.02
CA GLN B 15 3.19 -33.91 0.73
C GLN B 15 3.54 -33.77 -0.75
N ASN B 16 3.81 -34.88 -1.44
CA ASN B 16 4.12 -34.81 -2.86
C ASN B 16 2.91 -34.45 -3.71
N ALA B 17 1.70 -34.52 -3.14
CA ALA B 17 0.49 -34.13 -3.86
C ALA B 17 -0.39 -33.24 -2.98
N ILE B 18 0.22 -32.49 -2.07
CA ILE B 18 -0.54 -31.64 -1.16
C ILE B 18 -1.29 -30.55 -1.90
N SER B 19 -0.82 -30.17 -3.10
CA SER B 19 -1.50 -29.12 -3.86
C SER B 19 -2.96 -29.47 -4.12
N THR B 20 -3.27 -30.76 -4.22
CA THR B 20 -4.64 -31.18 -4.46
C THR B 20 -5.56 -30.84 -3.29
N THR B 21 -5.02 -30.64 -2.09
CA THR B 21 -5.81 -30.37 -0.91
C THR B 21 -6.00 -28.89 -0.64
N PHE B 22 -5.80 -28.03 -1.64
CA PHE B 22 -5.93 -26.58 -1.51
C PHE B 22 -6.97 -26.08 -2.50
N PRO B 23 -8.24 -25.95 -2.08
CA PRO B 23 -9.28 -25.48 -3.01
C PRO B 23 -9.22 -23.98 -3.26
N TYR B 24 -8.11 -23.53 -3.85
CA TYR B 24 -7.89 -22.11 -4.12
C TYR B 24 -8.27 -21.72 -5.54
N THR B 25 -9.23 -22.44 -6.14
CA THR B 25 -9.76 -22.09 -7.45
C THR B 25 -11.17 -21.51 -7.37
N GLY B 26 -11.74 -21.37 -6.18
CA GLY B 26 -13.06 -20.82 -6.00
C GLY B 26 -13.01 -19.54 -5.19
N ASP B 27 -14.18 -18.91 -5.08
CA ASP B 27 -14.27 -17.65 -4.37
C ASP B 27 -13.97 -17.86 -2.89
N PRO B 28 -13.06 -17.11 -2.28
CA PRO B 28 -12.80 -17.26 -0.86
C PRO B 28 -13.93 -16.70 -0.03
N PRO B 29 -14.09 -17.15 1.21
CA PRO B 29 -15.19 -16.64 2.04
C PRO B 29 -15.05 -15.16 2.31
N TYR B 30 -16.19 -14.47 2.33
CA TYR B 30 -16.27 -13.06 2.65
C TYR B 30 -17.30 -12.82 3.73
N SER B 31 -17.06 -11.80 4.55
CA SER B 31 -18.06 -11.31 5.48
C SER B 31 -19.02 -10.37 4.75
N HIS B 32 -20.27 -10.38 5.19
CA HIS B 32 -21.33 -9.63 4.52
C HIS B 32 -21.76 -8.38 5.27
N GLY B 33 -21.88 -8.44 6.60
CA GLY B 33 -22.40 -7.33 7.35
C GLY B 33 -21.47 -6.82 8.45
N THR B 34 -22.04 -6.51 9.61
CA THR B 34 -21.28 -5.91 10.68
C THR B 34 -20.28 -6.89 11.26
N GLY B 35 -19.20 -6.35 11.83
CA GLY B 35 -18.24 -7.13 12.56
C GLY B 35 -18.35 -6.90 14.06
N THR B 36 -19.44 -6.28 14.48
CA THR B 36 -19.61 -5.97 15.90
C THR B 36 -19.70 -7.24 16.74
N GLY B 37 -20.41 -8.25 16.25
CA GLY B 37 -20.51 -9.50 16.99
C GLY B 37 -19.15 -10.12 17.26
N TYR B 38 -18.30 -10.16 16.22
CA TYR B 38 -16.96 -10.72 16.39
C TYR B 38 -16.14 -9.88 17.35
N THR B 39 -16.25 -8.56 17.28
CA THR B 39 -15.49 -7.70 18.19
C THR B 39 -15.89 -7.95 19.63
N MET B 40 -17.21 -8.02 19.90
CA MET B 40 -17.68 -8.28 21.24
C MET B 40 -17.23 -9.66 21.71
N ASP B 41 -17.32 -10.66 20.85
CA ASP B 41 -16.89 -12.00 21.22
C ASP B 41 -15.41 -12.02 21.56
N THR B 42 -14.59 -11.35 20.76
CA THR B 42 -13.16 -11.31 21.03
C THR B 42 -12.86 -10.59 22.35
N VAL B 43 -13.55 -9.49 22.62
CA VAL B 43 -13.33 -8.77 23.87
C VAL B 43 -13.68 -9.66 25.05
N ASN B 44 -14.85 -10.30 25.00
CA ASN B 44 -15.27 -11.16 26.10
C ASN B 44 -14.31 -12.33 26.27
N ARG B 45 -13.88 -12.93 25.17
CA ARG B 45 -12.97 -14.07 25.26
C ARG B 45 -11.63 -13.65 25.85
N THR B 46 -11.10 -12.50 25.43
CA THR B 46 -9.86 -12.01 26.00
C THR B 46 -10.00 -11.71 27.49
N HIS B 47 -11.15 -11.19 27.91
CA HIS B 47 -11.34 -10.87 29.32
C HIS B 47 -11.60 -12.10 30.18
N GLN B 48 -12.14 -13.18 29.62
CA GLN B 48 -12.45 -14.36 30.42
C GLN B 48 -11.30 -15.37 30.46
N TYR B 49 -10.35 -15.27 29.53
CA TYR B 49 -9.11 -16.03 29.67
C TYR B 49 -8.23 -15.50 30.79
N SER B 50 -8.54 -14.32 31.32
CA SER B 50 -7.77 -13.70 32.40
C SER B 50 -8.69 -13.32 33.55
N GLU B 51 -9.77 -14.09 33.74
CA GLU B 51 -10.78 -13.72 34.72
C GLU B 51 -10.21 -13.67 36.13
N LYS B 52 -9.23 -14.50 36.44
CA LYS B 52 -8.70 -14.61 37.80
C LYS B 52 -7.71 -13.50 38.14
N GLY B 53 -7.53 -12.52 37.26
CA GLY B 53 -6.67 -11.39 37.56
C GLY B 53 -7.29 -10.48 38.60
N ARG B 54 -6.87 -9.22 38.63
CA ARG B 54 -7.41 -8.23 39.56
C ARG B 54 -7.96 -7.04 38.79
N TRP B 55 -9.09 -6.52 39.25
CA TRP B 55 -9.79 -5.44 38.58
C TRP B 55 -9.39 -4.09 39.17
N THR B 56 -9.34 -3.08 38.31
CA THR B 56 -9.07 -1.71 38.73
C THR B 56 -9.85 -0.78 37.81
N THR B 57 -9.92 0.49 38.20
CA THR B 57 -10.56 1.52 37.39
C THR B 57 -9.56 2.63 37.15
N ASN B 58 -9.24 2.88 35.88
CA ASN B 58 -8.28 3.92 35.54
C ASN B 58 -8.82 5.28 35.99
N THR B 59 -7.95 6.06 36.64
CA THR B 59 -8.35 7.37 37.12
C THR B 59 -8.47 8.40 36.00
N GLU B 60 -7.82 8.16 34.85
CA GLU B 60 -7.89 9.08 33.74
C GLU B 60 -9.05 8.76 32.80
N THR B 61 -9.09 7.54 32.28
CA THR B 61 -10.15 7.13 31.35
C THR B 61 -11.40 6.62 32.06
N GLY B 62 -11.31 6.30 33.35
CA GLY B 62 -12.46 5.81 34.07
C GLY B 62 -12.97 4.47 33.61
N ALA B 63 -12.16 3.71 32.86
CA ALA B 63 -12.59 2.43 32.34
C ALA B 63 -12.08 1.28 33.22
N PRO B 64 -12.84 0.19 33.32
CA PRO B 64 -12.37 -0.96 34.10
C PRO B 64 -11.29 -1.73 33.35
N GLN B 65 -10.20 -2.04 34.04
CA GLN B 65 -9.08 -2.77 33.46
C GLN B 65 -8.76 -3.98 34.32
N LEU B 66 -8.36 -5.06 33.66
CA LEU B 66 -8.09 -6.34 34.32
C LEU B 66 -6.60 -6.65 34.17
N ASN B 67 -5.91 -6.82 35.29
CA ASN B 67 -4.49 -7.13 35.30
C ASN B 67 -4.30 -8.56 35.77
N PRO B 68 -3.93 -9.51 34.89
CA PRO B 68 -3.72 -10.89 35.34
C PRO B 68 -2.28 -11.22 35.66
N ILE B 69 -1.36 -10.29 35.37
CA ILE B 69 0.05 -10.56 35.54
C ILE B 69 0.31 -10.96 36.98
N ASP B 70 1.20 -11.94 37.16
CA ASP B 70 1.51 -12.50 38.47
C ASP B 70 0.28 -13.09 39.15
N GLY B 71 -0.73 -13.45 38.38
CA GLY B 71 -1.91 -14.07 38.92
C GLY B 71 -1.68 -15.53 39.25
N PRO B 72 -2.73 -16.19 39.73
CA PRO B 72 -2.60 -17.60 40.10
C PRO B 72 -2.16 -18.45 38.92
N LEU B 73 -1.29 -19.41 39.20
CA LEU B 73 -0.79 -20.28 38.15
C LEU B 73 -1.92 -21.15 37.60
N PRO B 74 -1.94 -21.41 36.30
CA PRO B 74 -3.02 -22.23 35.73
C PRO B 74 -2.99 -23.64 36.28
N GLU B 75 -4.19 -24.21 36.44
CA GLU B 75 -4.35 -25.58 36.90
C GLU B 75 -5.02 -26.46 35.85
N ASP B 76 -5.18 -25.96 34.63
CA ASP B 76 -5.78 -26.72 33.54
C ASP B 76 -5.09 -26.31 32.24
N ASN B 77 -5.35 -27.10 31.20
CA ASN B 77 -4.73 -26.88 29.90
C ASN B 77 -5.46 -25.86 29.04
N GLU B 78 -6.49 -25.21 29.59
CA GLU B 78 -7.20 -24.18 28.85
C GLU B 78 -6.32 -22.95 28.67
N PRO B 79 -6.62 -22.11 27.68
CA PRO B 79 -5.80 -20.91 27.48
C PRO B 79 -5.81 -20.02 28.71
N SER B 80 -4.65 -19.43 29.01
CA SER B 80 -4.49 -18.60 30.19
C SER B 80 -3.55 -17.45 29.87
N GLY B 81 -3.89 -16.25 30.33
CA GLY B 81 -3.06 -15.08 30.12
C GLY B 81 -2.35 -14.63 31.38
N TYR B 82 -2.18 -15.54 32.34
CA TYR B 82 -1.55 -15.21 33.62
C TYR B 82 -0.03 -15.37 33.51
N ALA B 83 0.58 -14.44 32.79
CA ALA B 83 2.02 -14.42 32.64
C ALA B 83 2.66 -13.90 33.94
N GLN B 84 3.83 -14.44 34.26
CA GLN B 84 4.55 -14.09 35.47
C GLN B 84 5.71 -13.16 35.12
N THR B 85 5.76 -12.01 35.80
CA THR B 85 6.77 -11.01 35.46
C THR B 85 8.18 -11.55 35.65
N ASP B 86 8.43 -12.21 36.78
CA ASP B 86 9.77 -12.71 37.06
C ASP B 86 10.22 -13.74 36.03
N CYS B 87 9.32 -14.64 35.65
CA CYS B 87 9.68 -15.67 34.68
C CYS B 87 10.08 -15.05 33.34
N VAL B 88 9.31 -14.07 32.86
CA VAL B 88 9.62 -13.46 31.57
C VAL B 88 10.89 -12.64 31.65
N LEU B 89 11.09 -11.93 32.76
CA LEU B 89 12.35 -11.20 32.93
C LEU B 89 13.53 -12.15 32.92
N GLU B 90 13.40 -13.31 33.58
CA GLU B 90 14.46 -14.31 33.56
C GLU B 90 14.68 -14.86 32.16
N ALA B 91 13.60 -15.08 31.40
CA ALA B 91 13.74 -15.55 30.04
C ALA B 91 14.50 -14.54 29.19
N MET B 92 14.17 -13.26 29.33
CA MET B 92 14.87 -12.23 28.59
C MET B 92 16.33 -12.15 29.03
N ALA B 93 16.60 -12.33 30.33
CA ALA B 93 17.98 -12.32 30.81
C ALA B 93 18.78 -13.46 30.20
N PHE B 94 18.19 -14.65 30.13
CA PHE B 94 18.88 -15.78 29.50
C PHE B 94 19.08 -15.53 28.01
N LEU B 95 18.09 -14.92 27.36
CA LEU B 95 18.25 -14.56 25.95
C LEU B 95 19.44 -13.63 25.77
N GLU B 96 19.58 -12.64 26.66
CA GLU B 96 20.72 -11.74 26.59
C GLU B 96 22.02 -12.48 26.84
N GLU B 97 22.04 -13.38 27.83
CA GLU B 97 23.26 -14.10 28.16
C GLU B 97 23.72 -14.97 27.00
N SER B 98 22.78 -15.66 26.33
CA SER B 98 23.15 -16.46 25.18
C SER B 98 23.55 -15.62 23.99
N HIS B 99 23.13 -14.36 23.93
CA HIS B 99 23.47 -13.44 22.84
C HIS B 99 23.93 -12.12 23.45
N PRO B 100 25.12 -12.09 24.02
CA PRO B 100 25.59 -10.85 24.66
C PRO B 100 25.67 -9.70 23.67
N GLY B 101 25.34 -8.51 24.15
CA GLY B 101 25.40 -7.31 23.35
C GLY B 101 24.23 -7.10 22.40
N ILE B 102 23.23 -7.99 22.43
CA ILE B 102 22.10 -7.86 21.51
C ILE B 102 21.29 -6.62 21.84
N PHE B 103 20.87 -6.48 23.10
CA PHE B 103 19.99 -5.39 23.47
C PHE B 103 20.69 -4.04 23.34
N GLU B 104 21.93 -3.94 23.80
CA GLU B 104 22.63 -2.66 23.74
C GLU B 104 22.78 -2.19 22.31
N ASN B 105 23.25 -3.08 21.43
CA ASN B 105 23.40 -2.70 20.03
C ASN B 105 22.05 -2.29 19.45
N SER B 106 21.06 -3.18 19.55
CA SER B 106 19.77 -2.88 18.94
C SER B 106 19.23 -1.55 19.42
N CYS B 107 19.40 -1.26 20.71
CA CYS B 107 18.98 0.03 21.24
C CYS B 107 19.78 1.17 20.63
N LEU B 108 21.07 0.96 20.35
CA LEU B 108 21.86 2.01 19.73
C LEU B 108 21.33 2.36 18.34
N GLU B 109 21.15 1.36 17.49
CA GLU B 109 20.61 1.66 16.15
C GLU B 109 19.19 2.24 16.25
N THR B 110 18.37 1.72 17.16
CA THR B 110 17.03 2.27 17.31
C THR B 110 17.08 3.73 17.76
N MET B 111 18.01 4.07 18.64
CA MET B 111 18.15 5.45 19.08
C MET B 111 18.56 6.36 17.91
N GLU B 112 19.50 5.88 17.09
CA GLU B 112 19.87 6.63 15.89
C GLU B 112 18.63 6.89 15.02
N VAL B 113 17.87 5.83 14.74
CA VAL B 113 16.73 5.96 13.84
C VAL B 113 15.68 6.90 14.43
N VAL B 114 15.39 6.75 15.73
CA VAL B 114 14.36 7.57 16.35
C VAL B 114 14.76 9.04 16.32
N GLN B 115 16.03 9.34 16.59
CA GLN B 115 16.43 10.74 16.62
C GLN B 115 16.70 11.31 15.23
N GLN B 116 16.72 10.49 14.19
CA GLN B 116 16.82 11.00 12.82
C GLN B 116 15.58 10.73 11.98
N THR B 117 14.56 10.07 12.54
CA THR B 117 13.35 9.80 11.79
C THR B 117 12.55 11.08 11.56
N ARG B 118 11.77 11.08 10.49
CA ARG B 118 10.95 12.22 10.09
C ARG B 118 9.48 11.89 10.26
N VAL B 119 8.64 12.93 10.19
CA VAL B 119 7.20 12.74 10.33
C VAL B 119 6.63 12.01 9.12
N ASP B 120 7.13 12.32 7.93
CA ASP B 120 6.55 11.77 6.71
C ASP B 120 6.56 10.25 6.68
N LYS B 121 7.42 9.62 7.48
CA LYS B 121 7.44 8.16 7.53
C LYS B 121 6.10 7.58 7.95
N LEU B 122 5.27 8.36 8.64
CA LEU B 122 3.95 7.88 9.05
C LEU B 122 2.97 7.83 7.88
N THR B 123 3.25 8.54 6.79
CA THR B 123 2.35 8.50 5.64
C THR B 123 2.45 7.17 4.90
N GLN B 124 3.58 6.47 5.05
CA GLN B 124 3.78 5.19 4.37
C GLN B 124 3.09 4.05 5.14
N GLY B 125 1.78 4.17 5.22
CA GLY B 125 0.98 3.16 5.91
C GLY B 125 -0.41 3.08 5.33
N ARG B 126 -1.04 1.93 5.53
CA ARG B 126 -2.40 1.71 5.05
C ARG B 126 -3.42 2.31 6.00
N GLN B 127 -4.69 1.97 5.82
CA GLN B 127 -5.78 2.62 6.55
C GLN B 127 -5.45 2.77 8.03
N THR B 128 -5.76 3.94 8.58
CA THR B 128 -5.60 4.22 9.99
C THR B 128 -6.86 4.91 10.50
N TYR B 129 -7.14 4.72 11.79
CA TYR B 129 -8.37 5.25 12.39
C TYR B 129 -8.17 6.72 12.72
N ASP B 130 -8.70 7.60 11.89
CA ASP B 130 -8.71 9.03 12.19
C ASP B 130 -9.77 9.31 13.25
N TRP B 131 -9.34 9.91 14.36
CA TRP B 131 -10.25 10.29 15.44
C TRP B 131 -10.92 11.63 15.19
N THR B 132 -10.39 12.44 14.29
CA THR B 132 -11.05 13.70 13.96
C THR B 132 -12.42 13.46 13.35
N LEU B 133 -12.59 12.35 12.64
CA LEU B 133 -13.86 11.98 12.03
C LEU B 133 -14.40 10.66 12.55
N ASN B 134 -13.67 9.98 13.43
CA ASN B 134 -14.09 8.69 13.98
C ASN B 134 -14.31 7.67 12.86
N ARG B 135 -13.32 7.53 11.99
CA ARG B 135 -13.47 6.57 10.90
C ARG B 135 -12.10 6.27 10.31
N ASN B 136 -12.02 5.16 9.57
CA ASN B 136 -10.78 4.77 8.92
C ASN B 136 -10.55 5.61 7.68
N GLN B 137 -9.34 6.12 7.54
CA GLN B 137 -8.95 6.94 6.40
C GLN B 137 -7.51 6.64 6.07
N PRO B 138 -7.05 6.99 4.87
CA PRO B 138 -5.65 6.74 4.51
C PRO B 138 -4.71 7.42 5.50
N ALA B 139 -3.55 6.79 5.72
CA ALA B 139 -2.62 7.26 6.73
C ALA B 139 -2.28 8.74 6.54
N ALA B 140 -2.00 9.13 5.29
CA ALA B 140 -1.64 10.52 5.04
C ALA B 140 -2.76 11.47 5.42
N THR B 141 -4.01 11.13 5.05
CA THR B 141 -5.14 11.99 5.37
C THR B 141 -5.32 12.14 6.87
N ALA B 142 -5.26 11.03 7.61
CA ALA B 142 -5.40 11.10 9.06
C ALA B 142 -4.28 11.91 9.68
N LEU B 143 -3.05 11.71 9.22
CA LEU B 143 -1.94 12.49 9.75
C LEU B 143 -2.13 13.97 9.50
N ALA B 144 -2.55 14.32 8.29
CA ALA B 144 -2.77 15.73 7.98
C ALA B 144 -3.87 16.33 8.86
N ASN B 145 -4.97 15.60 9.05
CA ASN B 145 -6.06 16.11 9.88
C ASN B 145 -5.60 16.30 11.31
N THR B 146 -4.87 15.33 11.86
CA THR B 146 -4.39 15.46 13.24
C THR B 146 -3.42 16.62 13.37
N ILE B 147 -2.53 16.80 12.40
CA ILE B 147 -1.60 17.92 12.45
C ILE B 147 -2.35 19.24 12.39
N GLU B 148 -3.37 19.33 11.54
CA GLU B 148 -4.16 20.56 11.45
C GLU B 148 -4.84 20.85 12.78
N VAL B 149 -5.44 19.83 13.40
CA VAL B 149 -6.12 20.03 14.67
C VAL B 149 -5.12 20.47 15.75
N PHE B 150 -3.95 19.83 15.79
CA PHE B 150 -2.95 20.20 16.77
C PHE B 150 -2.51 21.65 16.59
N ARG B 151 -2.24 22.04 15.35
CA ARG B 151 -1.83 23.41 15.08
C ARG B 151 -2.93 24.40 15.46
N SER B 152 -4.19 24.04 15.20
CA SER B 152 -5.29 24.91 15.60
C SER B 152 -5.42 24.99 17.12
N ASN B 153 -5.02 23.95 17.85
CA ASN B 153 -5.11 23.96 19.30
C ASN B 153 -3.89 24.57 19.97
N GLY B 154 -2.80 24.80 19.24
CA GLY B 154 -1.61 25.41 19.80
C GLY B 154 -0.41 24.48 19.91
N LEU B 155 -0.50 23.24 19.43
CA LEU B 155 0.63 22.31 19.49
C LEU B 155 1.31 22.31 18.12
N THR B 156 2.39 23.08 18.02
CA THR B 156 3.07 23.32 16.75
C THR B 156 4.53 22.88 16.80
N ALA B 157 4.89 22.02 17.75
CA ALA B 157 6.25 21.49 17.78
C ALA B 157 6.52 20.59 16.58
N ASN B 158 5.48 19.95 16.04
CA ASN B 158 5.66 19.09 14.89
C ASN B 158 6.14 19.87 13.68
N GLU B 159 6.05 21.20 13.69
CA GLU B 159 6.61 21.99 12.63
C GLU B 159 8.11 21.82 12.51
N SER B 160 8.76 21.28 13.54
CA SER B 160 10.18 20.95 13.45
C SER B 160 10.43 19.85 12.43
N GLY B 161 9.39 19.13 11.99
CA GLY B 161 9.56 18.10 10.99
C GLY B 161 10.14 16.81 11.50
N ARG B 162 10.11 16.60 12.82
CA ARG B 162 10.68 15.42 13.44
C ARG B 162 9.56 14.59 14.07
N LEU B 163 9.63 13.27 13.86
CA LEU B 163 8.63 12.40 14.46
C LEU B 163 8.68 12.43 15.98
N ILE B 164 9.88 12.58 16.55
CA ILE B 164 9.98 12.68 18.00
C ILE B 164 9.25 13.91 18.50
N ASP B 165 9.38 15.04 17.78
CA ASP B 165 8.65 16.23 18.16
C ASP B 165 7.14 16.05 17.99
N PHE B 166 6.72 15.32 16.95
CA PHE B 166 5.30 15.02 16.80
C PHE B 166 4.78 14.22 17.99
N LEU B 167 5.56 13.24 18.45
CA LEU B 167 5.15 12.47 19.63
C LEU B 167 5.15 13.33 20.89
N LYS B 168 6.10 14.27 20.99
CA LYS B 168 6.09 15.20 22.12
C LYS B 168 4.80 16.01 22.13
N ASP B 169 4.40 16.51 20.97
CA ASP B 169 3.13 17.23 20.87
C ASP B 169 1.96 16.33 21.20
N VAL B 170 2.00 15.08 20.75
CA VAL B 170 0.91 14.14 21.03
C VAL B 170 0.75 13.96 22.53
N MET B 171 1.86 13.73 23.23
CA MET B 171 1.79 13.56 24.68
C MET B 171 1.33 14.85 25.36
N GLU B 172 1.83 16.00 24.91
CA GLU B 172 1.39 17.26 25.50
C GLU B 172 -0.11 17.47 25.31
N SER B 173 -0.67 16.96 24.22
CA SER B 173 -2.12 17.06 24.01
C SER B 173 -2.90 16.33 25.09
N MET B 174 -2.29 15.30 25.70
CA MET B 174 -2.98 14.53 26.71
C MET B 174 -3.30 15.35 27.95
N ASP B 175 -2.56 16.44 28.20
CA ASP B 175 -2.71 17.25 29.40
C ASP B 175 -3.49 18.53 29.15
N LYS B 176 -4.25 18.60 28.06
CA LYS B 176 -5.00 19.79 27.71
C LYS B 176 -6.43 19.69 28.24
N GLU B 177 -6.97 20.83 28.68
CA GLU B 177 -8.31 20.85 29.27
C GLU B 177 -9.40 20.70 28.22
N GLU B 178 -9.20 21.26 27.02
CA GLU B 178 -10.27 21.31 26.03
C GLU B 178 -9.63 21.46 24.65
N MET B 179 -9.82 20.47 23.79
CA MET B 179 -9.41 20.55 22.40
C MET B 179 -10.64 20.83 21.52
N GLU B 180 -10.38 21.17 20.26
CA GLU B 180 -11.44 21.50 19.32
C GLU B 180 -11.26 20.72 18.03
N ILE B 181 -12.36 20.20 17.50
CA ILE B 181 -12.37 19.42 16.27
C ILE B 181 -13.43 20.03 15.34
N THR B 182 -13.35 19.63 14.07
CA THR B 182 -14.24 20.12 13.02
C THR B 182 -15.10 18.98 12.51
N THR B 183 -16.38 19.26 12.26
CA THR B 183 -17.28 18.27 11.71
C THR B 183 -18.15 18.91 10.64
N HIS B 184 -18.40 18.17 9.56
CA HIS B 184 -19.24 18.62 8.47
C HIS B 184 -20.53 17.82 8.43
N PHE B 185 -21.63 18.51 8.12
CA PHE B 185 -22.94 17.89 8.04
C PHE B 185 -23.81 18.60 7.01
N LYS B 207 -19.46 24.11 8.44
CA LYS B 207 -18.71 23.27 9.38
C LYS B 207 -18.96 23.71 10.82
N LYS B 208 -18.94 22.74 11.73
CA LYS B 208 -19.20 22.98 13.15
C LYS B 208 -17.95 22.67 13.95
N LYS B 209 -17.60 23.57 14.85
CA LYS B 209 -16.49 23.39 15.78
C LYS B 209 -17.02 22.79 17.07
N GLN B 210 -16.50 21.63 17.45
CA GLN B 210 -16.94 20.93 18.64
C GLN B 210 -15.77 20.84 19.63
N ARG B 211 -16.09 20.89 20.91
CA ARG B 211 -15.09 20.87 21.97
C ARG B 211 -15.07 19.52 22.65
N LEU B 212 -13.87 18.96 22.77
CA LEU B 212 -13.63 17.67 23.43
C LEU B 212 -12.90 17.92 24.73
N ASN B 213 -13.46 17.40 25.83
CA ASN B 213 -12.83 17.54 27.12
C ASN B 213 -11.64 16.58 27.23
N LYS B 214 -11.02 16.54 28.41
CA LYS B 214 -9.83 15.73 28.58
C LYS B 214 -10.13 14.25 28.40
N ARG B 215 -11.13 13.74 29.13
CA ARG B 215 -11.40 12.30 29.11
C ARG B 215 -11.84 11.83 27.73
N SER B 216 -12.68 12.61 27.06
CA SER B 216 -13.17 12.21 25.74
C SER B 216 -12.01 12.12 24.76
N TYR B 217 -11.10 13.10 24.79
CA TYR B 217 -9.94 13.05 23.91
C TYR B 217 -9.01 11.90 24.27
N LEU B 218 -8.85 11.62 25.56
CA LEU B 218 -8.03 10.48 25.97
C LEU B 218 -8.59 9.19 25.36
N ILE B 219 -9.90 8.98 25.49
CA ILE B 219 -10.51 7.77 24.95
C ILE B 219 -10.44 7.75 23.43
N ARG B 220 -10.57 8.91 22.77
CA ARG B 220 -10.47 8.95 21.31
C ARG B 220 -9.05 8.66 20.84
N ALA B 221 -8.04 8.98 21.65
CA ALA B 221 -6.66 8.71 21.28
C ALA B 221 -6.24 7.29 21.66
N LEU B 222 -6.92 6.66 22.61
CA LEU B 222 -6.59 5.32 23.05
C LEU B 222 -7.46 4.24 22.41
N THR B 223 -8.31 4.61 21.45
CA THR B 223 -9.29 3.67 20.91
C THR B 223 -8.79 3.05 19.62
N LEU B 224 -9.37 1.90 19.27
CA LEU B 224 -9.07 1.17 18.05
C LEU B 224 -10.35 0.96 17.26
N ASN B 225 -10.22 0.89 15.94
CA ASN B 225 -11.37 0.63 15.06
C ASN B 225 -11.36 -0.83 14.62
N THR B 226 -12.50 -1.49 14.77
CA THR B 226 -12.61 -2.91 14.51
C THR B 226 -13.36 -3.16 13.20
N MET B 227 -12.83 -4.07 12.38
CA MET B 227 -13.45 -4.47 11.13
C MET B 227 -13.40 -5.98 11.02
N THR B 228 -14.05 -6.50 9.98
CA THR B 228 -14.07 -7.94 9.71
C THR B 228 -13.11 -8.25 8.57
N LYS B 229 -12.29 -9.28 8.77
CA LYS B 229 -11.29 -9.66 7.77
C LYS B 229 -11.94 -10.51 6.69
N ASP B 230 -11.82 -10.08 5.44
CA ASP B 230 -12.35 -10.81 4.30
C ASP B 230 -11.21 -11.45 3.51
N ALA B 231 -11.60 -12.34 2.60
CA ALA B 231 -10.63 -13.05 1.75
C ALA B 231 -9.66 -13.85 2.61
N GLU B 232 -10.17 -14.48 3.66
CA GLU B 232 -9.37 -15.28 4.59
C GLU B 232 -9.69 -16.76 4.33
N ARG B 233 -8.75 -17.47 3.73
CA ARG B 233 -8.95 -18.86 3.34
C ARG B 233 -8.35 -19.78 4.40
N GLY B 234 -9.11 -20.79 4.80
CA GLY B 234 -8.60 -21.82 5.69
C GLY B 234 -9.34 -21.97 7.00
N LYS B 235 -10.55 -21.42 7.08
CA LYS B 235 -11.33 -21.54 8.30
C LYS B 235 -12.79 -21.24 8.01
N LEU B 236 -13.67 -21.91 8.75
CA LEU B 236 -15.11 -21.77 8.53
C LEU B 236 -15.67 -20.47 9.08
N LYS B 237 -15.11 -19.99 10.19
CA LYS B 237 -15.63 -18.82 10.88
C LYS B 237 -14.83 -17.58 10.54
N ARG B 238 -15.49 -16.43 10.55
CA ARG B 238 -14.85 -15.15 10.32
C ARG B 238 -14.24 -14.62 11.60
N ARG B 239 -13.25 -13.74 11.45
CA ARG B 239 -12.55 -13.13 12.56
C ARG B 239 -12.63 -11.61 12.44
N ALA B 240 -12.18 -10.94 13.50
CA ALA B 240 -12.15 -9.48 13.56
C ALA B 240 -10.71 -9.00 13.67
N ILE B 241 -10.44 -7.85 13.05
CA ILE B 241 -9.12 -7.23 13.09
C ILE B 241 -9.30 -5.78 13.51
N ALA B 242 -8.19 -5.17 13.93
CA ALA B 242 -8.21 -3.84 14.51
C ALA B 242 -7.21 -2.94 13.81
N THR B 243 -7.51 -1.64 13.84
CA THR B 243 -6.67 -0.60 13.28
C THR B 243 -6.52 0.52 14.30
N PRO B 244 -5.30 0.89 14.68
CA PRO B 244 -5.13 1.94 15.69
C PRO B 244 -5.17 3.33 15.07
N GLY B 245 -5.08 4.33 15.95
CA GLY B 245 -5.10 5.72 15.54
C GLY B 245 -3.74 6.20 15.08
N MET B 246 -3.62 7.52 14.99
CA MET B 246 -2.37 8.13 14.55
C MET B 246 -1.50 8.63 15.70
N GLN B 247 -2.07 8.85 16.89
CA GLN B 247 -1.26 9.28 18.02
C GLN B 247 -0.30 8.19 18.47
N ILE B 248 -0.70 6.93 18.31
CA ILE B 248 0.05 5.80 18.85
C ILE B 248 0.89 5.09 17.80
N ARG B 249 0.79 5.47 16.52
CA ARG B 249 1.52 4.77 15.48
C ARG B 249 3.00 5.09 15.46
N GLY B 250 3.42 6.28 15.90
CA GLY B 250 4.84 6.58 15.96
C GLY B 250 5.57 5.74 16.99
N PHE B 251 4.99 5.62 18.19
CA PHE B 251 5.58 4.77 19.21
C PHE B 251 5.63 3.32 18.73
N VAL B 252 4.56 2.86 18.08
CA VAL B 252 4.55 1.51 17.54
C VAL B 252 5.65 1.34 16.50
N TYR B 253 5.85 2.36 15.65
CA TYR B 253 6.90 2.29 14.65
C TYR B 253 8.27 2.14 15.31
N PHE B 254 8.53 2.94 16.34
CA PHE B 254 9.83 2.86 17.01
C PHE B 254 10.01 1.51 17.70
N VAL B 255 8.97 1.03 18.38
CA VAL B 255 9.05 -0.25 19.08
C VAL B 255 9.30 -1.38 18.09
N GLU B 256 8.59 -1.36 16.95
CA GLU B 256 8.78 -2.40 15.95
C GLU B 256 10.14 -2.28 15.28
N THR B 257 10.68 -1.08 15.14
CA THR B 257 12.04 -0.93 14.64
C THR B 257 13.02 -1.61 15.60
N LEU B 258 12.87 -1.38 16.89
CA LEU B 258 13.74 -2.04 17.87
C LEU B 258 13.58 -3.56 17.79
N ALA B 259 12.34 -4.03 17.73
CA ALA B 259 12.11 -5.47 17.70
C ALA B 259 12.67 -6.11 16.44
N ARG B 260 12.55 -5.43 15.30
CA ARG B 260 13.13 -5.95 14.06
C ARG B 260 14.65 -5.99 14.15
N SER B 261 15.26 -4.92 14.68
CA SER B 261 16.71 -4.93 14.84
C SER B 261 17.15 -6.06 15.76
N ILE B 262 16.34 -6.38 16.77
CA ILE B 262 16.68 -7.47 17.68
C ILE B 262 16.55 -8.82 16.97
N CYS B 263 15.40 -9.05 16.32
CA CYS B 263 15.15 -10.33 15.68
C CYS B 263 16.13 -10.61 14.56
N GLU B 264 16.60 -9.57 13.87
CA GLU B 264 17.59 -9.77 12.81
C GLU B 264 18.87 -10.39 13.35
N LYS B 265 19.11 -10.27 14.66
CA LYS B 265 20.27 -10.88 15.29
C LYS B 265 19.96 -12.26 15.86
N LEU B 266 18.74 -12.74 15.71
CA LEU B 266 18.33 -14.05 16.22
C LEU B 266 18.05 -14.96 15.03
N GLU B 267 18.77 -16.08 14.95
CA GLU B 267 18.55 -17.04 13.89
C GLU B 267 17.31 -17.91 14.11
N GLN B 268 16.79 -17.95 15.34
CA GLN B 268 15.60 -18.74 15.62
C GLN B 268 14.32 -18.04 15.21
N SER B 269 14.38 -16.75 14.90
CA SER B 269 13.21 -16.00 14.44
C SER B 269 13.09 -16.11 12.93
N GLY B 270 11.85 -16.03 12.45
CA GLY B 270 11.59 -16.13 11.03
C GLY B 270 10.56 -15.14 10.54
N LEU B 271 10.22 -14.16 11.37
CA LEU B 271 9.20 -13.18 11.03
C LEU B 271 9.73 -12.08 10.13
N PRO B 272 10.91 -11.50 10.40
CA PRO B 272 11.41 -10.41 9.56
C PRO B 272 12.06 -10.85 8.25
N VAL B 273 11.92 -12.11 7.85
CA VAL B 273 12.51 -12.60 6.62
C VAL B 273 11.40 -13.01 5.64
N GLY B 274 11.78 -13.45 4.45
CA GLY B 274 10.83 -13.91 3.46
C GLY B 274 10.55 -15.39 3.61
N GLY B 275 9.97 -15.96 2.55
CA GLY B 275 9.63 -17.37 2.58
C GLY B 275 10.82 -18.27 2.35
N ASN B 276 11.63 -17.96 1.33
CA ASN B 276 12.78 -18.81 1.03
C ASN B 276 13.78 -18.81 2.18
N GLU B 277 13.99 -17.65 2.81
CA GLU B 277 14.85 -17.61 4.00
C GLU B 277 14.27 -18.47 5.11
N LYS B 278 12.94 -18.43 5.26
CA LYS B 278 12.29 -19.27 6.26
C LYS B 278 12.59 -20.75 5.99
N LYS B 279 12.46 -21.17 4.73
CA LYS B 279 12.73 -22.56 4.39
C LYS B 279 14.19 -22.92 4.65
N ALA B 280 15.10 -22.02 4.29
CA ALA B 280 16.53 -22.28 4.51
C ALA B 280 16.83 -22.45 5.99
N LYS B 281 16.27 -21.56 6.83
CA LYS B 281 16.52 -21.67 8.26
C LYS B 281 15.89 -22.93 8.84
N LEU B 282 14.70 -23.31 8.36
CA LEU B 282 14.08 -24.54 8.83
C LEU B 282 14.94 -25.75 8.49
N ALA B 283 15.44 -25.80 7.24
CA ALA B 283 16.31 -26.91 6.85
C ALA B 283 17.58 -26.93 7.71
N ASN B 284 18.18 -25.77 7.93
CA ASN B 284 19.39 -25.71 8.73
C ASN B 284 19.14 -26.21 10.15
N VAL B 285 18.03 -25.78 10.77
CA VAL B 285 17.78 -26.18 12.15
C VAL B 285 17.48 -27.67 12.25
N VAL B 286 16.70 -28.21 11.30
CA VAL B 286 16.41 -29.64 11.37
C VAL B 286 17.69 -30.44 11.18
N ARG B 287 18.54 -30.04 10.22
CA ARG B 287 19.79 -30.76 10.02
C ARG B 287 20.67 -30.67 11.26
N LYS B 288 20.76 -29.48 11.87
CA LYS B 288 21.57 -29.31 13.06
C LYS B 288 21.08 -30.21 14.19
N MET B 289 19.76 -30.25 14.40
CA MET B 289 19.22 -31.01 15.52
C MET B 289 19.38 -32.50 15.29
N MET B 290 19.03 -32.99 14.09
CA MET B 290 19.08 -34.42 13.85
C MET B 290 20.53 -34.90 13.68
N THR B 291 21.35 -34.15 12.95
CA THR B 291 22.70 -34.60 12.66
C THR B 291 23.53 -34.70 13.94
N ASN B 292 23.45 -33.68 14.79
CA ASN B 292 24.21 -33.71 16.04
C ASN B 292 23.73 -34.83 16.94
N SER B 293 22.46 -35.20 16.84
CA SER B 293 21.93 -36.31 17.63
C SER B 293 22.59 -37.61 17.19
N GLN B 294 23.10 -38.37 18.16
CA GLN B 294 23.73 -39.64 17.87
C GLN B 294 22.68 -40.73 17.76
N ASP B 295 23.13 -41.97 17.57
CA ASP B 295 22.19 -43.09 17.42
C ASP B 295 21.35 -43.28 18.68
N THR B 296 21.89 -42.93 19.85
CA THR B 296 21.17 -43.19 21.09
C THR B 296 20.03 -42.18 21.30
N GLU B 297 20.21 -40.94 20.85
CA GLU B 297 19.20 -39.90 21.04
C GLU B 297 18.13 -40.01 19.97
N LEU B 298 16.87 -40.00 20.40
CA LEU B 298 15.73 -39.91 19.51
C LEU B 298 15.35 -38.45 19.29
N SER B 299 14.75 -38.18 18.13
CA SER B 299 14.40 -36.83 17.71
C SER B 299 12.93 -36.80 17.30
N PHE B 300 12.21 -35.76 17.70
CA PHE B 300 10.81 -35.61 17.37
C PHE B 300 10.50 -34.17 17.01
N THR B 301 9.71 -33.99 15.96
CA THR B 301 9.29 -32.67 15.51
C THR B 301 7.82 -32.45 15.86
N ILE B 302 7.54 -31.31 16.48
CA ILE B 302 6.19 -30.87 16.82
C ILE B 302 5.84 -29.74 15.88
N THR B 303 4.72 -29.88 15.17
CA THR B 303 4.23 -28.87 14.24
C THR B 303 3.13 -28.07 14.96
N GLY B 304 3.56 -27.11 15.77
CA GLY B 304 2.69 -26.49 16.75
C GLY B 304 2.08 -25.18 16.25
N ASP B 305 0.81 -25.01 16.59
CA ASP B 305 0.10 -23.76 16.41
C ASP B 305 -0.41 -23.29 17.78
N ASN B 306 -0.38 -21.98 17.99
CA ASN B 306 -0.75 -21.40 19.27
C ASN B 306 -2.19 -20.90 19.20
N THR B 307 -3.03 -21.40 20.10
CA THR B 307 -4.43 -20.99 20.14
C THR B 307 -4.56 -19.66 20.87
N LYS B 308 -5.30 -18.74 20.27
CA LYS B 308 -5.55 -17.43 20.86
C LYS B 308 -4.24 -16.73 21.20
N TRP B 309 -3.38 -16.63 20.19
CA TRP B 309 -2.06 -16.06 20.38
C TRP B 309 -2.14 -14.60 20.82
N ASN B 310 -2.90 -13.79 20.10
CA ASN B 310 -2.94 -12.36 20.38
C ASN B 310 -3.75 -12.04 21.63
N GLU B 311 -4.78 -12.82 21.92
CA GLU B 311 -5.66 -12.52 23.04
C GLU B 311 -5.00 -12.77 24.38
N ASN B 312 -3.89 -13.51 24.43
CA ASN B 312 -3.25 -13.89 25.67
C ASN B 312 -1.93 -13.17 25.90
N GLN B 313 -1.59 -12.18 25.08
CA GLN B 313 -0.35 -11.43 25.22
C GLN B 313 -0.66 -10.08 25.85
N ASN B 314 -0.26 -9.91 27.09
CA ASN B 314 -0.60 -8.70 27.85
C ASN B 314 0.38 -7.58 27.52
N PRO B 315 -0.08 -6.38 27.18
CA PRO B 315 0.85 -5.29 26.88
C PRO B 315 1.79 -4.94 28.02
N ARG B 316 1.35 -5.13 29.27
CA ARG B 316 2.23 -4.86 30.40
C ARG B 316 3.48 -5.71 30.32
N MET B 317 3.36 -6.93 29.83
CA MET B 317 4.52 -7.80 29.72
C MET B 317 5.47 -7.31 28.64
N PHE B 318 4.93 -6.78 27.54
CA PHE B 318 5.78 -6.13 26.55
C PHE B 318 6.48 -4.91 27.12
N LEU B 319 5.78 -4.15 27.98
CA LEU B 319 6.45 -3.05 28.67
C LEU B 319 7.62 -3.55 29.50
N ALA B 320 7.42 -4.65 30.23
CA ALA B 320 8.50 -5.22 31.03
C ALA B 320 9.66 -5.64 30.15
N MET B 321 9.37 -6.32 29.04
CA MET B 321 10.44 -6.77 28.15
C MET B 321 11.22 -5.59 27.58
N ILE B 322 10.53 -4.53 27.16
CA ILE B 322 11.27 -3.41 26.59
C ILE B 322 12.06 -2.65 27.65
N THR B 323 11.52 -2.49 28.86
CA THR B 323 12.28 -1.80 29.89
C THR B 323 13.48 -2.62 30.35
N TYR B 324 13.40 -3.95 30.26
CA TYR B 324 14.59 -4.76 30.48
C TYR B 324 15.57 -4.63 29.32
N ILE B 325 15.06 -4.53 28.09
CA ILE B 325 15.92 -4.39 26.92
C ILE B 325 16.66 -3.05 26.97
N THR B 326 15.97 -1.98 27.36
CA THR B 326 16.52 -0.64 27.34
C THR B 326 17.18 -0.25 28.66
N ARG B 327 17.69 -1.23 29.42
CA ARG B 327 18.43 -0.91 30.63
C ARG B 327 19.76 -0.27 30.28
N ASN B 328 20.22 0.63 31.15
CA ASN B 328 21.49 1.33 30.95
C ASN B 328 21.50 2.08 29.62
N GLN B 329 20.42 2.79 29.35
CA GLN B 329 20.25 3.61 28.16
C GLN B 329 19.72 4.97 28.56
N PRO B 330 19.85 5.97 27.69
CA PRO B 330 19.32 7.30 28.03
C PRO B 330 17.85 7.23 28.40
N GLU B 331 17.48 7.98 29.45
CA GLU B 331 16.12 7.89 29.98
C GLU B 331 15.08 8.32 28.95
N TRP B 332 15.42 9.27 28.07
CA TRP B 332 14.46 9.69 27.06
C TRP B 332 14.15 8.55 26.09
N PHE B 333 15.17 7.78 25.71
CA PHE B 333 14.94 6.62 24.85
C PHE B 333 14.01 5.61 25.53
N ARG B 334 14.26 5.34 26.81
CA ARG B 334 13.40 4.41 27.53
C ARG B 334 11.97 4.93 27.58
N ASN B 335 11.79 6.22 27.84
CA ASN B 335 10.45 6.78 27.91
C ASN B 335 9.72 6.67 26.57
N VAL B 336 10.40 7.05 25.48
CA VAL B 336 9.74 7.05 24.18
C VAL B 336 9.42 5.63 23.75
N LEU B 337 10.27 4.66 24.07
CA LEU B 337 9.94 3.27 23.76
C LEU B 337 8.91 2.67 24.70
N SER B 338 8.75 3.22 25.90
CA SER B 338 7.78 2.70 26.85
C SER B 338 6.40 3.29 26.66
N ILE B 339 6.29 4.44 25.99
CA ILE B 339 4.98 5.07 25.82
C ILE B 339 4.01 4.13 25.12
N ALA B 340 4.48 3.38 24.12
CA ALA B 340 3.57 2.54 23.35
C ALA B 340 2.87 1.48 24.19
N PRO B 341 3.58 0.56 24.86
CA PRO B 341 2.86 -0.42 25.69
C PRO B 341 2.02 0.22 26.79
N ILE B 342 2.41 1.41 27.27
CA ILE B 342 1.59 2.09 28.26
C ILE B 342 0.23 2.41 27.68
N MET B 343 0.18 2.84 26.42
CA MET B 343 -1.10 3.13 25.78
C MET B 343 -1.85 1.86 25.40
N PHE B 344 -1.15 0.81 24.96
CA PHE B 344 -1.84 -0.45 24.68
C PHE B 344 -2.46 -1.04 25.94
N SER B 345 -1.81 -0.90 27.09
CA SER B 345 -2.38 -1.44 28.33
C SER B 345 -3.71 -0.78 28.65
N ASN B 346 -3.92 0.45 28.20
CA ASN B 346 -5.17 1.17 28.40
C ASN B 346 -5.98 1.28 27.10
N LYS B 347 -5.65 0.47 26.10
CA LYS B 347 -6.30 0.60 24.80
C LYS B 347 -7.78 0.31 24.90
N MET B 348 -8.57 1.02 24.09
CA MET B 348 -9.98 0.78 23.93
C MET B 348 -10.25 0.34 22.50
N ALA B 349 -11.35 -0.38 22.31
CA ALA B 349 -11.74 -0.90 21.01
C ALA B 349 -13.14 -0.43 20.68
N ARG B 350 -13.32 0.14 19.49
CA ARG B 350 -14.65 0.48 19.01
C ARG B 350 -15.37 -0.81 18.63
N LEU B 351 -16.63 -0.92 19.05
CA LEU B 351 -17.35 -2.17 18.87
C LEU B 351 -17.49 -2.51 17.39
N GLY B 352 -17.80 -1.52 16.55
CA GLY B 352 -17.85 -1.76 15.12
C GLY B 352 -18.92 -0.96 14.40
N LYS B 353 -19.33 -1.44 13.22
CA LYS B 353 -20.31 -0.72 12.42
C LYS B 353 -21.65 -0.63 13.14
N GLY B 354 -22.08 -1.73 13.74
CA GLY B 354 -23.36 -1.76 14.44
C GLY B 354 -24.12 -3.05 14.18
N TYR B 355 -25.45 -2.97 14.17
CA TYR B 355 -26.28 -4.14 13.90
C TYR B 355 -27.47 -3.72 13.05
N MET B 356 -27.82 -4.57 12.09
CA MET B 356 -28.95 -4.32 11.21
C MET B 356 -30.09 -5.27 11.56
N PHE B 357 -31.27 -4.70 11.72
CA PHE B 357 -32.48 -5.44 12.07
C PHE B 357 -33.44 -5.44 10.88
N GLU B 358 -34.25 -6.49 10.79
CA GLU B 358 -35.29 -6.59 9.77
C GLU B 358 -36.61 -6.94 10.41
N SER B 359 -37.68 -6.31 9.92
CA SER B 359 -39.05 -6.60 10.34
C SER B 359 -39.82 -7.05 9.11
N LYS B 360 -40.13 -8.35 9.07
CA LYS B 360 -40.86 -8.91 7.93
C LYS B 360 -42.34 -8.58 7.98
N SER B 361 -42.91 -8.46 9.19
CA SER B 361 -44.32 -8.11 9.30
C SER B 361 -44.60 -6.75 8.67
N MET B 362 -43.76 -5.75 8.99
CA MET B 362 -43.87 -4.44 8.38
C MET B 362 -42.96 -4.27 7.17
N LYS B 363 -42.11 -5.26 6.87
CA LYS B 363 -41.30 -5.26 5.66
C LYS B 363 -40.40 -4.03 5.60
N LEU B 364 -39.48 -3.95 6.55
CA LEU B 364 -38.53 -2.84 6.62
C LEU B 364 -37.23 -3.33 7.23
N ARG B 365 -36.20 -2.49 7.13
CA ARG B 365 -34.92 -2.78 7.75
C ARG B 365 -34.38 -1.51 8.41
N THR B 366 -33.48 -1.72 9.37
CA THR B 366 -32.94 -0.63 10.18
C THR B 366 -31.49 -0.94 10.49
N GLN B 367 -30.70 0.11 10.72
CA GLN B 367 -29.28 -0.03 11.04
C GLN B 367 -29.00 0.82 12.28
N ILE B 368 -28.73 0.16 13.40
CA ILE B 368 -28.41 0.83 14.66
C ILE B 368 -26.90 0.86 14.82
N PRO B 369 -26.29 2.00 15.13
CA PRO B 369 -24.84 2.03 15.35
C PRO B 369 -24.47 1.27 16.61
N ALA B 370 -23.21 0.84 16.65
CA ALA B 370 -22.73 0.05 17.78
C ALA B 370 -22.74 0.86 19.07
N GLU B 371 -22.62 2.19 18.98
CA GLU B 371 -22.54 3.00 20.18
C GLU B 371 -23.80 2.91 21.03
N MET B 372 -24.91 2.45 20.45
CA MET B 372 -26.15 2.29 21.20
C MET B 372 -26.20 0.99 21.99
N LEU B 373 -25.22 0.10 21.83
CA LEU B 373 -25.25 -1.17 22.53
C LEU B 373 -25.23 -1.00 24.04
N ALA B 374 -24.71 0.13 24.53
CA ALA B 374 -24.65 0.33 25.98
C ALA B 374 -26.03 0.53 26.58
N SER B 375 -26.92 1.22 25.87
CA SER B 375 -28.24 1.57 26.40
C SER B 375 -29.40 0.88 25.70
N ILE B 376 -29.21 0.41 24.46
CA ILE B 376 -30.31 -0.20 23.73
C ILE B 376 -30.81 -1.43 24.46
N ASP B 377 -32.13 -1.59 24.49
CA ASP B 377 -32.72 -2.77 25.09
C ASP B 377 -32.26 -4.02 24.35
N LEU B 378 -32.40 -5.17 25.02
CA LEU B 378 -31.91 -6.44 24.51
C LEU B 378 -33.01 -7.30 23.90
N LYS B 379 -34.18 -6.72 23.64
CA LYS B 379 -35.27 -7.49 23.04
C LYS B 379 -35.02 -7.83 21.58
N TYR B 380 -34.21 -7.05 20.88
CA TYR B 380 -33.97 -7.25 19.46
C TYR B 380 -32.89 -8.29 19.18
N PHE B 381 -32.09 -8.65 20.16
CA PHE B 381 -30.93 -9.51 19.95
C PHE B 381 -31.25 -10.95 20.29
N ASN B 382 -30.62 -11.87 19.55
CA ASN B 382 -30.79 -13.29 19.82
C ASN B 382 -30.10 -13.66 21.13
N ASP B 383 -30.23 -14.93 21.52
CA ASP B 383 -29.69 -15.37 22.80
C ASP B 383 -28.17 -15.18 22.86
N SER B 384 -27.47 -15.60 21.80
CA SER B 384 -26.01 -15.49 21.80
C SER B 384 -25.57 -14.03 21.88
N THR B 385 -26.09 -13.19 20.98
CA THR B 385 -25.74 -11.77 21.00
C THR B 385 -26.22 -11.11 22.28
N ARG B 386 -27.40 -11.50 22.77
CA ARG B 386 -27.88 -10.95 24.03
C ARG B 386 -26.88 -11.20 25.15
N LYS B 387 -26.40 -12.43 25.28
CA LYS B 387 -25.46 -12.76 26.33
C LYS B 387 -24.13 -12.05 26.11
N LYS B 388 -23.66 -11.96 24.86
CA LYS B 388 -22.42 -11.25 24.59
C LYS B 388 -22.51 -9.80 25.02
N ILE B 389 -23.62 -9.13 24.69
CA ILE B 389 -23.80 -7.74 25.07
C ILE B 389 -23.89 -7.61 26.58
N GLU B 390 -24.62 -8.52 27.22
CA GLU B 390 -24.74 -8.47 28.68
C GLU B 390 -23.37 -8.60 29.34
N LYS B 391 -22.52 -9.46 28.78
CA LYS B 391 -21.19 -9.66 29.37
C LYS B 391 -20.24 -8.50 29.08
N ILE B 392 -20.37 -7.87 27.92
CA ILE B 392 -19.45 -6.79 27.56
C ILE B 392 -19.89 -5.41 28.03
N ARG B 393 -21.14 -5.25 28.43
CA ARG B 393 -21.63 -3.93 28.82
C ARG B 393 -20.82 -3.30 29.94
N PRO B 394 -20.43 -4.03 30.99
CA PRO B 394 -19.68 -3.38 32.08
C PRO B 394 -18.41 -2.69 31.62
N LEU B 395 -17.83 -3.14 30.52
CA LEU B 395 -16.61 -2.56 29.99
C LEU B 395 -16.85 -1.45 28.99
N LEU B 396 -18.11 -1.10 28.71
CA LEU B 396 -18.42 -0.07 27.72
C LEU B 396 -18.24 1.31 28.35
N ILE B 397 -17.39 2.13 27.73
CA ILE B 397 -17.16 3.50 28.15
C ILE B 397 -17.19 4.37 26.90
N ASP B 398 -18.25 5.17 26.77
CA ASP B 398 -18.38 6.11 25.65
C ASP B 398 -18.39 5.38 24.32
N GLY B 399 -19.17 4.31 24.24
CA GLY B 399 -19.33 3.59 22.99
C GLY B 399 -18.17 2.72 22.58
N THR B 400 -17.18 2.53 23.47
CA THR B 400 -16.04 1.68 23.18
C THR B 400 -15.71 0.85 24.42
N ALA B 401 -15.19 -0.34 24.19
CA ALA B 401 -14.93 -1.30 25.26
C ALA B 401 -13.45 -1.34 25.59
N SER B 402 -13.15 -1.33 26.88
CA SER B 402 -11.76 -1.43 27.32
C SER B 402 -11.23 -2.83 27.07
N LEU B 403 -10.04 -2.91 26.47
CA LEU B 403 -9.42 -4.17 26.10
C LEU B 403 -7.99 -4.24 26.65
N SER B 404 -7.84 -3.91 27.93
CA SER B 404 -6.53 -3.96 28.55
C SER B 404 -5.87 -5.33 28.54
N PRO B 405 -6.57 -6.43 28.79
CA PRO B 405 -5.87 -7.70 29.10
C PRO B 405 -4.87 -8.14 28.04
N GLY B 406 -5.16 -7.95 26.75
CA GLY B 406 -4.27 -8.49 25.75
C GLY B 406 -4.41 -7.79 24.42
N MET B 407 -3.44 -8.08 23.53
CA MET B 407 -3.44 -7.48 22.21
C MET B 407 -4.63 -7.97 21.40
N MET B 408 -5.02 -7.16 20.41
CA MET B 408 -6.20 -7.44 19.59
C MET B 408 -5.83 -8.22 18.33
N MET B 409 -4.97 -7.65 17.48
CA MET B 409 -4.58 -8.34 16.24
C MET B 409 -3.13 -7.98 15.94
N GLY B 410 -2.20 -8.81 16.41
CA GLY B 410 -0.82 -8.78 15.97
C GLY B 410 -0.23 -7.43 15.68
N MET B 411 -0.49 -6.43 16.52
CA MET B 411 0.20 -5.15 16.34
C MET B 411 1.67 -5.28 16.73
N PHE B 412 1.95 -5.96 17.84
CA PHE B 412 3.33 -6.28 18.22
C PHE B 412 3.67 -7.70 17.77
N ASN B 413 3.77 -7.86 16.45
CA ASN B 413 4.22 -9.14 15.90
C ASN B 413 5.65 -9.44 16.31
N MET B 414 6.53 -8.45 16.17
CA MET B 414 7.95 -8.69 16.35
C MET B 414 8.30 -8.96 17.82
N LEU B 415 7.65 -8.26 18.74
CA LEU B 415 7.89 -8.52 20.17
C LEU B 415 7.38 -9.90 20.56
N SER B 416 6.23 -10.31 20.01
CA SER B 416 5.74 -11.66 20.26
C SER B 416 6.73 -12.69 19.73
N THR B 417 7.30 -12.44 18.54
CA THR B 417 8.32 -13.33 18.02
C THR B 417 9.54 -13.36 18.92
N VAL B 418 9.90 -12.21 19.50
CA VAL B 418 11.02 -12.16 20.44
C VAL B 418 10.74 -13.03 21.65
N LEU B 419 9.53 -12.95 22.20
CA LEU B 419 9.18 -13.78 23.35
C LEU B 419 9.25 -15.26 22.99
N GLY B 420 8.70 -15.61 21.83
CA GLY B 420 8.76 -17.01 21.39
C GLY B 420 10.17 -17.50 21.19
N VAL B 421 11.04 -16.65 20.64
CA VAL B 421 12.44 -17.02 20.46
C VAL B 421 13.13 -17.18 21.79
N SER B 422 12.77 -16.34 22.78
CA SER B 422 13.31 -16.54 24.12
C SER B 422 12.91 -17.89 24.67
N ILE B 423 11.64 -18.27 24.49
CA ILE B 423 11.21 -19.59 24.94
C ILE B 423 12.00 -20.68 24.22
N LEU B 424 12.17 -20.54 22.91
CA LEU B 424 12.90 -21.56 22.16
C LEU B 424 14.34 -21.69 22.65
N ASN B 425 15.00 -20.56 22.90
CA ASN B 425 16.39 -20.57 23.34
C ASN B 425 16.54 -21.04 24.78
N LEU B 426 15.48 -20.92 25.59
CA LEU B 426 15.55 -21.36 26.97
C LEU B 426 15.75 -22.86 27.12
N GLY B 427 15.84 -23.61 26.03
CA GLY B 427 16.07 -25.04 26.09
C GLY B 427 17.32 -25.46 25.34
N GLN B 428 18.38 -24.66 25.46
CA GLN B 428 19.63 -24.90 24.74
C GLN B 428 20.49 -25.99 25.38
N LYS B 429 19.94 -26.77 26.31
CA LYS B 429 20.60 -27.82 27.07
C LYS B 429 21.50 -27.24 28.17
N ARG B 430 21.70 -25.92 28.21
CA ARG B 430 22.40 -25.29 29.32
C ARG B 430 21.44 -24.87 30.42
N TYR B 431 20.18 -24.60 30.08
CA TYR B 431 19.15 -24.27 31.06
C TYR B 431 18.23 -25.44 31.36
N THR B 432 18.14 -26.43 30.46
CA THR B 432 17.30 -27.58 30.73
C THR B 432 17.83 -28.39 31.91
N LYS B 433 19.14 -28.51 32.03
CA LYS B 433 19.76 -29.29 33.09
C LYS B 433 19.31 -30.75 33.06
N THR B 434 19.10 -31.28 31.87
CA THR B 434 18.65 -32.66 31.71
C THR B 434 19.08 -33.15 30.34
N THR B 435 19.02 -34.48 30.16
CA THR B 435 19.46 -35.07 28.90
C THR B 435 18.68 -34.51 27.72
N TYR B 436 17.37 -34.33 27.87
CA TYR B 436 16.55 -33.83 26.78
C TYR B 436 16.87 -32.36 26.51
N TRP B 437 16.59 -31.94 25.29
CA TRP B 437 16.76 -30.54 24.89
C TRP B 437 15.90 -30.31 23.66
N TRP B 438 15.74 -29.03 23.30
CA TRP B 438 14.89 -28.68 22.18
C TRP B 438 15.39 -27.41 21.52
N ASP B 439 14.99 -27.24 20.26
CA ASP B 439 15.22 -26.02 19.51
C ASP B 439 14.09 -25.90 18.49
N GLY B 440 14.20 -24.96 17.58
CA GLY B 440 13.22 -24.87 16.51
C GLY B 440 13.11 -23.45 15.98
N LEU B 441 11.98 -23.18 15.34
CA LEU B 441 11.74 -21.89 14.72
C LEU B 441 10.34 -21.40 15.10
N GLN B 442 10.26 -20.11 15.43
CA GLN B 442 9.02 -19.47 15.85
C GLN B 442 8.71 -18.32 14.91
N SER B 443 7.49 -18.30 14.37
CA SER B 443 6.96 -17.11 13.70
C SER B 443 5.55 -16.92 14.21
N SER B 444 5.26 -15.73 14.72
CA SER B 444 4.09 -15.51 15.58
C SER B 444 2.90 -16.37 15.18
N ASP B 445 2.36 -17.09 16.15
CA ASP B 445 1.17 -17.94 16.04
C ASP B 445 1.48 -19.30 15.42
N ASP B 446 2.74 -19.59 15.11
CA ASP B 446 3.13 -20.83 14.44
C ASP B 446 4.55 -21.16 14.84
N PHE B 447 4.84 -22.45 15.00
CA PHE B 447 6.21 -22.83 15.33
C PHE B 447 6.45 -24.29 14.98
N ALA B 448 7.72 -24.59 14.75
CA ALA B 448 8.21 -25.95 14.60
C ALA B 448 9.23 -26.20 15.70
N LEU B 449 9.05 -27.27 16.47
CA LEU B 449 9.90 -27.55 17.63
C LEU B 449 10.53 -28.93 17.47
N ILE B 450 11.84 -28.97 17.33
CA ILE B 450 12.60 -30.22 17.25
C ILE B 450 13.17 -30.49 18.63
N VAL B 451 12.75 -31.59 19.24
CA VAL B 451 13.15 -31.96 20.59
C VAL B 451 13.86 -33.30 20.53
N ASN B 452 15.04 -33.37 21.13
CA ASN B 452 15.83 -34.60 21.17
C ASN B 452 16.00 -35.05 22.61
N ALA B 453 15.98 -36.36 22.80
CA ALA B 453 16.13 -36.95 24.13
C ALA B 453 16.49 -38.43 23.97
N PRO B 454 17.22 -38.99 24.94
CA PRO B 454 17.70 -40.38 24.77
C PRO B 454 16.59 -41.41 24.68
N ASN B 455 15.39 -41.11 25.17
CA ASN B 455 14.31 -42.10 25.17
C ASN B 455 12.98 -41.38 25.06
N HIS B 456 11.94 -42.15 24.72
CA HIS B 456 10.61 -41.56 24.59
C HIS B 456 10.20 -40.83 25.86
N GLU B 457 10.59 -41.35 27.02
CA GLU B 457 10.31 -40.65 28.27
C GLU B 457 10.98 -39.29 28.28
N GLY B 458 12.22 -39.21 27.80
CA GLY B 458 12.89 -37.93 27.73
C GLY B 458 12.19 -36.95 26.80
N ILE B 459 11.72 -37.42 25.64
CA ILE B 459 10.98 -36.56 24.73
C ILE B 459 9.71 -36.06 25.38
N GLN B 460 8.99 -36.96 26.06
CA GLN B 460 7.75 -36.57 26.72
C GLN B 460 8.02 -35.52 27.79
N ALA B 461 9.06 -35.73 28.60
CA ALA B 461 9.40 -34.74 29.63
C ALA B 461 9.79 -33.42 29.02
N GLY B 462 10.57 -33.44 27.94
CA GLY B 462 10.97 -32.20 27.31
C GLY B 462 9.78 -31.41 26.76
N VAL B 463 8.88 -32.09 26.05
CA VAL B 463 7.72 -31.41 25.50
C VAL B 463 6.83 -30.90 26.64
N ASP B 464 6.68 -31.68 27.70
CA ASP B 464 5.86 -31.24 28.83
C ASP B 464 6.44 -29.99 29.47
N ARG B 465 7.76 -29.95 29.68
CA ARG B 465 8.37 -28.77 30.28
C ARG B 465 8.29 -27.57 29.34
N PHE B 466 8.46 -27.80 28.04
CA PHE B 466 8.31 -26.69 27.09
C PHE B 466 6.90 -26.11 27.15
N TYR B 467 5.90 -26.97 27.18
CA TYR B 467 4.52 -26.51 27.28
C TYR B 467 4.29 -25.75 28.58
N ARG B 468 4.82 -26.27 29.68
CA ARG B 468 4.63 -25.62 30.98
C ARG B 468 5.29 -24.24 30.99
N THR B 469 6.50 -24.14 30.46
CA THR B 469 7.17 -22.84 30.39
C THR B 469 6.41 -21.88 29.49
N CYS B 470 5.85 -22.38 28.39
CA CYS B 470 5.03 -21.52 27.54
C CYS B 470 3.83 -20.98 28.30
N LYS B 471 3.19 -21.83 29.10
CA LYS B 471 2.04 -21.37 29.88
C LYS B 471 2.42 -20.35 30.94
N LEU B 472 3.69 -20.29 31.35
CA LEU B 472 4.13 -19.28 32.31
C LEU B 472 4.38 -17.92 31.66
N LEU B 473 4.39 -17.86 30.32
CA LEU B 473 4.61 -16.61 29.60
C LEU B 473 3.37 -16.13 28.89
N GLY B 474 2.20 -16.69 29.22
CA GLY B 474 0.97 -16.28 28.57
C GLY B 474 0.81 -16.81 27.16
N ILE B 475 1.60 -17.80 26.77
CA ILE B 475 1.55 -18.40 25.44
C ILE B 475 0.95 -19.79 25.57
N ASN B 476 -0.04 -20.09 24.74
CA ASN B 476 -0.74 -21.36 24.76
C ASN B 476 -0.49 -22.12 23.47
N MET B 477 -0.37 -23.44 23.59
CA MET B 477 -0.17 -24.32 22.45
C MET B 477 -1.50 -24.98 22.08
N SER B 478 -1.89 -24.85 20.81
CA SER B 478 -3.15 -25.42 20.35
C SER B 478 -2.98 -26.93 20.19
N LYS B 479 -3.55 -27.68 21.13
CA LYS B 479 -3.44 -29.13 21.07
C LYS B 479 -4.24 -29.72 19.91
N LYS B 480 -5.30 -29.03 19.47
CA LYS B 480 -6.13 -29.57 18.39
C LYS B 480 -5.46 -29.42 17.03
N LYS B 481 -4.68 -28.36 16.83
CA LYS B 481 -4.03 -28.10 15.55
C LYS B 481 -2.54 -28.45 15.56
N SER B 482 -2.11 -29.26 16.51
CA SER B 482 -0.70 -29.61 16.65
C SER B 482 -0.53 -31.11 16.72
N TYR B 483 0.60 -31.60 16.20
CA TYR B 483 0.92 -33.01 16.27
C TYR B 483 2.44 -33.18 16.24
N ILE B 484 2.89 -34.31 16.76
CA ILE B 484 4.32 -34.62 16.91
C ILE B 484 4.60 -35.93 16.19
N ASN B 485 5.67 -35.94 15.41
CA ASN B 485 6.12 -37.15 14.72
C ASN B 485 7.64 -37.22 14.81
N ARG B 486 8.25 -38.19 14.14
CA ARG B 486 9.70 -38.22 14.05
C ARG B 486 10.18 -37.16 13.06
N THR B 487 11.37 -36.63 13.33
CA THR B 487 11.93 -35.57 12.50
C THR B 487 12.16 -36.07 11.08
N GLY B 488 11.97 -35.17 10.12
CA GLY B 488 12.07 -35.51 8.72
C GLY B 488 10.81 -35.14 7.96
N THR B 489 9.71 -34.96 8.70
CA THR B 489 8.43 -34.59 8.10
C THR B 489 7.73 -33.62 9.05
N PHE B 490 7.36 -32.46 8.53
CA PHE B 490 6.64 -31.47 9.35
C PHE B 490 6.08 -30.40 8.43
N GLU B 491 5.44 -29.40 9.05
CA GLU B 491 4.83 -28.29 8.34
C GLU B 491 5.15 -27.00 9.06
N PHE B 492 5.17 -25.90 8.30
CA PHE B 492 5.40 -24.57 8.88
C PHE B 492 4.86 -23.53 7.90
N THR B 493 3.79 -22.85 8.28
CA THR B 493 3.20 -21.78 7.48
C THR B 493 3.01 -22.23 6.04
N SER B 494 2.23 -23.31 5.89
CA SER B 494 1.86 -23.86 4.59
C SER B 494 3.08 -24.31 3.78
N PHE B 495 4.23 -24.48 4.44
CA PHE B 495 5.42 -25.06 3.82
C PHE B 495 5.59 -26.46 4.38
N PHE B 496 5.47 -27.47 3.53
CA PHE B 496 5.50 -28.87 3.95
C PHE B 496 6.90 -29.42 3.69
N TYR B 497 7.60 -29.78 4.76
CA TYR B 497 8.94 -30.33 4.67
C TYR B 497 8.85 -31.85 4.79
N ARG B 498 9.37 -32.55 3.79
CA ARG B 498 9.44 -34.02 3.78
C ARG B 498 10.82 -34.37 3.22
N TYR B 499 11.81 -34.49 4.11
CA TYR B 499 13.19 -34.70 3.68
C TYR B 499 13.61 -33.65 2.65
N GLY B 500 13.11 -32.43 2.83
CA GLY B 500 13.31 -31.37 1.86
C GLY B 500 11.98 -30.74 1.50
N PHE B 501 11.96 -29.41 1.39
CA PHE B 501 10.70 -28.71 1.14
C PHE B 501 10.13 -29.10 -0.22
N VAL B 502 8.81 -29.21 -0.27
CA VAL B 502 8.09 -29.60 -1.48
C VAL B 502 7.26 -28.41 -1.94
N ALA B 503 7.29 -28.15 -3.24
CA ALA B 503 6.52 -27.07 -3.81
C ALA B 503 5.02 -27.34 -3.70
N ASN B 504 4.25 -26.26 -3.55
CA ASN B 504 2.80 -26.36 -3.44
C ASN B 504 2.10 -25.79 -4.67
N PHE B 505 2.37 -24.53 -5.01
CA PHE B 505 1.85 -23.88 -6.21
C PHE B 505 0.35 -23.61 -6.11
N SER B 506 -0.31 -24.10 -5.07
CA SER B 506 -1.71 -23.81 -4.87
C SER B 506 -1.94 -22.55 -4.05
N MET B 507 -0.91 -22.08 -3.34
CA MET B 507 -0.98 -20.82 -2.62
C MET B 507 -0.86 -19.63 -3.55
N GLU B 508 -0.17 -19.79 -4.67
CA GLU B 508 0.06 -18.71 -5.62
C GLU B 508 -0.90 -18.73 -6.80
N LEU B 509 -1.80 -19.71 -6.84
CA LEU B 509 -2.76 -19.84 -7.94
C LEU B 509 -3.61 -18.57 -8.09
N PRO B 510 -4.10 -18.00 -7.00
CA PRO B 510 -4.93 -16.78 -7.13
C PRO B 510 -4.21 -15.61 -7.78
N SER B 511 -2.87 -15.64 -7.87
CA SER B 511 -2.09 -14.54 -8.40
C SER B 511 -1.76 -14.72 -9.89
N PHE B 512 -2.43 -15.65 -10.56
CA PHE B 512 -2.14 -15.96 -11.96
C PHE B 512 -3.04 -15.21 -12.93
N GLY B 513 -3.96 -14.37 -12.43
CA GLY B 513 -4.84 -13.60 -13.27
C GLY B 513 -4.32 -12.19 -13.51
N VAL B 514 -5.18 -11.39 -14.13
CA VAL B 514 -4.85 -9.98 -14.33
C VAL B 514 -4.86 -9.28 -12.98
N SER B 515 -3.74 -8.63 -12.64
CA SER B 515 -3.62 -8.02 -11.32
C SER B 515 -4.68 -6.94 -11.12
N GLY B 516 -4.86 -6.08 -12.12
CA GLY B 516 -5.85 -5.03 -12.04
C GLY B 516 -5.26 -3.65 -11.84
N ILE B 517 -4.00 -3.46 -12.24
CA ILE B 517 -3.34 -2.18 -12.14
C ILE B 517 -3.60 -1.39 -13.41
N ASN B 518 -3.12 -1.91 -14.53
CA ASN B 518 -3.37 -1.34 -15.85
C ASN B 518 -2.89 -2.37 -16.87
N GLU B 519 -2.95 -2.01 -18.16
CA GLU B 519 -2.65 -2.98 -19.20
C GLU B 519 -1.19 -3.40 -19.16
N SER B 520 -0.27 -2.46 -19.32
CA SER B 520 1.15 -2.79 -19.29
C SER B 520 1.55 -3.39 -17.95
N ALA B 521 1.06 -2.79 -16.86
CA ALA B 521 1.38 -3.31 -15.53
C ALA B 521 0.87 -4.73 -15.36
N ASP B 522 -0.37 -4.99 -15.80
CA ASP B 522 -0.92 -6.34 -15.66
C ASP B 522 -0.12 -7.34 -16.48
N MET B 523 0.25 -6.99 -17.71
CA MET B 523 1.03 -7.91 -18.53
C MET B 523 2.36 -8.23 -17.86
N SER B 524 3.09 -7.20 -17.44
CA SER B 524 4.39 -7.42 -16.82
C SER B 524 4.26 -8.21 -15.53
N ILE B 525 3.24 -7.89 -14.71
CA ILE B 525 3.07 -8.59 -13.45
C ILE B 525 2.75 -10.06 -13.69
N GLY B 526 1.89 -10.35 -14.67
CA GLY B 526 1.55 -11.74 -14.95
C GLY B 526 2.77 -12.53 -15.40
N VAL B 527 3.54 -11.99 -16.34
CA VAL B 527 4.70 -12.73 -16.83
C VAL B 527 5.73 -12.88 -15.71
N THR B 528 5.92 -11.84 -14.90
CA THR B 528 6.88 -11.93 -13.80
C THR B 528 6.43 -12.92 -12.73
N VAL B 529 5.12 -13.00 -12.47
CA VAL B 529 4.63 -13.97 -11.50
C VAL B 529 4.85 -15.39 -12.03
N ILE B 530 4.58 -15.61 -13.31
CA ILE B 530 4.86 -16.93 -13.89
C ILE B 530 6.33 -17.26 -13.73
N LYS B 531 7.21 -16.30 -14.04
CA LYS B 531 8.64 -16.53 -13.92
C LYS B 531 9.03 -16.88 -12.48
N ASN B 532 8.55 -16.08 -11.52
CA ASN B 532 8.94 -16.29 -10.13
C ASN B 532 8.45 -17.64 -9.62
N ASN B 533 7.19 -17.98 -9.90
CA ASN B 533 6.67 -19.28 -9.48
C ASN B 533 7.37 -20.43 -10.19
N MET B 534 7.93 -20.19 -11.37
CA MET B 534 8.82 -21.18 -11.97
C MET B 534 10.14 -21.29 -11.21
N ILE B 535 10.67 -20.18 -10.71
CA ILE B 535 11.95 -20.21 -10.01
C ILE B 535 11.78 -20.80 -8.62
N ASN B 536 10.76 -20.35 -7.88
CA ASN B 536 10.62 -20.72 -6.47
C ASN B 536 9.73 -21.94 -6.28
N ASN B 537 8.48 -21.86 -6.75
CA ASN B 537 7.49 -22.90 -6.49
C ASN B 537 7.55 -24.05 -7.49
N ASP B 538 8.68 -24.22 -8.17
CA ASP B 538 8.91 -25.40 -9.00
C ASP B 538 7.78 -25.63 -10.00
N LEU B 539 7.35 -24.55 -10.65
CA LEU B 539 6.35 -24.66 -11.70
C LEU B 539 7.00 -25.24 -12.95
N GLY B 540 6.31 -26.21 -13.56
CA GLY B 540 6.84 -26.92 -14.68
C GLY B 540 6.87 -26.10 -15.96
N PRO B 541 7.72 -26.49 -16.91
CA PRO B 541 7.76 -25.74 -18.19
C PRO B 541 6.44 -25.77 -18.95
N ALA B 542 5.88 -26.96 -19.18
CA ALA B 542 4.61 -27.05 -19.90
C ALA B 542 3.50 -26.37 -19.13
N THR B 543 3.50 -26.52 -17.80
CA THR B 543 2.51 -25.81 -16.99
C THR B 543 2.67 -24.31 -17.11
N ALA B 544 3.92 -23.83 -17.16
CA ALA B 544 4.15 -22.40 -17.32
C ALA B 544 3.64 -21.91 -18.68
N GLN B 545 3.87 -22.70 -19.73
CA GLN B 545 3.35 -22.33 -21.05
C GLN B 545 1.82 -22.27 -21.04
N MET B 546 1.18 -23.26 -20.40
CA MET B 546 -0.27 -23.23 -20.29
C MET B 546 -0.73 -22.01 -19.51
N ALA B 547 -0.03 -21.67 -18.43
CA ALA B 547 -0.38 -20.49 -17.66
C ALA B 547 -0.25 -19.23 -18.50
N LEU B 548 0.80 -19.15 -19.30
CA LEU B 548 0.96 -17.99 -20.19
C LEU B 548 -0.19 -17.90 -21.17
N GLN B 549 -0.57 -19.03 -21.77
CA GLN B 549 -1.68 -19.01 -22.73
C GLN B 549 -2.98 -18.57 -22.07
N LEU B 550 -3.29 -19.15 -20.91
CA LEU B 550 -4.53 -18.80 -20.22
C LEU B 550 -4.52 -17.35 -19.77
N PHE B 551 -3.38 -16.86 -19.28
CA PHE B 551 -3.28 -15.47 -18.86
C PHE B 551 -3.48 -14.53 -20.04
N ILE B 552 -2.90 -14.87 -21.19
CA ILE B 552 -3.08 -14.02 -22.37
C ILE B 552 -4.55 -14.02 -22.78
N LYS B 553 -5.20 -15.19 -22.76
CA LYS B 553 -6.61 -15.25 -23.11
C LYS B 553 -7.44 -14.36 -22.19
N ASP B 554 -7.24 -14.50 -20.87
CA ASP B 554 -7.99 -13.70 -19.92
C ASP B 554 -7.68 -12.22 -20.05
N TYR B 555 -6.41 -11.89 -20.31
CA TYR B 555 -6.02 -10.49 -20.50
C TYR B 555 -6.72 -9.87 -21.70
N ARG B 556 -6.75 -10.59 -22.82
CA ARG B 556 -7.43 -10.08 -24.00
C ARG B 556 -8.93 -9.96 -23.77
N TYR B 557 -9.51 -10.93 -23.06
CA TYR B 557 -10.95 -10.89 -22.81
C TYR B 557 -11.33 -9.85 -21.75
N THR B 558 -10.38 -9.40 -20.93
CA THR B 558 -10.66 -8.42 -19.89
C THR B 558 -10.53 -7.00 -20.40
N TYR B 559 -9.47 -6.72 -21.18
CA TYR B 559 -9.22 -5.40 -21.71
C TYR B 559 -9.78 -5.18 -23.10
N ARG B 560 -10.58 -6.13 -23.60
CA ARG B 560 -11.24 -5.98 -24.89
C ARG B 560 -10.23 -5.77 -26.01
N CYS B 561 -9.05 -6.37 -25.88
CA CYS B 561 -7.97 -6.25 -26.85
C CYS B 561 -7.72 -7.63 -27.45
N HIS B 562 -8.47 -7.95 -28.50
CA HIS B 562 -8.34 -9.24 -29.16
C HIS B 562 -7.34 -9.15 -30.31
N ARG B 563 -6.99 -10.33 -30.84
CA ARG B 563 -5.87 -10.42 -31.77
C ARG B 563 -5.96 -9.44 -32.94
N GLY B 564 -7.16 -8.95 -33.24
CA GLY B 564 -7.35 -7.98 -34.32
C GLY B 564 -7.70 -8.61 -35.65
N ASP B 565 -7.17 -9.80 -35.92
CA ASP B 565 -7.52 -10.54 -37.13
C ASP B 565 -8.79 -11.37 -36.95
N THR B 566 -9.40 -11.33 -35.77
CA THR B 566 -10.64 -12.04 -35.50
C THR B 566 -11.83 -11.12 -35.74
N GLN B 567 -13.02 -11.72 -35.71
CA GLN B 567 -14.28 -10.99 -35.88
C GLN B 567 -15.06 -10.95 -34.57
N ILE B 568 -14.36 -10.78 -33.46
CA ILE B 568 -15.00 -10.67 -32.14
C ILE B 568 -15.37 -9.21 -31.95
N GLN B 569 -16.64 -8.90 -32.11
CA GLN B 569 -17.10 -7.52 -31.95
C GLN B 569 -17.14 -7.15 -30.48
N THR B 570 -16.46 -6.07 -30.13
CA THR B 570 -16.44 -5.51 -28.79
C THR B 570 -16.57 -4.00 -28.88
N ARG B 571 -16.52 -3.33 -27.73
CA ARG B 571 -16.52 -1.88 -27.70
C ARG B 571 -15.21 -1.28 -28.19
N ARG B 572 -14.18 -2.11 -28.38
CA ARG B 572 -12.86 -1.63 -28.78
C ARG B 572 -12.33 -2.37 -30.01
N SER B 573 -13.16 -3.15 -30.68
CA SER B 573 -12.72 -3.97 -31.81
C SER B 573 -12.59 -3.19 -33.10
N PHE B 574 -13.13 -1.97 -33.17
CA PHE B 574 -13.07 -1.22 -34.42
C PHE B 574 -11.75 -0.47 -34.54
N GLU B 575 -11.41 0.33 -33.54
CA GLU B 575 -10.13 1.04 -33.56
C GLU B 575 -8.97 0.07 -33.63
N ILE B 576 -9.06 -1.05 -32.90
CA ILE B 576 -8.02 -2.06 -32.95
C ILE B 576 -7.88 -2.61 -34.36
N LYS B 577 -8.99 -2.89 -35.03
CA LYS B 577 -8.93 -3.43 -36.38
C LYS B 577 -8.35 -2.43 -37.37
N LYS B 578 -8.70 -1.15 -37.25
CA LYS B 578 -8.09 -0.18 -38.16
C LYS B 578 -6.61 0.00 -37.89
N LEU B 579 -6.20 -0.04 -36.62
CA LEU B 579 -4.78 -0.01 -36.31
C LEU B 579 -4.08 -1.23 -36.90
N TRP B 580 -4.73 -2.39 -36.84
CA TRP B 580 -4.17 -3.60 -37.42
C TRP B 580 -3.98 -3.46 -38.93
N GLU B 581 -5.03 -3.01 -39.63
CA GLU B 581 -4.93 -2.86 -41.07
C GLU B 581 -3.98 -1.74 -41.48
N GLN B 582 -3.78 -0.74 -40.61
CA GLN B 582 -2.86 0.34 -40.92
C GLN B 582 -1.41 -0.09 -40.79
N THR B 583 -1.11 -0.93 -39.80
CA THR B 583 0.26 -1.34 -39.54
C THR B 583 0.76 -2.28 -40.63
N ARG B 584 2.03 -2.14 -40.99
CA ARG B 584 2.66 -3.02 -41.97
C ARG B 584 3.29 -4.24 -41.32
N SER B 585 4.15 -4.01 -40.31
CA SER B 585 4.75 -5.10 -39.55
C SER B 585 3.86 -5.35 -38.33
N LYS B 586 2.83 -6.16 -38.52
CA LYS B 586 1.84 -6.40 -37.47
C LYS B 586 2.38 -7.25 -36.32
N ALA B 587 3.56 -7.85 -36.48
CA ALA B 587 4.13 -8.63 -35.39
C ALA B 587 4.65 -7.78 -34.26
N GLY B 588 4.76 -6.46 -34.44
CA GLY B 588 5.28 -5.59 -33.41
C GLY B 588 4.20 -4.97 -32.54
N LEU B 589 2.95 -5.16 -32.91
CA LEU B 589 1.85 -4.62 -32.13
C LEU B 589 1.76 -5.31 -30.77
N LEU B 590 1.51 -4.51 -29.74
CA LEU B 590 1.37 -5.06 -28.39
C LEU B 590 0.04 -5.79 -28.26
N VAL B 591 0.00 -6.76 -27.35
CA VAL B 591 -1.24 -7.50 -27.10
C VAL B 591 -2.33 -6.54 -26.65
N SER B 592 -1.97 -5.45 -25.99
CA SER B 592 -2.94 -4.43 -25.59
C SER B 592 -3.57 -3.76 -26.79
N ASP B 593 -2.87 -3.70 -27.93
CA ASP B 593 -3.39 -3.07 -29.14
C ASP B 593 -3.84 -4.11 -30.17
N GLY B 594 -4.00 -5.36 -29.76
CA GLY B 594 -4.47 -6.39 -30.66
C GLY B 594 -3.39 -6.94 -31.55
N GLY B 595 -2.28 -7.36 -30.95
CA GLY B 595 -1.18 -7.93 -31.69
C GLY B 595 -0.87 -9.34 -31.20
N PRO B 596 -0.05 -10.07 -31.96
CA PRO B 596 0.31 -11.43 -31.57
C PRO B 596 1.18 -11.44 -30.32
N ASN B 597 1.14 -12.56 -29.62
CA ASN B 597 1.90 -12.76 -28.39
C ASN B 597 3.17 -13.53 -28.71
N LEU B 598 4.31 -12.92 -28.45
CA LEU B 598 5.61 -13.54 -28.70
C LEU B 598 6.26 -14.09 -27.43
N TYR B 599 5.53 -14.08 -26.31
CA TYR B 599 6.11 -14.53 -25.05
C TYR B 599 6.30 -16.04 -25.05
N ASN B 600 7.28 -16.49 -24.28
CA ASN B 600 7.57 -17.90 -24.10
C ASN B 600 8.43 -18.05 -22.85
N ILE B 601 8.78 -19.30 -22.52
CA ILE B 601 9.54 -19.55 -21.30
C ILE B 601 10.84 -18.77 -21.31
N ARG B 602 11.42 -18.53 -22.48
CA ARG B 602 12.67 -17.78 -22.57
C ARG B 602 12.47 -16.27 -22.47
N ASN B 603 11.25 -15.78 -22.67
CA ASN B 603 10.98 -14.34 -22.75
C ASN B 603 10.18 -13.83 -21.55
N LEU B 604 10.09 -14.61 -20.47
CA LEU B 604 9.27 -14.21 -19.34
C LEU B 604 9.89 -13.09 -18.51
N HIS B 605 11.15 -12.75 -18.74
CA HIS B 605 11.84 -11.73 -17.96
C HIS B 605 12.09 -10.45 -18.77
N ILE B 606 11.36 -10.26 -19.87
CA ILE B 606 11.54 -9.12 -20.76
C ILE B 606 10.21 -8.37 -20.82
N PRO B 607 10.20 -7.05 -20.68
CA PRO B 607 8.95 -6.31 -20.88
C PRO B 607 8.45 -6.44 -22.31
N GLU B 608 7.12 -6.35 -22.46
CA GLU B 608 6.52 -6.53 -23.78
C GLU B 608 7.01 -5.48 -24.76
N VAL B 609 7.14 -4.24 -24.32
CA VAL B 609 7.53 -3.16 -25.23
C VAL B 609 8.90 -3.43 -25.81
N CYS B 610 9.86 -3.85 -24.98
CA CYS B 610 11.22 -4.08 -25.45
C CYS B 610 11.34 -5.36 -26.27
N LEU B 611 10.49 -6.35 -26.00
CA LEU B 611 10.51 -7.58 -26.79
C LEU B 611 10.02 -7.34 -28.21
N LYS B 612 9.11 -6.38 -28.40
CA LYS B 612 8.55 -6.07 -29.72
C LYS B 612 9.10 -4.77 -30.28
N TRP B 613 10.17 -4.23 -29.70
CA TRP B 613 10.66 -2.92 -30.12
C TRP B 613 11.13 -2.94 -31.56
N GLU B 614 11.91 -3.95 -31.94
CA GLU B 614 12.48 -4.00 -33.29
C GLU B 614 11.46 -4.34 -34.37
N LEU B 615 10.27 -4.83 -33.98
CA LEU B 615 9.24 -5.19 -34.95
C LEU B 615 8.21 -4.08 -35.15
N MET B 616 8.16 -3.09 -34.27
CA MET B 616 7.18 -2.03 -34.39
C MET B 616 7.53 -1.09 -35.54
N ASP B 617 6.50 -0.57 -36.19
CA ASP B 617 6.67 0.50 -37.16
C ASP B 617 6.96 1.80 -36.44
N GLU B 618 7.83 2.63 -37.04
CA GLU B 618 8.27 3.84 -36.35
C GLU B 618 7.09 4.75 -36.03
N ASP B 619 6.09 4.81 -36.90
CA ASP B 619 4.92 5.64 -36.60
C ASP B 619 4.18 5.14 -35.37
N TYR B 620 3.88 3.84 -35.32
CA TYR B 620 3.19 3.28 -34.16
C TYR B 620 4.08 3.33 -32.93
N GLN B 621 5.38 3.11 -33.10
CA GLN B 621 6.29 3.18 -31.97
C GLN B 621 6.31 4.59 -31.37
N GLY B 622 6.38 5.61 -32.21
CA GLY B 622 6.36 6.97 -31.71
C GLY B 622 5.03 7.36 -31.08
N ARG B 623 3.91 6.94 -31.69
CA ARG B 623 2.61 7.24 -31.10
C ARG B 623 2.46 6.56 -29.75
N LEU B 624 2.95 5.33 -29.62
CA LEU B 624 2.81 4.59 -28.37
C LEU B 624 3.61 5.25 -27.25
N CYS B 625 4.92 5.36 -27.44
CA CYS B 625 5.81 5.86 -26.39
C CYS B 625 6.07 7.35 -26.60
N ASN B 626 5.02 8.14 -26.41
CA ASN B 626 5.09 9.59 -26.56
C ASN B 626 5.02 10.23 -25.18
N PRO B 627 6.04 10.98 -24.74
CA PRO B 627 5.96 11.58 -23.40
C PRO B 627 4.76 12.49 -23.21
N LEU B 628 4.34 13.20 -24.25
CA LEU B 628 3.21 14.12 -24.18
C LEU B 628 1.87 13.41 -24.10
N ASN B 629 1.81 12.09 -23.98
CA ASN B 629 0.53 11.40 -23.92
C ASN B 629 -0.25 11.87 -22.69
N PRO B 630 -1.55 12.09 -22.79
CA PRO B 630 -2.33 12.54 -21.64
C PRO B 630 -2.74 11.45 -20.67
N PHE B 631 -2.29 10.21 -20.87
CA PHE B 631 -2.68 9.07 -20.05
C PHE B 631 -1.68 8.77 -18.94
N VAL B 632 -0.39 8.81 -19.24
CA VAL B 632 0.63 8.46 -18.25
C VAL B 632 0.65 9.52 -17.16
N SER B 633 0.63 9.08 -15.91
CA SER B 633 0.73 9.97 -14.75
C SER B 633 1.62 9.32 -13.71
N HIS B 634 2.67 10.03 -13.30
CA HIS B 634 3.60 9.57 -12.29
C HIS B 634 3.58 10.54 -11.13
N LYS B 635 3.41 10.01 -9.91
CA LYS B 635 3.27 10.84 -8.72
C LYS B 635 4.57 10.94 -7.93
N GLU B 636 5.13 9.79 -7.54
CA GLU B 636 6.33 9.77 -6.70
C GLU B 636 7.22 8.62 -7.11
N ILE B 637 8.46 8.67 -6.64
CA ILE B 637 9.43 7.61 -6.92
C ILE B 637 8.95 6.29 -6.34
N GLU B 638 8.18 6.33 -5.26
CA GLU B 638 7.73 5.10 -4.62
C GLU B 638 6.69 4.37 -5.46
N SER B 639 5.84 5.11 -6.18
CA SER B 639 4.73 4.54 -6.92
C SER B 639 4.99 4.50 -8.42
N VAL B 640 6.26 4.34 -8.84
CA VAL B 640 6.57 4.30 -10.25
C VAL B 640 6.23 2.94 -10.84
N ASN B 641 6.87 1.89 -10.34
CA ASN B 641 6.66 0.53 -10.83
C ASN B 641 6.52 -0.43 -9.67
N ASN B 642 5.77 -0.02 -8.64
CA ASN B 642 5.48 -0.84 -7.48
C ASN B 642 3.98 -1.10 -7.43
N ALA B 643 3.61 -2.38 -7.35
CA ALA B 643 2.21 -2.78 -7.31
C ALA B 643 1.95 -3.54 -6.01
N VAL B 644 0.90 -3.16 -5.30
CA VAL B 644 0.55 -3.77 -4.02
C VAL B 644 -0.44 -4.89 -4.30
N MET B 645 0.04 -6.14 -4.25
CA MET B 645 -0.82 -7.31 -4.43
C MET B 645 -0.92 -8.04 -3.09
N MET B 646 -2.11 -8.06 -2.54
CA MET B 646 -2.35 -8.79 -1.29
C MET B 646 -2.31 -10.29 -1.57
N PRO B 647 -1.25 -11.00 -1.19
CA PRO B 647 -1.20 -12.42 -1.50
C PRO B 647 -2.18 -13.23 -0.68
N ALA B 648 -2.63 -14.34 -1.25
CA ALA B 648 -3.51 -15.24 -0.53
C ALA B 648 -2.78 -15.88 0.64
N HIS B 649 -3.43 -15.91 1.80
CA HIS B 649 -2.85 -16.51 3.00
C HIS B 649 -1.56 -15.79 3.41
N GLY B 650 -1.62 -14.46 3.46
CA GLY B 650 -0.49 -13.67 3.89
C GLY B 650 -0.81 -12.19 3.96
N PRO B 651 0.10 -11.41 4.53
CA PRO B 651 -0.11 -9.97 4.62
C PRO B 651 0.15 -9.27 3.29
N ALA B 652 -0.38 -8.06 3.19
CA ALA B 652 -0.23 -7.28 1.96
C ALA B 652 1.24 -7.10 1.61
N LYS B 653 1.56 -7.29 0.33
CA LYS B 653 2.93 -7.23 -0.14
C LYS B 653 3.01 -6.37 -1.39
N ASN B 654 4.20 -5.84 -1.64
CA ASN B 654 4.49 -4.99 -2.79
C ASN B 654 5.48 -5.69 -3.70
N MET B 655 5.33 -5.50 -5.00
CA MET B 655 6.20 -6.11 -5.99
C MET B 655 6.71 -5.06 -6.97
N GLU B 656 7.99 -5.17 -7.29
CA GLU B 656 8.60 -4.42 -8.39
C GLU B 656 8.32 -5.15 -9.69
N TYR B 657 7.66 -4.48 -10.63
CA TYR B 657 7.37 -5.04 -11.95
C TYR B 657 8.05 -4.20 -13.01
N ASP B 658 8.73 -4.88 -13.94
CA ASP B 658 9.42 -4.19 -15.03
C ASP B 658 8.42 -3.81 -16.11
N ALA B 659 8.36 -2.51 -16.42
CA ALA B 659 7.46 -2.03 -17.45
C ALA B 659 8.00 -0.74 -18.03
N VAL B 660 7.68 -0.50 -19.29
CA VAL B 660 8.05 0.71 -19.99
C VAL B 660 6.85 1.66 -20.01
N ALA B 661 7.09 2.93 -19.70
CA ALA B 661 6.02 3.92 -19.64
C ALA B 661 5.47 4.14 -21.04
N THR B 662 4.32 3.54 -21.33
CA THR B 662 3.64 3.68 -22.60
C THR B 662 2.30 4.38 -22.39
N THR B 663 1.59 4.59 -23.50
CA THR B 663 0.26 5.16 -23.42
C THR B 663 -0.73 4.24 -22.72
N HIS B 664 -0.37 2.97 -22.51
CA HIS B 664 -1.22 2.01 -21.81
C HIS B 664 -1.02 2.04 -20.30
N SER B 665 -0.16 2.90 -19.79
CA SER B 665 0.13 2.98 -18.35
C SER B 665 -0.85 3.89 -17.62
N TRP B 666 -2.03 4.12 -18.18
CA TRP B 666 -3.03 4.94 -17.53
C TRP B 666 -3.35 4.40 -16.13
N ILE B 667 -3.95 5.26 -15.31
CA ILE B 667 -4.44 4.87 -13.99
C ILE B 667 -5.96 4.84 -14.06
N PRO B 668 -6.63 3.90 -13.41
CA PRO B 668 -8.07 3.73 -13.58
C PRO B 668 -8.86 4.80 -12.82
N LYS B 669 -10.17 4.77 -13.05
CA LYS B 669 -11.08 5.71 -12.42
C LYS B 669 -11.14 5.49 -10.91
N ARG B 670 -11.43 6.55 -10.17
CA ARG B 670 -11.57 6.48 -8.74
C ARG B 670 -13.02 6.19 -8.35
N ASN B 671 -13.27 6.10 -7.05
CA ASN B 671 -14.57 5.61 -6.58
C ASN B 671 -15.71 6.54 -7.00
N ARG B 672 -15.58 7.83 -6.73
CA ARG B 672 -16.54 8.87 -7.11
C ARG B 672 -17.80 8.87 -6.26
N SER B 673 -17.88 8.07 -5.21
CA SER B 673 -19.07 8.06 -4.36
C SER B 673 -19.02 9.12 -3.27
N ILE B 674 -17.91 9.85 -3.12
CA ILE B 674 -17.82 10.90 -2.13
C ILE B 674 -18.81 12.03 -2.40
N LEU B 675 -19.30 12.14 -3.64
CA LEU B 675 -20.14 13.26 -4.02
C LEU B 675 -21.49 13.25 -3.30
N ASN B 676 -21.93 12.10 -2.80
CA ASN B 676 -23.22 11.98 -2.13
C ASN B 676 -23.11 12.02 -0.62
N THR B 677 -21.92 12.31 -0.07
CA THR B 677 -21.69 12.32 1.36
C THR B 677 -21.43 13.73 1.85
N SER B 678 -21.70 13.96 3.14
CA SER B 678 -21.39 15.25 3.74
C SER B 678 -19.90 15.55 3.71
N GLN B 679 -19.06 14.53 3.58
CA GLN B 679 -17.62 14.74 3.43
C GLN B 679 -17.30 15.01 1.97
N ARG B 680 -17.99 15.98 1.37
CA ARG B 680 -17.78 16.32 -0.03
C ARG B 680 -16.69 17.36 -0.21
N GLY B 681 -16.44 18.20 0.79
CA GLY B 681 -15.39 19.19 0.71
C GLY B 681 -13.99 18.61 0.66
N ILE B 682 -13.83 17.34 1.02
CA ILE B 682 -12.51 16.71 0.95
C ILE B 682 -12.00 16.68 -0.48
N LEU B 683 -12.91 16.58 -1.46
CA LEU B 683 -12.48 16.55 -2.86
C LEU B 683 -11.97 17.91 -3.30
N GLU B 684 -12.61 19.00 -2.87
CA GLU B 684 -12.11 20.33 -3.20
C GLU B 684 -10.74 20.56 -2.59
N ASP B 685 -10.57 20.14 -1.33
CA ASP B 685 -9.26 20.25 -0.69
C ASP B 685 -8.23 19.41 -1.44
N GLU B 686 -8.62 18.21 -1.87
CA GLU B 686 -7.72 17.39 -2.68
C GLU B 686 -7.28 18.12 -3.93
N GLN B 687 -8.25 18.70 -4.66
CA GLN B 687 -7.92 19.37 -5.90
C GLN B 687 -6.99 20.55 -5.65
N MET B 688 -7.27 21.36 -4.63
CA MET B 688 -6.44 22.52 -4.36
C MET B 688 -5.04 22.11 -3.92
N TYR B 689 -4.94 21.09 -3.06
CA TYR B 689 -3.63 20.60 -2.64
C TYR B 689 -2.85 20.08 -3.83
N GLN B 690 -3.52 19.36 -4.74
CA GLN B 690 -2.82 18.82 -5.91
C GLN B 690 -2.37 19.94 -6.84
N LYS B 691 -3.20 20.98 -7.00
CA LYS B 691 -2.78 22.11 -7.82
C LYS B 691 -1.54 22.78 -7.23
N CYS B 692 -1.55 23.01 -5.91
CA CYS B 692 -0.39 23.62 -5.27
C CYS B 692 0.84 22.73 -5.38
N CYS B 693 0.66 21.41 -5.22
CA CYS B 693 1.78 20.49 -5.31
C CYS B 693 2.35 20.46 -6.73
N ASN B 694 1.48 20.48 -7.74
CA ASN B 694 1.97 20.53 -9.12
C ASN B 694 2.73 21.82 -9.39
N LEU B 695 2.22 22.94 -8.89
CA LEU B 695 2.94 24.21 -9.05
C LEU B 695 4.31 24.13 -8.38
N PHE B 696 4.36 23.59 -7.16
CA PHE B 696 5.65 23.48 -6.47
C PHE B 696 6.60 22.58 -7.24
N GLU B 697 6.09 21.46 -7.76
CA GLU B 697 6.95 20.55 -8.53
C GLU B 697 7.50 21.23 -9.76
N LYS B 698 6.65 21.99 -10.48
CA LYS B 698 7.16 22.77 -11.59
C LYS B 698 8.18 23.81 -11.13
N PHE B 699 8.03 24.29 -9.90
CA PHE B 699 9.03 25.19 -9.33
C PHE B 699 10.23 24.42 -8.78
N PHE B 700 9.98 23.25 -8.18
CA PHE B 700 11.02 22.41 -7.59
C PHE B 700 10.92 21.02 -8.23
N PRO B 701 11.64 20.79 -9.34
CA PRO B 701 11.49 19.51 -10.06
C PRO B 701 11.80 18.29 -9.21
N SER B 702 12.67 18.41 -8.21
CA SER B 702 13.04 17.27 -7.38
C SER B 702 12.04 16.98 -6.28
N SER B 703 10.86 17.62 -6.31
CA SER B 703 9.89 17.43 -5.24
C SER B 703 9.48 15.97 -5.11
N SER B 704 9.33 15.28 -6.24
CA SER B 704 8.85 13.90 -6.19
C SER B 704 9.97 12.94 -5.78
N TYR B 705 11.12 13.01 -6.46
CA TYR B 705 12.16 12.02 -6.22
C TYR B 705 12.69 12.10 -4.80
N ARG B 706 13.09 13.29 -4.36
CA ARG B 706 13.49 13.55 -2.98
C ARG B 706 12.50 14.55 -2.38
N ARG B 707 11.80 14.13 -1.34
CA ARG B 707 10.83 14.97 -0.68
C ARG B 707 11.52 16.20 -0.10
N PRO B 708 11.08 17.42 -0.43
CA PRO B 708 11.78 18.61 0.07
C PRO B 708 11.70 18.70 1.60
N VAL B 709 12.72 19.33 2.17
CA VAL B 709 12.80 19.55 3.61
C VAL B 709 13.08 21.02 3.87
N GLY B 710 12.71 21.47 5.06
CA GLY B 710 12.91 22.85 5.44
C GLY B 710 11.83 23.29 6.39
N ILE B 711 11.89 24.58 6.75
CA ILE B 711 10.93 25.20 7.66
C ILE B 711 10.28 26.44 7.07
N SER B 712 10.61 26.81 5.82
CA SER B 712 9.96 27.93 5.18
C SER B 712 8.61 27.52 4.62
N SER B 713 7.86 28.49 4.12
CA SER B 713 6.55 28.27 3.53
C SER B 713 6.65 28.24 2.00
N MET B 714 5.57 27.78 1.37
CA MET B 714 5.57 27.56 -0.07
C MET B 714 5.96 28.83 -0.82
N VAL B 715 5.16 29.88 -0.67
CA VAL B 715 5.25 31.03 -1.56
C VAL B 715 6.63 31.67 -1.47
N GLU B 716 7.27 31.63 -0.30
CA GLU B 716 8.62 32.18 -0.18
C GLU B 716 9.56 31.49 -1.16
N ALA B 717 9.61 30.16 -1.10
CA ALA B 717 10.51 29.40 -1.98
C ALA B 717 10.13 29.62 -3.43
N MET B 718 8.84 29.55 -3.74
CA MET B 718 8.42 29.67 -5.15
C MET B 718 8.76 31.04 -5.72
N VAL B 719 8.46 32.12 -4.99
CA VAL B 719 8.73 33.46 -5.50
C VAL B 719 10.24 33.70 -5.61
N SER B 720 11.01 33.25 -4.61
CA SER B 720 12.44 33.50 -4.64
C SER B 720 13.10 32.74 -5.77
N ARG B 721 12.69 31.48 -5.98
CA ARG B 721 13.22 30.74 -7.11
C ARG B 721 12.76 31.34 -8.43
N ALA B 722 11.57 31.94 -8.48
CA ALA B 722 11.18 32.66 -9.68
C ALA B 722 12.15 33.80 -9.97
N ARG B 723 12.45 34.60 -8.93
CA ARG B 723 13.47 35.64 -9.06
C ARG B 723 14.70 35.08 -9.74
N ILE B 724 15.32 34.08 -9.07
CA ILE B 724 16.63 33.63 -9.49
C ILE B 724 16.59 32.98 -10.87
N ASP B 725 15.56 32.16 -11.13
CA ASP B 725 15.53 31.44 -12.39
C ASP B 725 15.30 32.39 -13.56
N ALA B 726 14.43 33.40 -13.37
CA ALA B 726 14.30 34.41 -14.41
C ALA B 726 15.65 35.09 -14.67
N ARG B 727 16.32 35.52 -13.60
CA ARG B 727 17.65 36.10 -13.73
C ARG B 727 18.54 35.24 -14.62
N ILE B 728 18.80 34.01 -14.18
CA ILE B 728 19.85 33.20 -14.79
C ILE B 728 19.43 32.74 -16.18
N ASP B 729 18.15 32.45 -16.38
CA ASP B 729 17.68 32.04 -17.69
C ASP B 729 17.72 33.18 -18.68
N PHE B 730 17.68 34.43 -18.21
CA PHE B 730 18.19 35.50 -19.06
C PHE B 730 19.68 35.46 -19.28
N GLU B 731 20.47 35.34 -18.22
CA GLU B 731 21.92 35.38 -18.44
C GLU B 731 22.32 34.39 -19.52
N SER B 732 21.48 33.39 -19.79
CA SER B 732 21.51 32.66 -21.06
C SER B 732 20.19 31.93 -21.22
N GLY B 733 19.37 32.34 -22.18
CA GLY B 733 18.14 31.65 -22.46
C GLY B 733 17.08 32.55 -23.07
N ARG B 734 15.85 32.03 -23.10
CA ARG B 734 14.74 32.66 -23.80
C ARG B 734 14.33 34.00 -23.19
N ILE B 735 14.43 34.14 -21.87
CA ILE B 735 13.92 35.33 -21.19
C ILE B 735 14.48 36.58 -21.87
N LYS B 736 13.79 37.70 -21.72
CA LYS B 736 14.30 39.00 -22.15
C LYS B 736 14.12 40.02 -21.03
N LYS B 737 14.89 41.12 -21.11
CA LYS B 737 14.78 42.18 -20.10
C LYS B 737 13.33 42.51 -19.81
N GLU B 738 12.53 42.70 -20.85
CA GLU B 738 11.11 42.99 -20.65
C GLU B 738 10.47 41.92 -19.78
N GLU B 739 10.63 40.65 -20.17
CA GLU B 739 10.07 39.55 -19.40
C GLU B 739 10.70 39.42 -18.02
N PHE B 740 12.01 39.61 -17.91
CA PHE B 740 12.66 39.47 -16.61
C PHE B 740 12.14 40.50 -15.61
N ALA B 741 12.03 41.76 -16.04
CA ALA B 741 11.48 42.79 -15.17
C ALA B 741 10.00 42.53 -14.88
N GLU B 742 9.26 42.04 -15.87
CA GLU B 742 7.87 41.68 -15.63
C GLU B 742 7.76 40.63 -14.53
N ILE B 743 8.61 39.61 -14.59
CA ILE B 743 8.64 38.59 -13.54
C ILE B 743 9.03 39.18 -12.20
N MET B 744 10.03 40.06 -12.18
CA MET B 744 10.46 40.64 -10.90
C MET B 744 9.32 41.40 -10.25
N LYS B 745 8.64 42.25 -11.02
CA LYS B 745 7.56 43.03 -10.44
C LYS B 745 6.32 42.19 -10.17
N ILE B 746 6.11 41.09 -10.90
CA ILE B 746 5.04 40.17 -10.57
C ILE B 746 5.34 39.45 -9.25
N CYS B 747 6.61 39.13 -9.03
CA CYS B 747 7.01 38.58 -7.74
C CYS B 747 6.74 39.57 -6.63
N SER B 748 7.05 40.85 -6.85
CA SER B 748 6.71 41.87 -5.88
C SER B 748 5.21 41.95 -5.66
N THR B 749 4.43 41.81 -6.73
CA THR B 749 2.97 41.86 -6.62
C THR B 749 2.45 40.72 -5.74
N ILE B 750 2.93 39.50 -5.98
CA ILE B 750 2.48 38.38 -5.15
C ILE B 750 2.98 38.55 -3.72
N GLU B 751 4.15 39.18 -3.55
CA GLU B 751 4.64 39.48 -2.21
C GLU B 751 3.66 40.37 -1.47
N GLU B 752 3.28 41.49 -2.08
CA GLU B 752 2.35 42.40 -1.41
C GLU B 752 0.97 41.78 -1.28
N LEU B 753 0.62 40.83 -2.15
CA LEU B 753 -0.64 40.11 -1.99
C LEU B 753 -0.60 39.22 -0.76
N ARG B 754 0.50 38.51 -0.56
CA ARG B 754 0.64 37.68 0.63
C ARG B 754 0.71 38.54 1.89
N ARG B 755 1.27 39.75 1.80
CA ARG B 755 1.15 40.70 2.89
C ARG B 755 -0.31 40.92 3.28
N GLN B 756 -1.19 41.03 2.30
CA GLN B 756 -2.61 41.24 2.57
C GLN B 756 -3.46 40.24 1.78
N MET C 1 7.66 32.46 -17.35
CA MET C 1 6.48 33.37 -17.43
C MET C 1 5.23 32.71 -16.87
N GLU C 2 4.80 31.65 -17.55
CA GLU C 2 3.55 30.98 -17.17
C GLU C 2 3.56 30.59 -15.70
N ARG C 3 4.63 29.93 -15.25
CA ARG C 3 4.62 29.29 -13.93
C ARG C 3 4.24 30.29 -12.84
N ILE C 4 4.93 31.43 -12.79
CA ILE C 4 4.60 32.44 -11.80
C ILE C 4 3.20 32.97 -12.05
N LYS C 5 2.69 32.86 -13.28
CA LYS C 5 1.37 33.39 -13.57
C LYS C 5 0.28 32.53 -12.94
N GLU C 6 0.36 31.20 -13.07
CA GLU C 6 -0.63 30.41 -12.34
C GLU C 6 -0.36 30.47 -10.85
N LEU C 7 0.89 30.74 -10.44
CA LEU C 7 1.13 31.01 -9.02
C LEU C 7 0.31 32.20 -8.54
N ARG C 8 0.36 33.31 -9.28
CA ARG C 8 -0.40 34.49 -8.91
C ARG C 8 -1.90 34.22 -8.98
N ASP C 9 -2.35 33.48 -9.99
CA ASP C 9 -3.77 33.14 -10.07
C ASP C 9 -4.21 32.32 -8.87
N LEU C 10 -3.38 31.36 -8.44
CA LEU C 10 -3.70 30.59 -7.24
C LEU C 10 -3.78 31.48 -6.02
N MET C 11 -2.77 32.34 -5.83
CA MET C 11 -2.79 33.25 -4.70
C MET C 11 -3.92 34.26 -4.75
N SER C 12 -4.53 34.45 -5.93
CA SER C 12 -5.68 35.36 -6.03
C SER C 12 -6.84 34.87 -5.18
N GLN C 13 -7.12 33.57 -5.23
CA GLN C 13 -8.25 33.02 -4.49
C GLN C 13 -7.81 32.71 -3.06
N SER C 14 -8.71 33.02 -2.11
CA SER C 14 -8.32 33.07 -0.70
C SER C 14 -7.89 31.70 -0.18
N ARG C 15 -8.63 30.64 -0.52
CA ARG C 15 -8.34 29.33 0.05
C ARG C 15 -6.97 28.82 -0.37
N THR C 16 -6.66 28.87 -1.67
CA THR C 16 -5.35 28.45 -2.13
C THR C 16 -4.26 29.36 -1.59
N ARG C 17 -4.55 30.65 -1.41
CA ARG C 17 -3.58 31.56 -0.82
C ARG C 17 -3.24 31.12 0.61
N GLU C 18 -4.26 30.78 1.40
CA GLU C 18 -4.02 30.30 2.75
C GLU C 18 -3.24 29.00 2.75
N ILE C 19 -3.59 28.08 1.84
CA ILE C 19 -2.87 26.82 1.76
C ILE C 19 -1.39 27.07 1.45
N LEU C 20 -1.12 28.00 0.53
CA LEU C 20 0.26 28.31 0.16
C LEU C 20 1.00 29.01 1.30
N THR C 21 0.30 29.84 2.07
CA THR C 21 0.97 30.63 3.10
C THR C 21 1.27 29.80 4.34
N LYS C 22 0.25 29.13 4.89
CA LYS C 22 0.43 28.46 6.18
C LYS C 22 1.19 27.14 6.05
N THR C 23 1.12 26.49 4.89
CA THR C 23 1.77 25.19 4.71
C THR C 23 3.27 25.37 4.53
N THR C 24 4.06 24.66 5.32
CA THR C 24 5.50 24.70 5.22
C THR C 24 6.01 23.65 4.24
N VAL C 25 7.26 23.82 3.82
CA VAL C 25 7.84 22.94 2.80
C VAL C 25 7.87 21.50 3.29
N ASP C 26 8.17 21.29 4.57
CA ASP C 26 8.30 19.92 5.07
C ASP C 26 7.00 19.16 4.89
N HIS C 27 5.86 19.80 5.14
CA HIS C 27 4.56 19.14 4.99
C HIS C 27 4.21 18.86 3.53
N MET C 28 5.04 19.32 2.59
CA MET C 28 4.80 19.05 1.17
C MET C 28 4.29 17.64 0.92
N ALA C 29 5.03 16.64 1.39
CA ALA C 29 4.66 15.26 1.09
C ALA C 29 3.27 14.95 1.63
N ILE C 30 3.02 15.32 2.89
CA ILE C 30 1.77 14.94 3.53
C ILE C 30 0.58 15.39 2.68
N ILE C 31 0.47 16.71 2.46
CA ILE C 31 -0.66 17.23 1.69
C ILE C 31 -0.68 16.67 0.28
N LYS C 32 0.48 16.30 -0.26
CA LYS C 32 0.48 15.72 -1.61
C LYS C 32 -0.14 14.34 -1.61
N LYS C 33 0.04 13.58 -0.54
CA LYS C 33 -0.59 12.29 -0.38
C LYS C 33 -1.97 12.39 0.26
N TYR C 34 -2.38 13.59 0.68
CA TYR C 34 -3.71 13.78 1.24
C TYR C 34 -4.77 13.44 0.20
N THR C 35 -5.48 12.34 0.41
CA THR C 35 -6.50 11.92 -0.54
C THR C 35 -7.58 11.14 0.18
N SER C 36 -8.79 11.18 -0.37
CA SER C 36 -9.89 10.36 0.12
C SER C 36 -9.94 8.98 -0.53
N GLY C 37 -9.11 8.74 -1.54
CA GLY C 37 -9.14 7.48 -2.24
C GLY C 37 -8.46 6.39 -1.45
N ARG C 38 -9.22 5.37 -1.04
CA ARG C 38 -8.63 4.23 -0.36
C ARG C 38 -7.87 3.37 -1.36
N GLN C 39 -6.83 2.71 -0.86
CA GLN C 39 -6.07 1.77 -1.68
C GLN C 39 -6.89 0.50 -1.87
N GLU C 40 -7.03 0.07 -3.13
CA GLU C 40 -7.94 -1.03 -3.44
C GLU C 40 -7.46 -2.33 -2.79
N LYS C 41 -8.42 -3.07 -2.23
CA LYS C 41 -8.11 -4.36 -1.63
C LYS C 41 -8.12 -5.48 -2.66
N ASN C 42 -9.01 -5.42 -3.64
CA ASN C 42 -9.14 -6.44 -4.68
C ASN C 42 -9.06 -5.76 -6.04
N PRO C 43 -7.84 -5.46 -6.52
CA PRO C 43 -7.74 -4.72 -7.79
C PRO C 43 -8.28 -5.49 -8.98
N ALA C 44 -8.08 -6.81 -9.02
CA ALA C 44 -8.49 -7.58 -10.19
C ALA C 44 -10.00 -7.53 -10.38
N LEU C 45 -10.75 -7.67 -9.28
CA LEU C 45 -12.20 -7.71 -9.38
C LEU C 45 -12.74 -6.43 -9.99
N ARG C 46 -12.24 -5.28 -9.53
CA ARG C 46 -12.74 -4.00 -10.04
C ARG C 46 -12.19 -3.67 -11.42
N MET C 47 -10.95 -4.08 -11.73
CA MET C 47 -10.48 -3.89 -13.10
C MET C 47 -11.32 -4.69 -14.09
N LYS C 48 -11.75 -5.88 -13.69
CA LYS C 48 -12.66 -6.65 -14.54
C LYS C 48 -14.07 -6.08 -14.53
N TRP C 49 -14.41 -5.28 -13.52
CA TRP C 49 -15.73 -4.68 -13.39
C TRP C 49 -15.78 -3.28 -14.00
N MET C 50 -14.70 -2.50 -13.86
CA MET C 50 -14.70 -1.14 -14.40
C MET C 50 -14.57 -1.14 -15.92
N MET C 51 -13.79 -2.06 -16.48
CA MET C 51 -13.58 -2.07 -17.93
C MET C 51 -14.86 -2.35 -18.70
N ALA C 52 -15.90 -2.83 -18.05
CA ALA C 52 -17.19 -3.00 -18.69
C ALA C 52 -18.00 -1.70 -18.73
N MET C 53 -17.49 -0.63 -18.13
CA MET C 53 -18.15 0.68 -18.17
C MET C 53 -17.63 1.48 -19.35
N LYS C 54 -18.37 2.54 -19.67
CA LYS C 54 -17.90 3.53 -20.62
C LYS C 54 -17.14 4.62 -19.86
N TYR C 55 -16.01 5.03 -20.41
CA TYR C 55 -15.12 5.97 -19.74
C TYR C 55 -14.57 5.36 -18.46
N PRO C 56 -13.81 4.26 -18.53
CA PRO C 56 -13.27 3.65 -17.32
C PRO C 56 -11.88 4.14 -16.91
N ILE C 57 -11.16 4.85 -17.77
CA ILE C 57 -9.81 5.28 -17.43
C ILE C 57 -9.80 6.79 -17.25
N THR C 58 -8.66 7.35 -16.84
CA THR C 58 -8.55 8.78 -16.60
C THR C 58 -7.37 9.34 -17.38
N ALA C 59 -7.51 10.58 -17.81
CA ALA C 59 -6.47 11.24 -18.60
C ALA C 59 -6.49 12.73 -18.31
N ASP C 60 -5.38 13.39 -18.59
CA ASP C 60 -5.26 14.82 -18.36
C ASP C 60 -6.28 15.58 -19.21
N LYS C 61 -6.57 16.82 -18.78
CA LYS C 61 -7.53 17.63 -19.51
C LYS C 61 -7.09 17.87 -20.95
N ARG C 62 -5.78 17.87 -21.20
CA ARG C 62 -5.29 18.20 -22.53
C ARG C 62 -5.84 17.26 -23.59
N ILE C 63 -6.27 16.06 -23.19
CA ILE C 63 -6.80 15.10 -24.14
C ILE C 63 -8.00 15.70 -24.88
N MET C 64 -8.74 16.59 -24.23
CA MET C 64 -9.90 17.20 -24.86
C MET C 64 -9.53 18.07 -26.05
N GLU C 65 -8.26 18.41 -26.23
CA GLU C 65 -7.82 19.26 -27.34
C GLU C 65 -6.80 18.56 -28.23
N MET C 66 -6.67 17.24 -28.15
CA MET C 66 -5.83 16.50 -29.08
C MET C 66 -6.60 15.38 -29.77
N ILE C 67 -7.59 14.82 -29.07
CA ILE C 67 -8.37 13.68 -29.56
C ILE C 67 -9.81 14.13 -29.71
N PRO C 68 -10.47 13.86 -30.83
CA PRO C 68 -11.87 14.27 -30.97
C PRO C 68 -12.76 13.54 -29.99
N GLU C 69 -13.88 14.19 -29.65
CA GLU C 69 -14.80 13.62 -28.69
C GLU C 69 -15.40 12.29 -29.16
N ARG C 70 -15.44 12.05 -30.47
CA ARG C 70 -16.00 10.82 -31.01
C ARG C 70 -15.21 10.39 -32.23
N ASN C 71 -15.25 9.09 -32.51
CA ASN C 71 -14.57 8.50 -33.64
C ASN C 71 -15.50 8.46 -34.84
N GLU C 72 -15.14 7.68 -35.86
CA GLU C 72 -15.84 7.75 -37.14
C GLU C 72 -17.30 7.38 -36.98
N GLN C 73 -17.61 6.28 -36.28
CA GLN C 73 -19.00 5.87 -36.12
C GLN C 73 -19.72 6.61 -35.01
N GLY C 74 -19.02 7.42 -34.23
CA GLY C 74 -19.63 8.13 -33.13
C GLY C 74 -19.39 7.53 -31.76
N GLN C 75 -18.54 6.51 -31.64
CA GLN C 75 -18.18 6.00 -30.31
C GLN C 75 -17.39 7.08 -29.58
N THR C 76 -17.86 7.47 -28.40
CA THR C 76 -17.21 8.52 -27.65
C THR C 76 -15.85 8.06 -27.15
N LEU C 77 -14.86 8.95 -27.25
CA LEU C 77 -13.50 8.66 -26.82
C LEU C 77 -13.17 9.25 -25.45
N TRP C 78 -13.71 10.43 -25.13
CA TRP C 78 -13.46 11.04 -23.84
C TRP C 78 -14.70 11.80 -23.39
N SER C 79 -14.79 12.01 -22.09
CA SER C 79 -15.86 12.79 -21.48
C SER C 79 -15.26 13.99 -20.76
N LYS C 80 -16.07 15.04 -20.63
CA LYS C 80 -15.64 16.27 -19.99
C LYS C 80 -15.87 16.27 -18.49
N THR C 81 -16.47 15.21 -17.93
CA THR C 81 -16.69 15.12 -16.50
C THR C 81 -15.39 14.73 -15.81
N ASN C 82 -14.93 15.57 -14.88
CA ASN C 82 -13.65 15.36 -14.23
C ASN C 82 -13.72 14.22 -13.22
N ASP C 83 -12.55 13.73 -12.84
CA ASP C 83 -12.46 12.67 -11.83
C ASP C 83 -12.94 13.20 -10.48
N ALA C 84 -12.95 12.30 -9.49
CA ALA C 84 -13.45 12.65 -8.16
C ALA C 84 -12.63 13.77 -7.54
N GLY C 85 -11.35 13.52 -7.27
CA GLY C 85 -10.52 14.47 -6.59
C GLY C 85 -9.35 14.97 -7.43
N SER C 86 -9.60 15.22 -8.71
CA SER C 86 -8.56 15.70 -9.60
C SER C 86 -9.21 16.45 -10.76
N ASP C 87 -8.40 17.23 -11.46
CA ASP C 87 -8.86 17.94 -12.64
C ASP C 87 -8.87 17.07 -13.89
N ARG C 88 -8.36 15.84 -13.80
CA ARG C 88 -8.34 14.96 -14.94
C ARG C 88 -9.75 14.50 -15.30
N VAL C 89 -9.94 14.14 -16.56
CA VAL C 89 -11.25 13.75 -17.09
C VAL C 89 -11.24 12.26 -17.37
N MET C 90 -12.40 11.63 -17.15
CA MET C 90 -12.56 10.21 -17.42
C MET C 90 -12.76 10.00 -18.91
N VAL C 91 -12.03 9.03 -19.47
CA VAL C 91 -12.05 8.74 -20.90
C VAL C 91 -12.14 7.23 -21.12
N SER C 92 -12.56 6.88 -22.32
CA SER C 92 -12.76 5.50 -22.75
C SER C 92 -11.44 4.88 -23.19
N PRO C 93 -11.32 3.55 -23.15
CA PRO C 93 -10.06 2.92 -23.57
C PRO C 93 -9.76 3.11 -25.04
N LEU C 94 -10.78 3.36 -25.87
CA LEU C 94 -10.53 3.59 -27.28
C LEU C 94 -9.61 4.79 -27.49
N ALA C 95 -9.75 5.82 -26.64
CA ALA C 95 -8.87 6.97 -26.74
C ALA C 95 -7.41 6.58 -26.64
N VAL C 96 -7.11 5.45 -26.01
CA VAL C 96 -5.76 4.92 -26.03
C VAL C 96 -5.41 4.41 -27.42
N THR C 97 -6.20 3.47 -27.93
CA THR C 97 -5.91 2.89 -29.23
C THR C 97 -5.93 3.95 -30.33
N TRP C 98 -6.87 4.89 -30.24
CA TRP C 98 -6.89 5.99 -31.19
C TRP C 98 -5.54 6.72 -31.18
N TRP C 99 -5.03 7.02 -30.00
CA TRP C 99 -3.74 7.71 -29.90
C TRP C 99 -2.63 6.91 -30.56
N ASN C 100 -2.78 5.59 -30.68
CA ASN C 100 -1.77 4.74 -31.28
C ASN C 100 -1.93 4.57 -32.78
N ARG C 101 -2.99 5.14 -33.38
CA ARG C 101 -3.20 5.03 -34.81
C ARG C 101 -3.29 6.37 -35.54
N ASN C 102 -3.69 7.44 -34.85
CA ASN C 102 -3.68 8.77 -35.44
C ASN C 102 -3.17 9.85 -34.51
N GLY C 103 -2.70 9.50 -33.31
CA GLY C 103 -2.20 10.49 -32.38
C GLY C 103 -0.87 11.05 -32.84
N PRO C 104 -0.40 12.10 -32.18
CA PRO C 104 0.88 12.69 -32.55
C PRO C 104 2.02 11.69 -32.42
N THR C 105 2.98 11.80 -33.33
CA THR C 105 4.15 10.94 -33.34
C THR C 105 5.39 11.74 -32.99
N THR C 106 6.39 11.05 -32.43
CA THR C 106 7.63 11.66 -31.99
C THR C 106 8.78 10.76 -32.41
N SER C 107 9.98 11.08 -31.93
CA SER C 107 11.18 10.29 -32.20
C SER C 107 11.52 9.51 -30.93
N ALA C 108 11.22 8.21 -30.94
CA ALA C 108 11.47 7.34 -29.80
C ALA C 108 12.85 6.70 -29.85
N VAL C 109 13.81 7.33 -30.55
CA VAL C 109 15.14 6.74 -30.67
C VAL C 109 15.86 6.71 -29.34
N HIS C 110 15.51 7.61 -28.42
CA HIS C 110 16.24 7.72 -27.15
C HIS C 110 15.69 6.84 -26.05
N TYR C 111 14.51 6.25 -26.23
CA TYR C 111 14.00 5.30 -25.24
C TYR C 111 14.95 4.13 -25.02
N PRO C 112 15.54 3.54 -26.06
CA PRO C 112 16.58 2.52 -25.81
C PRO C 112 17.70 3.03 -24.92
N LYS C 113 18.10 4.29 -25.08
CA LYS C 113 19.14 4.85 -24.23
C LYS C 113 18.67 5.04 -22.81
N ILE C 114 17.39 5.37 -22.60
CA ILE C 114 16.88 5.53 -21.25
C ILE C 114 16.71 4.17 -20.58
N TYR C 115 15.84 3.32 -21.13
CA TYR C 115 15.56 2.01 -20.55
C TYR C 115 16.72 1.07 -20.88
N LYS C 116 17.87 1.39 -20.30
CA LYS C 116 19.09 0.63 -20.59
C LYS C 116 18.97 -0.81 -20.13
N THR C 117 18.40 -1.04 -18.94
CA THR C 117 18.37 -2.39 -18.37
C THR C 117 17.59 -3.34 -19.26
N TYR C 118 16.37 -2.95 -19.66
CA TYR C 118 15.52 -3.85 -20.43
C TYR C 118 16.10 -4.14 -21.80
N PHE C 119 16.62 -3.11 -22.48
CA PHE C 119 17.21 -3.34 -23.79
C PHE C 119 18.48 -4.16 -23.69
N GLU C 120 19.25 -3.99 -22.62
CA GLU C 120 20.41 -4.85 -22.42
C GLU C 120 19.97 -6.30 -22.20
N LYS C 121 18.89 -6.52 -21.46
CA LYS C 121 18.35 -7.87 -21.32
C LYS C 121 17.99 -8.46 -22.69
N VAL C 122 17.30 -7.66 -23.51
CA VAL C 122 16.89 -8.15 -24.83
C VAL C 122 18.11 -8.49 -25.67
N GLU C 123 19.12 -7.61 -25.69
CA GLU C 123 20.31 -7.87 -26.47
C GLU C 123 21.05 -9.10 -25.98
N ARG C 124 21.13 -9.27 -24.65
CA ARG C 124 21.80 -10.45 -24.10
C ARG C 124 21.09 -11.73 -24.51
N LEU C 125 19.75 -11.73 -24.47
CA LEU C 125 19.02 -12.94 -24.83
C LEU C 125 19.05 -13.21 -26.33
N LYS C 126 19.03 -12.16 -27.15
CA LYS C 126 18.94 -12.36 -28.60
C LYS C 126 20.15 -13.13 -29.13
N HIS C 127 21.32 -12.91 -28.53
CA HIS C 127 22.56 -13.54 -28.98
C HIS C 127 22.91 -14.76 -28.14
N GLY C 128 22.03 -15.21 -27.26
CA GLY C 128 22.30 -16.40 -26.48
C GLY C 128 22.29 -17.66 -27.31
N THR C 129 22.99 -18.68 -26.81
CA THR C 129 23.09 -19.97 -27.48
C THR C 129 22.65 -21.06 -26.50
N PHE C 130 21.62 -21.81 -26.87
CA PHE C 130 21.12 -22.86 -26.02
C PHE C 130 21.93 -24.14 -26.22
N GLY C 131 21.64 -25.14 -25.38
CA GLY C 131 22.30 -26.42 -25.46
C GLY C 131 21.36 -27.55 -25.11
N PRO C 132 21.89 -28.78 -25.06
CA PRO C 132 21.04 -29.92 -24.74
C PRO C 132 20.48 -29.85 -23.33
N VAL C 133 19.30 -30.42 -23.15
CA VAL C 133 18.65 -30.50 -21.85
C VAL C 133 19.07 -31.82 -21.20
N HIS C 134 19.62 -31.73 -19.99
CA HIS C 134 20.07 -32.90 -19.24
C HIS C 134 19.12 -33.15 -18.09
N PHE C 135 18.58 -34.37 -18.02
CA PHE C 135 17.60 -34.73 -17.01
C PHE C 135 18.30 -35.44 -15.87
N ARG C 136 18.40 -34.77 -14.72
CA ARG C 136 18.94 -35.36 -13.52
C ARG C 136 18.51 -34.51 -12.33
N ASN C 137 18.42 -35.15 -11.16
CA ASN C 137 17.97 -34.44 -9.98
C ASN C 137 18.88 -33.25 -9.69
N GLN C 138 18.26 -32.09 -9.47
CA GLN C 138 19.00 -30.86 -9.18
C GLN C 138 18.89 -30.56 -7.69
N VAL C 139 20.04 -30.39 -7.05
CA VAL C 139 20.09 -30.06 -5.62
C VAL C 139 20.04 -28.54 -5.53
N LYS C 140 18.83 -28.00 -5.48
CA LYS C 140 18.63 -26.57 -5.36
C LYS C 140 18.91 -26.15 -3.92
N ILE C 141 19.93 -25.33 -3.73
CA ILE C 141 20.27 -24.81 -2.41
C ILE C 141 20.04 -23.30 -2.45
N ARG C 142 19.53 -22.77 -1.34
CA ARG C 142 19.11 -21.39 -1.28
C ARG C 142 20.29 -20.49 -0.91
N ARG C 143 20.48 -19.43 -1.68
CA ARG C 143 21.63 -18.55 -1.55
C ARG C 143 21.20 -17.11 -1.82
N ARG C 144 21.95 -16.17 -1.26
CA ARG C 144 21.76 -14.75 -1.51
C ARG C 144 22.56 -14.35 -2.75
N VAL C 145 21.87 -13.82 -3.77
CA VAL C 145 22.50 -13.47 -5.03
C VAL C 145 22.00 -12.11 -5.49
N ASP C 146 22.80 -11.44 -6.32
CA ASP C 146 22.44 -10.14 -6.87
C ASP C 146 21.69 -10.36 -8.18
N ILE C 147 20.51 -9.74 -8.31
CA ILE C 147 19.70 -9.94 -9.50
C ILE C 147 20.04 -8.91 -10.57
N ASN C 148 20.34 -7.68 -10.17
CA ASN C 148 20.58 -6.63 -11.15
C ASN C 148 21.95 -6.85 -11.80
N PRO C 149 22.02 -7.05 -13.12
CA PRO C 149 23.31 -7.33 -13.76
C PRO C 149 24.08 -6.09 -14.19
N GLY C 150 23.56 -4.89 -13.96
CA GLY C 150 24.22 -3.68 -14.38
C GLY C 150 24.56 -2.75 -13.23
N HIS C 151 24.42 -3.23 -11.99
CA HIS C 151 24.72 -2.41 -10.84
C HIS C 151 26.16 -1.92 -10.90
N ALA C 152 26.35 -0.63 -10.67
CA ALA C 152 27.65 0.01 -10.78
C ALA C 152 28.42 0.01 -9.47
N ASP C 153 28.12 -0.93 -8.57
CA ASP C 153 28.79 -1.02 -7.27
C ASP C 153 28.42 0.17 -6.39
N LEU C 154 27.14 0.56 -6.41
CA LEU C 154 26.63 1.66 -5.61
C LEU C 154 25.38 1.21 -4.86
N SER C 155 25.22 1.77 -3.65
CA SER C 155 24.02 1.52 -2.86
C SER C 155 22.91 2.49 -3.28
N ALA C 156 21.77 2.39 -2.61
CA ALA C 156 20.64 3.27 -2.91
C ALA C 156 21.01 4.73 -2.66
N LYS C 157 21.35 5.05 -1.41
CA LYS C 157 21.72 6.42 -1.08
C LYS C 157 22.98 6.84 -1.83
N GLU C 158 23.94 5.93 -1.97
CA GLU C 158 25.20 6.27 -2.62
C GLU C 158 24.98 6.75 -4.05
N ALA C 159 24.08 6.11 -4.78
CA ALA C 159 23.78 6.50 -6.15
C ALA C 159 22.67 7.53 -6.25
N GLN C 160 21.95 7.80 -5.17
CA GLN C 160 20.87 8.78 -5.23
C GLN C 160 21.41 10.18 -5.48
N ASP C 161 22.54 10.53 -4.85
CA ASP C 161 23.16 11.82 -5.12
C ASP C 161 23.64 11.91 -6.56
N VAL C 162 24.21 10.82 -7.08
CA VAL C 162 24.63 10.78 -8.48
C VAL C 162 23.43 11.03 -9.39
N ILE C 163 22.31 10.38 -9.08
CA ILE C 163 21.12 10.52 -9.90
C ILE C 163 20.60 11.95 -9.88
N MET C 164 20.56 12.56 -8.69
CA MET C 164 20.12 13.95 -8.63
C MET C 164 21.03 14.85 -9.45
N GLU C 165 22.35 14.74 -9.24
CA GLU C 165 23.26 15.59 -9.98
C GLU C 165 23.18 15.35 -11.48
N VAL C 166 22.79 14.15 -11.90
CA VAL C 166 22.62 13.87 -13.32
C VAL C 166 21.34 14.49 -13.86
N VAL C 167 20.26 14.43 -13.09
CA VAL C 167 18.95 14.90 -13.53
C VAL C 167 18.62 16.26 -12.94
N PHE C 168 18.77 16.42 -11.63
CA PHE C 168 18.46 17.67 -10.94
C PHE C 168 19.74 18.30 -10.41
N PRO C 169 20.55 18.91 -11.28
CA PRO C 169 21.85 19.41 -10.83
C PRO C 169 21.78 20.51 -9.79
N ASN C 170 20.66 21.23 -9.70
CA ASN C 170 20.58 22.39 -8.83
C ASN C 170 20.10 22.07 -7.42
N GLU C 171 19.37 20.97 -7.24
CA GLU C 171 18.84 20.58 -5.94
C GLU C 171 19.79 19.65 -5.18
N VAL C 172 21.02 19.48 -5.66
CA VAL C 172 21.96 18.59 -4.99
C VAL C 172 22.23 19.06 -3.56
N GLY C 173 22.36 20.37 -3.35
CA GLY C 173 22.63 20.90 -2.03
C GLY C 173 24.10 20.85 -1.66
N ALA C 174 24.39 20.39 -0.44
CA ALA C 174 25.78 20.36 0.03
C ALA C 174 26.60 19.37 -0.76
N ARG C 175 26.02 18.21 -1.10
CA ARG C 175 26.80 17.10 -1.60
C ARG C 175 27.47 17.47 -2.92
N ILE C 176 28.77 17.20 -2.99
CA ILE C 176 29.52 17.17 -4.23
C ILE C 176 30.29 15.86 -4.25
N LEU C 177 30.02 15.03 -5.25
CA LEU C 177 30.41 13.63 -5.18
C LEU C 177 31.93 13.50 -5.22
N THR C 178 32.48 12.72 -4.30
CA THR C 178 33.94 12.61 -4.19
C THR C 178 34.48 11.48 -5.05
N SER C 179 33.88 10.29 -4.95
CA SER C 179 34.39 9.14 -5.69
C SER C 179 34.43 9.42 -7.19
N GLU C 180 35.55 9.08 -7.82
CA GLU C 180 35.73 9.36 -9.24
C GLU C 180 34.90 8.45 -10.14
N SER C 181 34.57 7.25 -9.67
CA SER C 181 33.63 6.41 -10.40
C SER C 181 32.31 7.15 -10.57
N GLN C 182 31.84 7.78 -9.51
CA GLN C 182 30.63 8.59 -9.60
C GLN C 182 30.84 9.75 -10.56
N LEU C 183 32.04 10.33 -10.60
CA LEU C 183 32.31 11.41 -11.54
C LEU C 183 32.12 10.94 -12.98
N THR C 184 32.71 9.80 -13.33
CA THR C 184 32.60 9.32 -14.71
C THR C 184 31.17 8.92 -15.03
N ILE C 185 30.46 8.31 -14.07
CA ILE C 185 29.07 7.95 -14.31
C ILE C 185 28.24 9.20 -14.56
N THR C 186 28.44 10.24 -13.76
CA THR C 186 27.72 11.49 -13.96
C THR C 186 28.01 12.06 -15.34
N LYS C 187 29.29 12.10 -15.72
CA LYS C 187 29.64 12.64 -17.03
C LYS C 187 28.95 11.88 -18.15
N GLU C 188 29.03 10.54 -18.11
CA GLU C 188 28.48 9.73 -19.18
C GLU C 188 26.97 9.88 -19.27
N LYS C 189 26.28 9.71 -18.13
CA LYS C 189 24.82 9.78 -18.15
C LYS C 189 24.32 11.20 -18.30
N LYS C 190 25.18 12.20 -18.15
CA LYS C 190 24.81 13.59 -18.41
C LYS C 190 24.87 13.87 -19.90
N GLU C 191 26.01 13.54 -20.53
CA GLU C 191 26.14 13.80 -21.96
C GLU C 191 25.23 12.89 -22.78
N GLU C 192 24.87 11.71 -22.25
CA GLU C 192 24.03 10.79 -23.00
C GLU C 192 22.57 11.22 -23.01
N LEU C 193 22.08 11.73 -21.87
CA LEU C 193 20.67 12.10 -21.71
C LEU C 193 20.48 13.61 -21.65
N GLN C 194 21.22 14.35 -22.47
CA GLN C 194 21.30 15.79 -22.28
C GLN C 194 19.99 16.48 -22.66
N ASP C 195 19.28 15.97 -23.66
CA ASP C 195 18.03 16.57 -24.11
C ASP C 195 16.85 15.60 -24.06
N CYS C 196 17.00 14.43 -23.46
CA CYS C 196 15.89 13.49 -23.39
C CYS C 196 14.74 14.10 -22.61
N LYS C 197 13.53 13.96 -23.16
CA LYS C 197 12.35 14.65 -22.65
C LYS C 197 11.26 13.66 -22.25
N ILE C 198 11.66 12.50 -21.71
CA ILE C 198 10.67 11.50 -21.30
C ILE C 198 9.99 11.99 -20.03
N SER C 199 10.75 12.04 -18.94
CA SER C 199 10.32 12.66 -17.70
C SER C 199 11.50 12.66 -16.72
N PRO C 200 11.69 13.70 -15.92
CA PRO C 200 12.76 13.62 -14.92
C PRO C 200 12.58 12.48 -13.94
N LEU C 201 11.34 12.21 -13.53
CA LEU C 201 11.10 11.20 -12.51
C LEU C 201 11.40 9.80 -13.04
N MET C 202 10.95 9.48 -14.24
CA MET C 202 11.23 8.16 -14.80
C MET C 202 12.71 7.99 -15.09
N VAL C 203 13.37 9.04 -15.58
CA VAL C 203 14.80 8.96 -15.81
C VAL C 203 15.53 8.66 -14.50
N ALA C 204 15.16 9.37 -13.44
CA ALA C 204 15.78 9.13 -12.14
C ALA C 204 15.51 7.72 -11.65
N TYR C 205 14.27 7.24 -11.82
CA TYR C 205 13.93 5.90 -11.36
C TYR C 205 14.74 4.83 -12.09
N MET C 206 14.86 4.96 -13.41
CA MET C 206 15.60 3.97 -14.16
C MET C 206 17.10 4.05 -13.90
N LEU C 207 17.64 5.26 -13.68
CA LEU C 207 19.03 5.37 -13.26
C LEU C 207 19.25 4.69 -11.92
N GLU C 208 18.31 4.88 -10.99
CA GLU C 208 18.41 4.20 -9.70
C GLU C 208 18.41 2.69 -9.89
N ARG C 209 17.52 2.19 -10.73
CA ARG C 209 17.44 0.75 -10.97
C ARG C 209 18.74 0.22 -11.58
N GLU C 210 19.30 0.96 -12.55
CA GLU C 210 20.48 0.48 -13.25
C GLU C 210 21.71 0.52 -12.36
N LEU C 211 21.95 1.63 -11.67
CA LEU C 211 23.20 1.79 -10.93
C LEU C 211 23.17 1.13 -9.55
N VAL C 212 22.03 1.18 -8.86
CA VAL C 212 21.96 0.68 -7.50
C VAL C 212 22.00 -0.84 -7.51
N ARG C 213 22.83 -1.40 -6.63
CA ARG C 213 22.89 -2.85 -6.45
C ARG C 213 21.73 -3.33 -5.60
N LYS C 214 21.13 -4.45 -6.01
CA LYS C 214 20.02 -5.04 -5.29
C LYS C 214 20.26 -6.53 -5.20
N THR C 215 19.85 -7.14 -4.09
CA THR C 215 20.16 -8.51 -3.78
C THR C 215 18.92 -9.19 -3.23
N ARG C 216 18.75 -10.48 -3.55
CA ARG C 216 17.63 -11.25 -3.06
C ARG C 216 18.06 -12.69 -2.87
N PHE C 217 17.31 -13.40 -2.03
CA PHE C 217 17.61 -14.76 -1.65
C PHE C 217 16.78 -15.70 -2.53
N LEU C 218 17.44 -16.63 -3.21
CA LEU C 218 16.77 -17.47 -4.20
C LEU C 218 17.33 -18.88 -4.14
N PRO C 219 16.54 -19.89 -4.52
CA PRO C 219 17.06 -21.26 -4.65
C PRO C 219 17.78 -21.44 -5.97
N VAL C 220 19.10 -21.65 -5.90
CA VAL C 220 19.93 -21.76 -7.09
C VAL C 220 20.65 -23.11 -7.07
N ALA C 221 21.05 -23.54 -8.27
CA ALA C 221 21.89 -24.72 -8.45
C ALA C 221 22.86 -24.42 -9.59
N GLY C 222 24.10 -24.12 -9.23
CA GLY C 222 25.07 -23.67 -10.22
C GLY C 222 24.91 -22.18 -10.49
N GLY C 223 25.39 -21.77 -11.67
CA GLY C 223 25.28 -20.38 -12.07
C GLY C 223 25.92 -19.43 -11.08
N THR C 224 25.10 -18.70 -10.33
CA THR C 224 25.48 -17.74 -9.29
C THR C 224 25.94 -16.42 -9.90
N SER C 225 26.06 -16.31 -11.22
CA SER C 225 26.45 -15.07 -11.86
C SER C 225 25.21 -14.19 -12.10
N SER C 226 25.46 -12.88 -12.16
CA SER C 226 24.36 -11.94 -12.34
C SER C 226 23.61 -12.20 -13.65
N VAL C 227 24.36 -12.41 -14.73
CA VAL C 227 23.73 -12.66 -16.02
C VAL C 227 23.04 -14.03 -16.04
N TYR C 228 23.52 -14.99 -15.26
CA TYR C 228 22.93 -16.31 -15.23
C TYR C 228 21.76 -16.42 -14.26
N ILE C 229 21.50 -15.39 -13.46
CA ILE C 229 20.39 -15.44 -12.51
C ILE C 229 19.11 -14.87 -13.11
N GLU C 230 19.21 -13.91 -14.04
CA GLU C 230 18.01 -13.38 -14.66
C GLU C 230 17.28 -14.44 -15.47
N VAL C 231 18.00 -15.43 -16.00
CA VAL C 231 17.42 -16.53 -16.74
C VAL C 231 17.36 -17.80 -15.88
N LEU C 232 17.39 -17.64 -14.56
CA LEU C 232 17.35 -18.81 -13.67
C LEU C 232 16.09 -19.64 -13.89
N HIS C 233 15.00 -19.02 -14.35
CA HIS C 233 13.78 -19.77 -14.63
C HIS C 233 13.92 -20.67 -15.85
N LEU C 234 14.82 -20.33 -16.78
CA LEU C 234 14.96 -21.05 -18.03
C LEU C 234 16.08 -22.08 -18.02
N THR C 235 17.07 -21.92 -17.14
CA THR C 235 18.23 -22.80 -17.11
C THR C 235 18.14 -23.91 -16.07
N GLN C 236 17.43 -23.68 -14.97
CA GLN C 236 17.35 -24.64 -13.87
C GLN C 236 15.89 -24.99 -13.59
N GLY C 237 15.65 -26.27 -13.37
CA GLY C 237 14.32 -26.75 -13.04
C GLY C 237 14.33 -27.79 -11.93
N THR C 238 13.23 -28.53 -11.78
CA THR C 238 13.14 -29.53 -10.72
C THR C 238 13.95 -30.77 -11.07
N CYS C 239 13.92 -31.20 -12.34
CA CYS C 239 14.62 -32.41 -12.75
C CYS C 239 15.32 -32.24 -14.09
N TRP C 240 15.54 -31.01 -14.54
CA TRP C 240 16.15 -30.77 -15.84
C TRP C 240 17.03 -29.54 -15.76
N GLU C 241 18.14 -29.59 -16.48
CA GLU C 241 19.06 -28.47 -16.60
C GLU C 241 19.25 -28.13 -18.08
N GLN C 242 19.13 -26.84 -18.39
CA GLN C 242 19.23 -26.34 -19.76
C GLN C 242 20.46 -25.45 -19.84
N MET C 243 21.53 -25.96 -20.44
CA MET C 243 22.75 -25.18 -20.60
C MET C 243 22.47 -23.95 -21.45
N TYR C 244 22.96 -22.80 -20.99
CA TYR C 244 22.70 -21.52 -21.65
C TYR C 244 23.90 -20.62 -21.46
N THR C 245 24.16 -19.80 -22.48
CA THR C 245 25.27 -18.84 -22.45
C THR C 245 24.77 -17.51 -23.02
N PRO C 246 24.48 -16.53 -22.15
CA PRO C 246 23.97 -15.25 -22.65
C PRO C 246 24.85 -14.62 -23.71
N GLY C 247 24.31 -13.65 -24.45
CA GLY C 247 25.07 -13.04 -25.53
C GLY C 247 26.28 -12.28 -25.06
N GLY C 248 26.27 -11.80 -23.81
CA GLY C 248 27.40 -11.04 -23.32
C GLY C 248 28.70 -11.83 -23.35
N GLU C 249 28.63 -13.11 -22.96
CA GLU C 249 29.82 -13.96 -22.95
C GLU C 249 30.03 -14.62 -24.31
N GLN F 1 24.60 68.70 28.46
CA GLN F 1 25.59 69.07 27.38
C GLN F 1 25.00 69.53 26.04
N VAL F 2 23.87 68.96 25.56
CA VAL F 2 23.27 69.37 24.30
C VAL F 2 22.04 70.20 24.66
N GLN F 3 22.12 71.52 24.40
CA GLN F 3 21.05 72.49 24.51
C GLN F 3 20.52 72.60 23.10
N LEU F 4 19.23 72.92 22.98
CA LEU F 4 18.56 72.93 21.70
C LEU F 4 17.63 74.11 21.73
N GLN F 5 17.55 74.88 20.62
CA GLN F 5 16.62 75.97 20.48
C GLN F 5 15.91 75.84 19.14
N GLU F 6 14.58 75.73 19.16
CA GLU F 6 13.76 75.76 17.98
C GLU F 6 13.39 77.16 17.49
N SER F 7 13.31 77.32 16.16
CA SER F 7 12.90 78.54 15.47
C SER F 7 11.94 78.18 14.36
N GLY F 8 11.19 79.18 13.82
CA GLY F 8 10.40 79.01 12.59
C GLY F 8 8.95 78.67 12.75
N GLY F 9 8.43 78.55 13.99
CA GLY F 9 7.00 78.40 14.21
C GLY F 9 6.19 79.67 14.04
N GLY F 10 4.85 79.54 14.07
CA GLY F 10 3.96 80.69 14.11
C GLY F 10 2.57 80.37 13.65
N LEU F 11 1.79 81.42 13.34
CA LEU F 11 0.46 81.31 12.80
C LEU F 11 0.53 81.24 11.29
N VAL F 12 -0.10 80.21 10.69
CA VAL F 12 -0.12 80.04 9.26
C VAL F 12 -1.49 79.65 8.80
N GLN F 13 -1.72 79.95 7.51
CA GLN F 13 -2.84 79.52 6.72
C GLN F 13 -2.86 78.02 6.48
N ALA F 14 -4.05 77.39 6.42
CA ALA F 14 -4.21 76.04 5.92
C ALA F 14 -3.77 75.93 4.45
N GLY F 15 -3.00 74.87 4.12
CA GLY F 15 -2.34 74.68 2.83
C GLY F 15 -1.05 75.47 2.68
N GLY F 16 -0.68 76.27 3.69
CA GLY F 16 0.59 77.01 3.73
C GLY F 16 1.78 76.17 4.08
N SER F 17 2.94 76.84 4.27
CA SER F 17 4.21 76.15 4.44
C SER F 17 4.96 76.78 5.57
N LEU F 18 5.91 76.04 6.15
CA LEU F 18 6.61 76.48 7.33
C LEU F 18 7.92 75.73 7.48
N ARG F 19 9.03 76.40 7.78
CA ARG F 19 10.30 75.74 7.93
C ARG F 19 10.75 75.91 9.35
N LEU F 20 10.63 74.85 10.15
CA LEU F 20 11.15 74.81 11.49
C LEU F 20 12.64 74.53 11.42
N SER F 21 13.40 75.05 12.37
CA SER F 21 14.82 74.81 12.44
C SER F 21 15.14 74.64 13.90
N CYS F 22 16.07 73.75 14.23
CA CYS F 22 16.54 73.59 15.58
C CYS F 22 18.05 73.69 15.56
N ALA F 23 18.60 74.68 16.28
CA ALA F 23 20.01 74.84 16.49
C ALA F 23 20.41 74.02 17.70
N ALA F 24 21.60 73.40 17.65
CA ALA F 24 22.07 72.57 18.73
C ALA F 24 23.43 73.05 19.18
N SER F 25 23.84 72.66 20.39
CA SER F 25 25.09 73.02 21.08
C SER F 25 26.39 72.75 20.34
N TYR F 32 25.36 62.51 16.26
CA TYR F 32 24.07 62.23 16.93
C TYR F 32 22.90 62.28 15.94
N ALA F 33 21.92 61.37 16.09
CA ALA F 33 20.67 61.37 15.39
C ALA F 33 19.67 62.36 16.00
N MET F 34 18.76 62.91 15.17
CA MET F 34 17.86 63.97 15.57
C MET F 34 16.45 63.55 15.27
N GLY F 35 15.49 64.05 16.07
CA GLY F 35 14.08 63.84 15.85
C GLY F 35 13.34 65.12 16.02
N TRP F 36 12.20 65.21 15.34
CA TRP F 36 11.21 66.24 15.51
C TRP F 36 9.99 65.50 16.04
N PHE F 37 9.39 66.04 17.10
CA PHE F 37 8.25 65.49 17.77
C PHE F 37 7.29 66.64 17.96
N ARG F 38 5.99 66.38 18.15
CA ARG F 38 5.04 67.44 18.37
C ARG F 38 4.13 67.07 19.51
N GLN F 39 3.49 68.06 20.16
CA GLN F 39 2.61 67.80 21.27
C GLN F 39 1.36 68.66 21.15
N ALA F 40 0.18 68.12 20.82
CA ALA F 40 -1.04 68.94 20.76
C ALA F 40 -1.49 69.35 22.17
N PRO F 41 -2.22 70.45 22.41
CA PRO F 41 -2.69 70.88 23.74
C PRO F 41 -3.37 69.82 24.60
N GLY F 42 -4.15 68.92 23.97
CA GLY F 42 -4.88 67.85 24.64
C GLY F 42 -4.19 66.51 24.63
N LYS F 43 -2.85 66.42 24.52
CA LYS F 43 -2.21 65.11 24.39
C LYS F 43 -0.73 65.08 24.80
N GLU F 44 -0.11 63.88 24.77
CA GLU F 44 1.32 63.69 25.00
C GLU F 44 2.14 63.82 23.71
N ARG F 45 3.37 63.26 23.64
CA ARG F 45 4.19 63.36 22.46
C ARG F 45 3.71 62.55 21.26
N GLU F 46 3.88 63.10 20.06
CA GLU F 46 3.61 62.43 18.80
C GLU F 46 4.89 62.52 17.98
N PHE F 47 5.38 61.38 17.45
CA PHE F 47 6.46 61.32 16.49
C PHE F 47 6.12 62.02 15.18
N VAL F 48 7.03 62.90 14.69
CA VAL F 48 6.87 63.55 13.40
C VAL F 48 7.89 62.99 12.44
N GLY F 49 9.19 63.20 12.72
CA GLY F 49 10.26 62.85 11.81
C GLY F 49 11.53 62.57 12.53
N ALA F 50 12.41 61.76 11.97
CA ALA F 50 13.70 61.51 12.54
C ALA F 50 14.72 61.36 11.45
N ILE F 51 15.99 61.54 11.79
CA ILE F 51 17.06 61.55 10.83
C ILE F 51 18.30 60.97 11.43
N LYS F 58 16.00 58.70 6.93
CA LYS F 58 15.00 59.61 7.43
C LYS F 58 13.74 58.79 7.55
N HIS F 59 12.84 59.14 8.47
CA HIS F 59 11.59 58.43 8.65
C HIS F 59 10.56 59.46 9.07
N TYR F 60 9.29 59.34 8.61
CA TYR F 60 8.22 60.29 8.93
C TYR F 60 6.99 59.49 9.34
N GLY F 61 6.17 60.00 10.27
CA GLY F 61 4.89 59.37 10.63
C GLY F 61 3.84 59.35 9.51
N ASP F 62 2.77 58.52 9.63
CA ASP F 62 1.73 58.43 8.61
C ASP F 62 0.98 59.76 8.38
N SER F 63 0.69 60.50 9.47
CA SER F 63 -0.12 61.72 9.44
C SER F 63 0.57 62.92 8.76
N VAL F 64 1.91 62.86 8.62
CA VAL F 64 2.75 63.91 8.06
C VAL F 64 3.56 63.50 6.83
N LYS F 65 3.59 62.20 6.42
CA LYS F 65 4.38 61.79 5.25
C LYS F 65 3.98 62.44 3.93
N GLY F 66 5.00 62.82 3.11
CA GLY F 66 4.81 63.49 1.83
C GLY F 66 4.65 64.97 1.95
N ARG F 67 3.99 65.43 3.03
CA ARG F 67 3.90 66.83 3.34
C ARG F 67 5.24 67.35 3.86
N PHE F 68 5.90 66.63 4.79
CA PHE F 68 6.96 67.19 5.61
C PHE F 68 8.29 66.53 5.30
N THR F 69 9.39 67.31 5.38
CA THR F 69 10.74 66.86 5.04
C THR F 69 11.70 67.28 6.12
N ILE F 70 12.52 66.33 6.63
CA ILE F 70 13.54 66.56 7.64
C ILE F 70 14.89 66.61 6.95
N SER F 71 15.80 67.45 7.45
CA SER F 71 17.11 67.63 6.87
C SER F 71 18.01 68.18 7.92
N ARG F 72 19.32 68.10 7.73
CA ARG F 72 20.23 68.59 8.74
C ARG F 72 21.43 69.10 8.02
N ASP F 73 22.06 70.11 8.62
CA ASP F 73 23.32 70.64 8.22
C ASP F 73 24.21 70.34 9.43
N ASN F 74 25.17 69.40 9.29
CA ASN F 74 26.10 69.05 10.36
C ASN F 74 27.20 70.09 10.54
N ALA F 75 27.43 70.95 9.53
CA ALA F 75 28.36 72.06 9.58
C ALA F 75 27.79 73.24 10.33
N LYS F 76 26.45 73.44 10.24
CA LYS F 76 25.75 74.51 10.94
C LYS F 76 25.25 74.07 12.31
N ASN F 77 25.29 72.75 12.54
CA ASN F 77 24.76 72.05 13.70
C ASN F 77 23.25 72.24 13.92
N THR F 78 22.48 72.09 12.82
CA THR F 78 21.07 72.46 12.77
C THR F 78 20.28 71.35 12.11
N VAL F 79 19.08 71.01 12.62
CA VAL F 79 18.14 70.11 11.99
C VAL F 79 16.93 70.94 11.58
N TYR F 80 16.40 70.75 10.36
CA TYR F 80 15.33 71.53 9.78
C TYR F 80 14.15 70.61 9.57
N LEU F 81 12.93 71.14 9.67
CA LEU F 81 11.72 70.41 9.32
C LEU F 81 10.92 71.31 8.40
N GLN F 82 10.86 70.98 7.11
CA GLN F 82 10.16 71.74 6.11
C GLN F 82 8.76 71.21 5.99
N MET F 83 7.78 71.94 6.53
CA MET F 83 6.41 71.57 6.48
C MET F 83 5.74 72.25 5.28
N SER F 84 4.91 71.52 4.52
CA SER F 84 4.15 72.08 3.41
C SER F 84 2.72 71.61 3.56
N SER F 85 1.79 72.23 2.82
CA SER F 85 0.37 71.86 2.70
C SER F 85 -0.30 71.58 4.02
N LEU F 86 -0.05 72.49 4.98
CA LEU F 86 -0.42 72.36 6.37
C LEU F 86 -1.90 72.24 6.63
N LYS F 87 -2.26 71.50 7.67
CA LYS F 87 -3.64 71.28 8.03
C LYS F 87 -3.87 71.85 9.42
N PRO F 88 -5.10 72.20 9.81
CA PRO F 88 -5.43 72.58 11.18
C PRO F 88 -5.02 71.56 12.25
N GLU F 89 -4.80 70.28 11.85
CA GLU F 89 -4.44 69.16 12.70
C GLU F 89 -2.92 69.08 12.92
N ASP F 90 -2.13 69.96 12.28
CA ASP F 90 -0.73 70.10 12.58
C ASP F 90 -0.51 70.99 13.81
N THR F 91 -1.53 71.78 14.21
CA THR F 91 -1.48 72.69 15.37
C THR F 91 -1.08 72.06 16.68
N ALA F 92 0.06 72.50 17.26
CA ALA F 92 0.60 71.85 18.42
C ALA F 92 1.45 72.77 19.31
N VAL F 93 1.35 72.51 20.64
CA VAL F 93 2.01 73.08 21.82
C VAL F 93 3.08 72.09 22.34
N TYR F 94 4.24 71.87 21.70
CA TYR F 94 4.84 72.65 20.65
C TYR F 94 5.54 71.63 19.76
N TYR F 95 6.05 72.04 18.58
CA TYR F 95 7.00 71.25 17.80
C TYR F 95 8.34 71.29 18.47
N CYS F 96 8.70 70.17 19.10
CA CYS F 96 9.88 70.01 19.89
C CYS F 96 10.90 69.24 19.11
N ALA F 97 12.15 69.62 19.27
CA ALA F 97 13.27 68.99 18.66
C ALA F 97 14.02 68.18 19.69
N ALA F 98 14.59 67.04 19.30
CA ALA F 98 15.20 66.15 20.23
C ALA F 98 16.46 65.50 19.68
N ALA F 99 17.45 65.26 20.57
CA ALA F 99 18.72 64.63 20.28
C ALA F 99 18.90 63.43 21.19
N GLY F 100 19.32 62.30 20.61
CA GLY F 100 19.49 61.03 21.31
C GLY F 100 20.85 60.53 20.98
N ASP F 113 17.32 61.88 24.78
CA ASP F 113 17.66 62.36 26.11
C ASP F 113 17.60 63.89 26.19
N TYR F 114 17.89 64.59 25.06
CA TYR F 114 17.99 66.04 25.07
C TYR F 114 16.82 66.55 24.28
N TRP F 115 16.04 67.47 24.86
CA TRP F 115 14.80 67.90 24.29
C TRP F 115 14.82 69.41 24.29
N GLY F 116 14.43 70.03 23.17
CA GLY F 116 14.14 71.45 23.12
C GLY F 116 12.89 71.82 23.90
N GLN F 117 12.68 73.14 24.04
CA GLN F 117 11.55 73.70 24.75
C GLN F 117 10.33 73.71 23.84
N GLY F 118 10.57 73.68 22.51
CA GLY F 118 9.52 73.60 21.51
C GLY F 118 9.14 74.94 20.93
N THR F 119 8.69 74.92 19.65
CA THR F 119 8.21 76.12 18.98
C THR F 119 6.76 75.97 18.54
N GLN F 120 5.92 76.96 18.89
CA GLN F 120 4.50 76.97 18.57
C GLN F 120 4.20 77.05 17.10
N VAL F 121 3.38 76.12 16.59
CA VAL F 121 2.89 76.16 15.23
C VAL F 121 1.41 76.05 15.34
N THR F 122 0.68 76.97 14.70
CA THR F 122 -0.77 76.99 14.78
C THR F 122 -1.29 77.19 13.39
N VAL F 123 -2.09 76.24 12.90
CA VAL F 123 -2.54 76.22 11.52
C VAL F 123 -4.04 76.39 11.52
N SER F 124 -4.57 77.20 10.60
CA SER F 124 -5.95 77.63 10.70
C SER F 124 -6.42 78.11 9.35
#